data_1SZR
#
_entry.id   1SZR
#
_cell.length_a   67.468
_cell.length_b   152.444
_cell.length_c   155.007
_cell.angle_alpha   90.00
_cell.angle_beta   90.00
_cell.angle_gamma   90.00
#
_symmetry.space_group_name_H-M   'P 21 21 21'
#
loop_
_entity.id
_entity.type
_entity.pdbx_description
1 polymer 'Ornithine decarboxylase'
2 non-polymer "PYRIDOXINE-5'-PHOSPHATE"
3 non-polymer N-GLYCINE-[3-HYDROXY-2-METHYL-5-PHOSPHONOOXYMETHYL-PYRIDIN-4-YL-METHANE]
4 non-polymer N~2~-({3-HYDROXY-2-METHYL-5-[(PHOSPHONOOXY)METHYL]PYRIDIN-4-YL}METHYL)-D-ORNITHINE
5 water water
#
_entity_poly.entity_id   1
_entity_poly.type   'polypeptide(L)'
_entity_poly.pdbx_seq_one_letter_code
;GAMDIVVNDDLSCRFLEGFNTRDALCKKISMNTCDEGDPFFVADLGDIVRKHETWKKCLPRVTPFYAVKCNDDWRVLGTL
AALGTGFDCASNTEIQRVRGIGVPPEKIIYANPCKQISHIRYARDSGVDVMTFDCVDELEKVAKTHPKAKMVLRISTDDS
LARCRLSVKFGAKVEDCRFILEQAKKLNIDVTGVSFHVGSGSTDASTFAQAISDSRFVFDMGTELGFNMHILDIGGGFPG
TRDAPLKFEEIAGVINNALEKHFPPDLKLTIVAEPGRYYVASAFTLAVNVIAKAVTPGVQTDVGAHAESNAQSFMYYVND
GVYGSFNCILYDHAVVRPLPQREPIPNEKLYPSSVWGPTCDGLDQIVERYYLPEMQVGEWLLFEDMGAYTVVGTSSFNGF
QSPTIYYVVSGLPDHVVRELKSQKS
;
_entity_poly.pdbx_strand_id   C,D,A,B
#
# COMPACT_ATOMS: atom_id res chain seq x y z
N GLY A 37 8.37 -8.67 30.46
CA GLY A 37 9.64 -9.37 30.11
C GLY A 37 9.55 -10.05 28.76
N ASP A 38 9.07 -9.28 27.78
CA ASP A 38 8.86 -9.76 26.42
C ASP A 38 10.19 -9.98 25.67
N PRO A 39 10.18 -10.81 24.63
CA PRO A 39 11.39 -11.07 23.85
C PRO A 39 11.73 -9.89 22.96
N PHE A 40 12.98 -9.79 22.54
CA PHE A 40 13.39 -8.70 21.64
C PHE A 40 14.66 -9.03 20.88
N PHE A 41 14.81 -8.39 19.73
CA PHE A 41 15.99 -8.52 18.88
C PHE A 41 16.91 -7.32 19.11
N VAL A 42 18.22 -7.56 19.05
CA VAL A 42 19.19 -6.48 18.96
C VAL A 42 19.90 -6.61 17.63
N ALA A 43 19.59 -5.70 16.71
CA ALA A 43 20.24 -5.64 15.39
C ALA A 43 21.33 -4.57 15.35
N ASP A 44 22.59 -5.03 15.26
CA ASP A 44 23.75 -4.17 15.04
C ASP A 44 23.92 -3.93 13.55
N LEU A 45 23.49 -2.75 13.11
CA LEU A 45 23.58 -2.36 11.71
C LEU A 45 25.03 -2.19 11.24
N GLY A 46 25.95 -1.93 12.18
CA GLY A 46 27.37 -1.88 11.85
C GLY A 46 27.94 -3.21 11.38
N ASP A 47 27.30 -4.31 11.77
CA ASP A 47 27.66 -5.63 11.27
C ASP A 47 27.35 -5.76 9.78
N ILE A 48 26.28 -5.10 9.33
CA ILE A 48 25.91 -5.09 7.91
C ILE A 48 26.96 -4.32 7.11
N VAL A 49 27.41 -3.19 7.65
CA VAL A 49 28.44 -2.37 6.99
C VAL A 49 29.73 -3.16 6.81
N ARG A 50 30.15 -3.91 7.83
CA ARG A 50 31.36 -4.73 7.75
C ARG A 50 31.23 -5.85 6.72
N LYS A 51 30.05 -6.45 6.64
CA LYS A 51 29.77 -7.51 5.67
C LYS A 51 29.97 -7.03 4.24
N HIS A 52 29.48 -5.82 3.96
CA HIS A 52 29.62 -5.20 2.65
C HIS A 52 31.05 -4.82 2.31
N GLU A 53 31.83 -4.36 3.29
CA GLU A 53 33.23 -4.05 3.09
C GLU A 53 33.98 -5.30 2.69
N THR A 54 33.61 -6.42 3.30
CA THR A 54 34.25 -7.71 3.00
C THR A 54 33.81 -8.24 1.63
N TRP A 55 32.62 -7.83 1.19
CA TRP A 55 32.10 -8.25 -0.12
C TRP A 55 32.87 -7.57 -1.23
N LYS A 56 33.06 -6.26 -1.11
CA LYS A 56 33.83 -5.47 -2.08
C LYS A 56 35.27 -5.96 -2.20
N LYS A 57 35.86 -6.34 -1.06
CA LYS A 57 37.23 -6.87 -1.04
C LYS A 57 37.31 -8.23 -1.73
N CYS A 58 36.40 -9.14 -1.39
CA CYS A 58 36.46 -10.52 -1.88
C CYS A 58 35.89 -10.69 -3.28
N LEU A 59 34.92 -9.86 -3.63
CA LEU A 59 34.20 -9.99 -4.91
C LEU A 59 34.02 -8.62 -5.57
N PRO A 60 35.12 -7.97 -5.94
CA PRO A 60 35.05 -6.62 -6.51
C PRO A 60 34.31 -6.51 -7.84
N ARG A 61 34.26 -7.59 -8.62
CA ARG A 61 33.56 -7.58 -9.91
C ARG A 61 32.05 -7.76 -9.78
N VAL A 62 31.56 -8.15 -8.60
CA VAL A 62 30.16 -8.53 -8.42
C VAL A 62 29.34 -7.49 -7.64
N THR A 63 28.33 -6.92 -8.28
CA THR A 63 27.41 -5.99 -7.64
C THR A 63 26.32 -6.78 -6.90
N PRO A 64 26.21 -6.60 -5.58
CA PRO A 64 25.20 -7.31 -4.78
C PRO A 64 23.82 -6.70 -4.89
N PHE A 65 22.83 -7.55 -5.17
CA PHE A 65 21.41 -7.18 -5.14
C PHE A 65 20.82 -7.98 -4.00
N TYR A 66 20.50 -7.31 -2.90
CA TYR A 66 20.13 -7.96 -1.66
C TYR A 66 18.76 -8.59 -1.74
N ALA A 67 18.68 -9.87 -1.36
CA ALA A 67 17.44 -10.62 -1.39
C ALA A 67 16.61 -10.20 -0.20
N VAL A 68 15.57 -9.40 -0.45
CA VAL A 68 14.87 -8.74 0.66
C VAL A 68 14.02 -9.74 1.44
N LYS A 69 13.62 -10.83 0.78
CA LYS A 69 12.89 -11.92 1.42
C LYS A 69 13.57 -12.41 2.69
N CYS A 70 14.89 -12.29 2.74
CA CYS A 70 15.67 -12.74 3.89
C CYS A 70 15.35 -11.95 5.15
N ASN A 71 15.37 -10.63 5.03
CA ASN A 71 15.09 -9.74 6.14
C ASN A 71 14.64 -8.41 5.53
N ASP A 72 13.36 -8.10 5.68
CA ASP A 72 12.78 -6.92 5.06
C ASP A 72 12.60 -5.74 6.03
N ASP A 73 13.37 -5.74 7.12
CA ASP A 73 13.34 -4.66 8.11
C ASP A 73 13.82 -3.35 7.47
N TRP A 74 13.22 -2.22 7.84
CA TRP A 74 13.54 -0.91 7.22
C TRP A 74 14.95 -0.43 7.43
N ARG A 75 15.42 -0.53 8.65
CA ARG A 75 16.78 -0.11 8.96
C ARG A 75 17.82 -1.01 8.29
N VAL A 76 17.46 -2.26 8.02
CA VAL A 76 18.30 -3.16 7.26
C VAL A 76 18.36 -2.69 5.80
N LEU A 77 17.19 -2.44 5.24
CA LEU A 77 17.06 -2.07 3.83
C LEU A 77 17.56 -0.66 3.55
N GLY A 78 17.56 0.19 4.57
CA GLY A 78 18.04 1.56 4.41
C GLY A 78 19.55 1.56 4.46
N THR A 79 20.10 0.75 5.37
CA THR A 79 21.55 0.64 5.52
C THR A 79 22.17 0.11 4.25
N LEU A 80 21.54 -0.91 3.67
CA LEU A 80 22.01 -1.53 2.44
C LEU A 80 21.88 -0.57 1.27
N ALA A 81 20.74 0.09 1.17
CA ALA A 81 20.54 1.08 0.12
C ALA A 81 21.63 2.15 0.18
N ALA A 82 22.00 2.57 1.39
CA ALA A 82 22.96 3.66 1.59
C ALA A 82 24.36 3.20 1.27
N LEU A 83 24.64 1.95 1.59
CA LEU A 83 25.90 1.31 1.20
C LEU A 83 26.02 1.13 -0.31
N GLY A 84 24.91 1.25 -1.02
CA GLY A 84 24.89 1.25 -2.47
C GLY A 84 24.48 -0.05 -3.17
N THR A 85 23.84 -0.97 -2.45
CA THR A 85 23.44 -2.26 -3.02
C THR A 85 22.18 -2.15 -3.87
N GLY A 86 22.04 -3.07 -4.82
CA GLY A 86 20.76 -3.33 -5.45
C GLY A 86 19.87 -4.21 -4.57
N PHE A 87 18.73 -4.59 -5.13
CA PHE A 87 17.72 -5.33 -4.39
C PHE A 87 17.01 -6.36 -5.25
N ASP A 88 16.94 -7.58 -4.74
CA ASP A 88 16.27 -8.69 -5.42
C ASP A 88 14.90 -8.86 -4.79
N CYS A 89 13.87 -8.50 -5.55
CA CYS A 89 12.49 -8.61 -5.10
C CYS A 89 11.79 -9.78 -5.78
N ALA A 90 10.86 -10.41 -5.08
CA ALA A 90 10.19 -11.63 -5.57
C ALA A 90 8.68 -11.46 -5.71
N SER A 91 8.18 -10.28 -5.37
CA SER A 91 6.76 -9.99 -5.41
C SER A 91 6.47 -8.50 -5.54
N ASN A 92 5.24 -8.17 -5.89
CA ASN A 92 4.80 -6.77 -5.96
C ASN A 92 4.98 -6.00 -4.65
N THR A 93 4.91 -6.71 -3.52
CA THR A 93 4.99 -6.11 -2.20
C THR A 93 6.41 -5.74 -1.84
N GLU A 94 7.38 -6.56 -2.26
CA GLU A 94 8.79 -6.27 -2.01
C GLU A 94 9.32 -5.16 -2.92
N ILE A 95 8.80 -5.08 -4.13
CA ILE A 95 9.15 -4.00 -5.07
C ILE A 95 8.66 -2.66 -4.52
N GLN A 96 7.42 -2.66 -4.04
CA GLN A 96 6.78 -1.50 -3.39
C GLN A 96 7.54 -1.03 -2.16
N ARG A 97 8.12 -1.98 -1.43
CA ARG A 97 8.81 -1.67 -0.17
C ARG A 97 10.14 -0.96 -0.43
N VAL A 98 10.89 -1.42 -1.42
CA VAL A 98 12.19 -0.82 -1.75
C VAL A 98 12.04 0.47 -2.58
N ARG A 99 11.06 0.51 -3.47
CA ARG A 99 10.76 1.72 -4.25
C ARG A 99 10.25 2.85 -3.35
N GLY A 100 9.61 2.47 -2.25
CA GLY A 100 9.07 3.44 -1.30
C GLY A 100 10.16 4.18 -0.56
N ILE A 101 11.29 3.50 -0.34
CA ILE A 101 12.43 4.12 0.35
C ILE A 101 13.43 4.80 -0.60
N GLY A 102 12.98 5.11 -1.82
CA GLY A 102 13.75 5.91 -2.75
C GLY A 102 14.72 5.19 -3.66
N VAL A 103 14.75 3.86 -3.58
CA VAL A 103 15.62 3.05 -4.45
C VAL A 103 15.05 3.11 -5.85
N PRO A 104 15.88 3.44 -6.85
CA PRO A 104 15.39 3.49 -8.23
C PRO A 104 15.20 2.10 -8.86
N PRO A 105 14.34 2.00 -9.88
CA PRO A 105 13.99 0.71 -10.50
C PRO A 105 15.16 -0.05 -11.14
N GLU A 106 16.22 0.66 -11.50
CA GLU A 106 17.38 0.05 -12.15
C GLU A 106 18.28 -0.68 -11.15
N LYS A 107 18.06 -0.40 -9.87
CA LYS A 107 18.71 -1.12 -8.78
C LYS A 107 17.83 -2.26 -8.24
N ILE A 108 16.77 -2.60 -8.98
CA ILE A 108 15.89 -3.71 -8.64
C ILE A 108 15.88 -4.75 -9.74
N ILE A 109 15.99 -6.00 -9.33
CA ILE A 109 15.80 -7.17 -10.18
C ILE A 109 14.62 -7.95 -9.61
N TYR A 110 13.67 -8.28 -10.46
CA TYR A 110 12.52 -9.07 -10.10
C TYR A 110 12.86 -10.56 -10.35
N ALA A 111 13.56 -11.17 -9.41
CA ALA A 111 14.10 -12.53 -9.60
C ALA A 111 13.19 -13.66 -9.12
N ASN A 112 11.92 -13.61 -9.52
CA ASN A 112 10.98 -14.71 -9.31
C ASN A 112 10.67 -15.30 -10.69
N PRO A 113 11.03 -16.56 -10.95
CA PRO A 113 10.88 -17.13 -12.29
C PRO A 113 9.43 -17.43 -12.69
N CYS A 114 8.55 -17.57 -11.70
CA CYS A 114 7.14 -17.85 -11.93
C CYS A 114 6.27 -16.77 -11.27
N LYS A 115 5.83 -15.81 -12.06
CA LYS A 115 5.19 -14.60 -11.57
C LYS A 115 3.74 -14.53 -12.01
N GLN A 116 2.86 -14.23 -11.06
CA GLN A 116 1.47 -13.92 -11.35
C GLN A 116 1.43 -12.77 -12.36
N ILE A 117 0.49 -12.84 -13.30
CA ILE A 117 0.36 -11.87 -14.38
C ILE A 117 0.14 -10.44 -13.86
N SER A 118 -0.68 -10.29 -12.83
CA SER A 118 -0.92 -8.97 -12.23
C SER A 118 0.37 -8.42 -11.65
N HIS A 119 1.13 -9.28 -10.96
CA HIS A 119 2.44 -8.90 -10.38
C HIS A 119 3.47 -8.44 -11.43
N ILE A 120 3.38 -8.95 -12.66
CA ILE A 120 4.29 -8.54 -13.74
C ILE A 120 3.90 -7.17 -14.29
N ARG A 121 2.60 -6.94 -14.35
CA ARG A 121 2.04 -5.66 -14.78
C ARG A 121 2.45 -4.56 -13.81
N TYR A 122 2.45 -4.88 -12.51
CA TYR A 122 2.81 -3.91 -11.47
C TYR A 122 4.29 -3.52 -11.53
N ALA A 123 5.13 -4.50 -11.78
CA ALA A 123 6.57 -4.28 -11.91
C ALA A 123 6.89 -3.41 -13.12
N ARG A 124 6.16 -3.63 -14.20
CA ARG A 124 6.34 -2.85 -15.43
C ARG A 124 6.02 -1.37 -15.23
N ASP A 125 5.05 -1.07 -14.37
CA ASP A 125 4.63 0.32 -14.11
C ASP A 125 5.49 0.99 -13.06
N SER A 126 6.32 0.20 -12.39
CA SER A 126 7.30 0.74 -11.44
C SER A 126 8.64 0.98 -12.12
N GLY A 127 8.73 0.66 -13.41
CA GLY A 127 9.97 0.78 -14.15
C GLY A 127 10.96 -0.36 -13.95
N VAL A 128 10.54 -1.44 -13.28
CA VAL A 128 11.39 -2.62 -13.08
C VAL A 128 11.32 -3.48 -14.34
N ASP A 129 12.42 -3.52 -15.10
CA ASP A 129 12.46 -4.25 -16.37
C ASP A 129 13.16 -5.61 -16.31
N VAL A 130 14.11 -5.78 -15.39
CA VAL A 130 14.89 -7.02 -15.29
C VAL A 130 14.13 -8.07 -14.50
N MET A 131 13.81 -9.20 -15.13
CA MET A 131 13.09 -10.31 -14.50
C MET A 131 13.67 -11.67 -14.92
N THR A 132 13.60 -12.66 -14.05
CA THR A 132 14.03 -14.00 -14.41
C THR A 132 12.88 -14.86 -14.94
N PHE A 133 13.26 -15.96 -15.59
CA PHE A 133 12.35 -16.98 -16.06
C PHE A 133 13.14 -18.30 -16.21
N ASP A 134 12.46 -19.43 -16.20
CA ASP A 134 13.12 -20.72 -16.42
C ASP A 134 12.38 -21.66 -17.38
N CYS A 135 11.43 -21.10 -18.14
CA CYS A 135 10.62 -21.88 -19.08
C CYS A 135 9.85 -20.98 -20.09
N VAL A 136 9.36 -21.62 -21.15
CA VAL A 136 8.76 -20.90 -22.27
C VAL A 136 7.40 -20.33 -21.91
N ASP A 137 6.65 -21.05 -21.07
CA ASP A 137 5.33 -20.58 -20.62
C ASP A 137 5.43 -19.24 -19.91
N GLU A 138 6.53 -19.01 -19.19
CA GLU A 138 6.76 -17.73 -18.54
C GLU A 138 6.99 -16.60 -19.54
N LEU A 139 7.63 -16.92 -20.66
CA LEU A 139 7.83 -15.95 -21.74
C LEU A 139 6.55 -15.63 -22.51
N GLU A 140 5.57 -16.51 -22.48
CA GLU A 140 4.28 -16.25 -23.12
C GLU A 140 3.52 -15.22 -22.33
N LYS A 141 3.59 -15.31 -21.00
CA LYS A 141 3.00 -14.31 -20.10
C LYS A 141 3.66 -12.94 -20.31
N VAL A 142 4.99 -12.94 -20.40
CA VAL A 142 5.79 -11.71 -20.46
C VAL A 142 5.64 -11.03 -21.82
N ALA A 143 5.43 -11.80 -22.87
CA ALA A 143 5.21 -11.24 -24.19
C ALA A 143 3.83 -10.57 -24.28
N LYS A 144 2.89 -11.04 -23.47
CA LYS A 144 1.56 -10.43 -23.37
C LYS A 144 1.50 -9.24 -22.41
N THR A 145 2.38 -9.21 -21.41
CA THR A 145 2.24 -8.30 -20.27
C THR A 145 3.34 -7.25 -20.13
N HIS A 146 4.56 -7.60 -20.55
CA HIS A 146 5.71 -6.71 -20.43
C HIS A 146 6.76 -7.04 -21.50
N PRO A 147 6.43 -6.74 -22.75
CA PRO A 147 7.24 -7.18 -23.88
C PRO A 147 8.66 -6.63 -23.92
N LYS A 148 8.89 -5.45 -23.32
CA LYS A 148 10.22 -4.82 -23.32
C LYS A 148 11.11 -5.21 -22.12
N ALA A 149 10.69 -6.21 -21.36
CA ALA A 149 11.46 -6.67 -20.21
C ALA A 149 12.84 -7.19 -20.63
N LYS A 150 13.84 -6.98 -19.80
CA LYS A 150 15.13 -7.61 -19.98
C LYS A 150 15.14 -8.92 -19.19
N MET A 151 15.12 -10.04 -19.91
CA MET A 151 14.86 -11.33 -19.28
C MET A 151 16.14 -12.12 -19.01
N VAL A 152 16.24 -12.70 -17.83
CA VAL A 152 17.40 -13.46 -17.40
C VAL A 152 17.02 -14.93 -17.18
N LEU A 153 17.51 -15.79 -18.07
CA LEU A 153 17.26 -17.22 -17.97
C LEU A 153 17.95 -17.81 -16.76
N ARG A 154 17.15 -18.32 -15.83
CA ARG A 154 17.68 -19.01 -14.67
C ARG A 154 17.87 -20.50 -14.98
N ILE A 155 19.07 -21.00 -14.76
CA ILE A 155 19.41 -22.40 -15.03
C ILE A 155 19.57 -23.18 -13.74
N SER A 156 19.45 -24.49 -13.85
CA SER A 156 19.44 -25.36 -12.69
C SER A 156 20.86 -25.74 -12.30
N THR A 157 21.09 -25.84 -11.00
CA THR A 157 22.40 -26.19 -10.45
C THR A 157 22.46 -27.67 -10.08
N VAL A 168 14.88 -28.44 -7.94
CA VAL A 168 13.94 -28.89 -8.95
C VAL A 168 12.70 -27.97 -9.07
N LYS A 169 12.48 -27.09 -8.11
CA LYS A 169 11.43 -26.06 -8.25
C LYS A 169 11.79 -25.10 -9.38
N PHE A 170 13.04 -24.60 -9.33
CA PHE A 170 13.51 -23.64 -10.32
C PHE A 170 14.78 -24.09 -11.02
N GLY A 171 15.00 -23.53 -12.19
CA GLY A 171 16.17 -23.81 -13.00
C GLY A 171 15.81 -24.60 -14.24
N ALA A 172 16.05 -24.01 -15.40
CA ALA A 172 16.01 -24.73 -16.66
C ALA A 172 17.26 -25.60 -16.78
N LYS A 173 17.06 -26.89 -17.04
CA LYS A 173 18.17 -27.78 -17.33
C LYS A 173 18.92 -27.25 -18.53
N VAL A 174 20.26 -27.34 -18.50
CA VAL A 174 21.09 -26.86 -19.62
C VAL A 174 20.65 -27.45 -20.95
N GLU A 175 20.26 -28.72 -20.94
CA GLU A 175 19.85 -29.44 -22.16
C GLU A 175 18.50 -28.97 -22.73
N ASP A 176 17.70 -28.25 -21.94
CA ASP A 176 16.48 -27.60 -22.43
C ASP A 176 16.68 -26.14 -22.86
N CYS A 177 17.87 -25.59 -22.60
CA CYS A 177 18.10 -24.14 -22.77
C CYS A 177 18.11 -23.66 -24.22
N ARG A 178 18.65 -24.46 -25.13
CA ARG A 178 18.66 -24.10 -26.55
C ARG A 178 17.24 -23.91 -27.06
N PHE A 179 16.39 -24.89 -26.81
CA PHE A 179 14.99 -24.83 -27.21
C PHE A 179 14.24 -23.66 -26.59
N ILE A 180 14.57 -23.34 -25.33
CA ILE A 180 13.93 -22.24 -24.61
C ILE A 180 14.28 -20.90 -25.26
N LEU A 181 15.55 -20.74 -25.63
CA LEU A 181 16.04 -19.51 -26.26
C LEU A 181 15.54 -19.39 -27.69
N GLU A 182 15.39 -20.51 -28.39
CA GLU A 182 14.85 -20.48 -29.75
C GLU A 182 13.43 -19.93 -29.72
N GLN A 183 12.63 -20.42 -28.78
CA GLN A 183 11.24 -20.02 -28.60
C GLN A 183 11.15 -18.55 -28.14
N ALA A 184 12.14 -18.13 -27.36
CA ALA A 184 12.22 -16.73 -26.92
C ALA A 184 12.38 -15.82 -28.13
N LYS A 185 13.23 -16.21 -29.07
CA LYS A 185 13.40 -15.47 -30.32
C LYS A 185 12.08 -15.35 -31.06
N LYS A 186 11.30 -16.42 -31.10
CA LYS A 186 9.98 -16.41 -31.75
C LYS A 186 8.99 -15.48 -31.06
N LEU A 187 9.15 -15.31 -29.74
CA LEU A 187 8.33 -14.41 -28.94
C LEU A 187 8.92 -12.99 -28.83
N ASN A 188 10.06 -12.76 -29.49
CA ASN A 188 10.72 -11.45 -29.53
C ASN A 188 11.13 -10.93 -28.15
N ILE A 189 11.56 -11.86 -27.30
CA ILE A 189 11.99 -11.54 -25.95
C ILE A 189 13.42 -11.04 -25.98
N ASP A 190 13.67 -9.97 -25.25
CA ASP A 190 15.03 -9.45 -25.06
C ASP A 190 15.68 -10.23 -23.92
N VAL A 191 16.27 -11.37 -24.24
CA VAL A 191 17.01 -12.15 -23.26
C VAL A 191 18.38 -11.52 -23.11
N THR A 192 18.72 -11.12 -21.89
CA THR A 192 19.94 -10.33 -21.68
C THR A 192 20.93 -10.98 -20.73
N GLY A 193 20.68 -12.21 -20.31
CA GLY A 193 21.60 -12.86 -19.39
C GLY A 193 21.19 -14.22 -18.85
N VAL A 194 22.00 -14.69 -17.91
CA VAL A 194 21.83 -15.98 -17.27
C VAL A 194 21.97 -15.82 -15.75
N SER A 195 21.10 -16.48 -14.99
CA SER A 195 21.25 -16.59 -13.55
C SER A 195 21.21 -18.03 -13.05
N PHE A 196 21.74 -18.24 -11.86
CA PHE A 196 21.62 -19.52 -11.17
C PHE A 196 21.58 -19.28 -9.67
N HIS A 197 21.15 -20.29 -8.92
CA HIS A 197 21.16 -20.23 -7.47
C HIS A 197 21.65 -21.55 -6.87
N VAL A 198 22.82 -21.52 -6.25
CA VAL A 198 23.46 -22.69 -5.68
C VAL A 198 22.75 -23.14 -4.40
N GLY A 199 22.35 -22.18 -3.58
CA GLY A 199 21.67 -22.47 -2.32
C GLY A 199 22.64 -22.45 -1.15
N SER A 200 22.08 -22.55 0.05
CA SER A 200 22.86 -22.40 1.27
C SER A 200 23.52 -23.71 1.71
N GLY A 201 23.03 -24.83 1.17
CA GLY A 201 23.52 -26.14 1.56
C GLY A 201 24.73 -26.63 0.79
N SER A 202 25.66 -25.72 0.50
CA SER A 202 26.87 -26.06 -0.24
C SER A 202 27.95 -26.52 0.74
N THR A 203 28.36 -27.77 0.61
CA THR A 203 29.52 -28.27 1.37
C THR A 203 30.78 -27.98 0.56
N ASP A 204 30.69 -28.21 -0.76
CA ASP A 204 31.80 -27.97 -1.68
C ASP A 204 31.52 -26.71 -2.49
N ALA A 205 32.50 -25.82 -2.54
CA ALA A 205 32.39 -24.58 -3.32
C ALA A 205 32.46 -24.84 -4.82
N SER A 206 32.78 -26.07 -5.21
CA SER A 206 32.83 -26.47 -6.62
C SER A 206 31.47 -26.33 -7.33
N THR A 207 30.38 -26.25 -6.57
CA THR A 207 29.06 -26.05 -7.17
C THR A 207 28.98 -24.70 -7.88
N PHE A 208 29.57 -23.66 -7.28
CA PHE A 208 29.65 -22.34 -7.91
C PHE A 208 30.43 -22.39 -9.22
N ALA A 209 31.55 -23.11 -9.24
CA ALA A 209 32.41 -23.18 -10.42
C ALA A 209 31.71 -23.83 -11.61
N GLN A 210 31.04 -24.95 -11.37
CA GLN A 210 30.32 -25.65 -12.43
C GLN A 210 29.12 -24.85 -12.93
N ALA A 211 28.45 -24.15 -12.01
CA ALA A 211 27.33 -23.29 -12.35
C ALA A 211 27.75 -22.18 -13.29
N ILE A 212 28.93 -21.60 -13.03
CA ILE A 212 29.46 -20.49 -13.84
C ILE A 212 29.92 -20.99 -15.21
N SER A 213 30.45 -22.22 -15.24
CA SER A 213 30.84 -22.86 -16.49
C SER A 213 29.61 -23.17 -17.35
N ASP A 214 28.57 -23.69 -16.71
CA ASP A 214 27.29 -23.94 -17.38
C ASP A 214 26.65 -22.65 -17.88
N SER A 215 26.85 -21.55 -17.14
CA SER A 215 26.28 -20.27 -17.52
C SER A 215 26.95 -19.74 -18.78
N ARG A 216 28.25 -19.98 -18.92
CA ARG A 216 28.99 -19.56 -20.11
C ARG A 216 28.48 -20.30 -21.35
N PHE A 217 28.18 -21.58 -21.20
CA PHE A 217 27.63 -22.38 -22.29
C PHE A 217 26.28 -21.82 -22.76
N VAL A 218 25.46 -21.35 -21.81
CA VAL A 218 24.15 -20.77 -22.13
C VAL A 218 24.31 -19.33 -22.64
N PHE A 219 25.33 -18.64 -22.15
CA PHE A 219 25.69 -17.29 -22.63
C PHE A 219 26.00 -17.30 -24.12
N ASP A 220 26.84 -18.25 -24.52
CA ASP A 220 27.29 -18.41 -25.91
C ASP A 220 26.16 -18.83 -26.82
N MET A 221 25.23 -19.62 -26.30
CA MET A 221 24.05 -20.00 -27.06
C MET A 221 23.23 -18.77 -27.36
N GLY A 222 23.01 -17.95 -26.33
CA GLY A 222 22.24 -16.72 -26.47
C GLY A 222 22.83 -15.78 -27.50
N THR A 223 24.16 -15.66 -27.52
CA THR A 223 24.84 -14.78 -28.46
C THR A 223 24.76 -15.32 -29.88
N GLU A 224 24.84 -16.64 -30.02
CA GLU A 224 24.72 -17.29 -31.32
C GLU A 224 23.35 -17.04 -31.97
N LEU A 225 22.30 -16.90 -31.15
CA LEU A 225 20.95 -16.65 -31.65
C LEU A 225 20.60 -15.16 -31.76
N GLY A 226 21.59 -14.28 -31.57
CA GLY A 226 21.40 -12.85 -31.79
C GLY A 226 20.92 -12.06 -30.58
N PHE A 227 20.98 -12.66 -29.38
CA PHE A 227 20.59 -11.97 -28.14
C PHE A 227 21.71 -11.08 -27.59
N ASN A 228 21.33 -10.01 -26.90
CA ASN A 228 22.24 -9.08 -26.24
C ASN A 228 22.55 -9.60 -24.83
N MET A 229 23.40 -10.62 -24.74
CA MET A 229 23.78 -11.25 -23.48
C MET A 229 24.87 -10.47 -22.74
N HIS A 230 24.51 -9.82 -21.63
CA HIS A 230 25.46 -8.99 -20.90
C HIS A 230 25.33 -9.01 -19.35
N ILE A 231 24.50 -9.89 -18.80
CA ILE A 231 24.34 -10.01 -17.35
C ILE A 231 24.52 -11.46 -16.89
N LEU A 232 25.42 -11.66 -15.93
CA LEU A 232 25.54 -12.91 -15.20
C LEU A 232 25.17 -12.67 -13.75
N ASP A 233 24.19 -13.44 -13.26
CA ASP A 233 23.67 -13.31 -11.90
C ASP A 233 23.97 -14.63 -11.16
N ILE A 234 24.89 -14.59 -10.21
CA ILE A 234 25.39 -15.80 -9.53
C ILE A 234 24.61 -16.21 -8.27
N GLY A 235 23.52 -15.51 -7.97
CA GLY A 235 22.58 -15.94 -6.96
C GLY A 235 23.03 -15.70 -5.54
N GLY A 236 22.55 -16.53 -4.63
CA GLY A 236 22.85 -16.41 -3.22
C GLY A 236 23.47 -17.68 -2.66
N GLY A 237 23.33 -17.87 -1.34
CA GLY A 237 23.83 -19.04 -0.65
C GLY A 237 25.14 -18.82 0.09
N PHE A 238 25.61 -17.57 0.11
CA PHE A 238 26.85 -17.23 0.79
C PHE A 238 26.60 -17.19 2.29
N PRO A 239 27.49 -17.75 3.09
CA PRO A 239 27.28 -17.83 4.54
C PRO A 239 27.29 -16.46 5.19
N GLY A 240 26.51 -16.27 6.25
CA GLY A 240 26.49 -15.01 6.97
C GLY A 240 26.93 -15.12 8.42
N THR A 241 27.54 -16.26 8.77
CA THR A 241 27.89 -16.56 10.17
C THR A 241 29.35 -17.01 10.30
N ARG A 242 29.91 -16.80 11.48
CA ARG A 242 31.29 -17.14 11.78
C ARG A 242 31.48 -18.64 11.97
N ASP A 243 30.42 -19.31 12.43
CA ASP A 243 30.42 -20.77 12.57
C ASP A 243 29.84 -21.43 11.32
N ALA A 244 30.40 -21.11 10.17
CA ALA A 244 30.10 -21.83 8.93
C ALA A 244 31.31 -22.66 8.54
N PRO A 245 31.09 -23.89 8.05
CA PRO A 245 32.20 -24.75 7.64
C PRO A 245 32.88 -24.26 6.36
N LEU A 246 32.09 -24.04 5.31
CA LEU A 246 32.57 -23.43 4.09
C LEU A 246 32.56 -21.90 4.26
N LYS A 247 33.74 -21.31 4.45
CA LYS A 247 33.85 -19.86 4.64
C LYS A 247 33.51 -19.07 3.38
N PHE A 248 33.14 -17.81 3.58
CA PHE A 248 32.90 -16.90 2.47
C PHE A 248 34.17 -16.68 1.64
N GLU A 249 35.31 -16.63 2.31
CA GLU A 249 36.57 -16.23 1.67
C GLU A 249 37.01 -17.24 0.61
N GLU A 250 36.86 -18.53 0.89
CA GLU A 250 37.22 -19.56 -0.09
C GLU A 250 36.16 -19.72 -1.18
N ILE A 251 34.89 -19.53 -0.84
CA ILE A 251 33.83 -19.51 -1.85
C ILE A 251 34.12 -18.41 -2.89
N ALA A 252 34.59 -17.27 -2.43
CA ALA A 252 34.87 -16.13 -3.30
C ALA A 252 36.07 -16.42 -4.20
N GLY A 253 37.08 -17.07 -3.64
CA GLY A 253 38.26 -17.47 -4.40
C GLY A 253 37.89 -18.40 -5.53
N VAL A 254 37.02 -19.36 -5.26
CA VAL A 254 36.56 -20.29 -6.29
C VAL A 254 35.71 -19.57 -7.34
N ILE A 255 34.91 -18.61 -6.91
CA ILE A 255 34.08 -17.85 -7.85
C ILE A 255 34.95 -16.99 -8.75
N ASN A 256 35.98 -16.35 -8.18
CA ASN A 256 36.81 -15.43 -8.94
C ASN A 256 37.69 -16.12 -9.97
N ASN A 257 38.19 -17.31 -9.63
CA ASN A 257 38.95 -18.10 -10.57
C ASN A 257 38.09 -18.59 -11.73
N ALA A 258 36.86 -18.99 -11.41
CA ALA A 258 35.90 -19.39 -12.44
C ALA A 258 35.47 -18.21 -13.30
N LEU A 259 35.40 -17.02 -12.69
CA LEU A 259 35.02 -15.80 -13.40
C LEU A 259 36.10 -15.38 -14.38
N GLU A 260 37.36 -15.43 -13.96
CA GLU A 260 38.50 -15.05 -14.81
C GLU A 260 38.63 -16.01 -16.00
N LYS A 261 38.29 -17.28 -15.76
CA LYS A 261 38.34 -18.31 -16.80
C LYS A 261 37.22 -18.13 -17.83
N HIS A 262 35.97 -18.07 -17.35
CA HIS A 262 34.79 -18.17 -18.21
C HIS A 262 34.17 -16.84 -18.56
N PHE A 263 34.42 -15.83 -17.75
CA PHE A 263 33.82 -14.51 -17.95
C PHE A 263 34.88 -13.46 -17.72
N PRO A 264 35.88 -13.40 -18.61
CA PRO A 264 37.02 -12.50 -18.40
C PRO A 264 36.55 -11.05 -18.47
N PRO A 265 37.20 -10.17 -17.72
CA PRO A 265 36.75 -8.77 -17.61
C PRO A 265 36.47 -8.14 -18.96
N ASP A 266 35.45 -7.31 -18.98
CA ASP A 266 34.93 -6.71 -20.20
C ASP A 266 33.95 -5.63 -19.75
N LEU A 267 34.01 -4.46 -20.38
CA LEU A 267 33.13 -3.33 -20.02
C LEU A 267 31.65 -3.56 -20.36
N LYS A 268 31.37 -4.53 -21.22
CA LYS A 268 29.99 -4.86 -21.60
C LYS A 268 29.31 -5.76 -20.57
N LEU A 269 30.10 -6.59 -19.91
CA LEU A 269 29.57 -7.55 -18.94
C LEU A 269 29.34 -6.93 -17.57
N THR A 270 28.19 -7.22 -16.98
CA THR A 270 27.87 -6.86 -15.61
C THR A 270 27.65 -8.14 -14.81
N ILE A 271 28.44 -8.34 -13.76
CA ILE A 271 28.29 -9.49 -12.88
C ILE A 271 27.59 -9.06 -11.60
N VAL A 272 26.58 -9.83 -11.24
CA VAL A 272 25.59 -9.47 -10.24
C VAL A 272 25.39 -10.70 -9.34
N ALA A 273 24.91 -10.49 -8.12
CA ALA A 273 24.58 -11.58 -7.22
C ALA A 273 23.32 -11.23 -6.41
N GLU A 274 22.82 -12.19 -5.65
CA GLU A 274 21.57 -12.07 -4.92
C GLU A 274 21.73 -12.55 -3.47
N PRO A 275 22.69 -12.01 -2.72
CA PRO A 275 22.92 -12.48 -1.34
C PRO A 275 21.81 -12.04 -0.38
N GLY A 276 21.40 -12.96 0.49
CA GLY A 276 20.42 -12.68 1.53
C GLY A 276 21.09 -12.82 2.88
N ARG A 277 21.29 -14.05 3.32
CA ARG A 277 21.79 -14.32 4.66
C ARG A 277 23.20 -13.76 4.91
N TYR A 278 23.99 -13.62 3.85
CA TYR A 278 25.33 -13.07 3.98
C TYR A 278 25.34 -11.75 4.72
N TYR A 279 24.38 -10.89 4.42
CA TYR A 279 24.35 -9.52 4.94
C TYR A 279 23.78 -9.35 6.35
N VAL A 280 22.80 -10.18 6.72
CA VAL A 280 22.00 -9.92 7.93
C VAL A 280 22.05 -11.00 9.01
N ALA A 281 22.62 -12.15 8.73
CA ALA A 281 22.51 -13.30 9.63
C ALA A 281 23.13 -13.06 11.02
N SER A 282 24.39 -12.63 11.05
CA SER A 282 25.09 -12.40 12.31
C SER A 282 24.76 -11.04 12.92
N ALA A 283 23.94 -10.23 12.23
CA ALA A 283 23.58 -8.89 12.69
C ALA A 283 22.57 -8.90 13.83
N PHE A 284 21.62 -9.82 13.78
CA PHE A 284 20.55 -9.90 14.78
C PHE A 284 20.91 -10.91 15.87
N THR A 285 20.58 -10.56 17.10
CA THR A 285 20.72 -11.44 18.25
C THR A 285 19.34 -11.45 18.92
N LEU A 286 18.84 -12.64 19.24
CA LEU A 286 17.55 -12.76 19.89
C LEU A 286 17.73 -12.98 21.38
N ALA A 287 17.00 -12.19 22.17
CA ALA A 287 16.92 -12.36 23.62
C ALA A 287 15.52 -12.85 23.97
N VAL A 288 15.45 -13.95 24.70
CA VAL A 288 14.18 -14.58 25.04
C VAL A 288 14.15 -14.84 26.56
N ASN A 289 12.99 -14.59 27.19
CA ASN A 289 12.83 -14.81 28.63
C ASN A 289 12.33 -16.21 28.95
N VAL A 290 12.98 -16.88 29.90
CA VAL A 290 12.53 -18.15 30.42
C VAL A 290 11.27 -17.95 31.26
N ILE A 291 10.10 -18.22 30.68
CA ILE A 291 8.83 -18.04 31.37
C ILE A 291 8.37 -19.23 32.22
N ALA A 292 9.00 -20.40 32.06
CA ALA A 292 8.70 -21.54 32.92
C ALA A 292 9.86 -22.53 33.00
N LYS A 293 9.76 -23.46 33.95
CA LYS A 293 10.85 -24.38 34.24
C LYS A 293 10.33 -25.67 34.86
N ALA A 294 10.96 -26.79 34.52
CA ALA A 294 10.60 -28.10 35.07
C ALA A 294 11.84 -28.99 35.15
N VAL A 295 11.89 -29.83 36.19
CA VAL A 295 13.06 -30.65 36.48
C VAL A 295 12.73 -32.14 36.48
N THR A 296 13.65 -32.95 35.98
CA THR A 296 13.56 -34.42 36.06
C THR A 296 14.92 -35.02 36.41
N GLN A 312 20.71 -35.89 35.61
CA GLN A 312 19.74 -34.83 35.85
C GLN A 312 19.46 -34.05 34.57
N SER A 313 18.23 -33.57 34.42
CA SER A 313 17.82 -32.79 33.24
C SER A 313 16.88 -31.63 33.58
N PHE A 314 16.71 -30.71 32.64
CA PHE A 314 15.81 -29.57 32.81
C PHE A 314 14.98 -29.31 31.55
N MET A 315 13.92 -28.52 31.70
CA MET A 315 13.03 -28.16 30.62
C MET A 315 12.69 -26.67 30.74
N TYR A 316 13.18 -25.88 29.79
CA TYR A 316 12.95 -24.45 29.81
C TYR A 316 11.94 -24.07 28.74
N TYR A 317 11.02 -23.19 29.10
CA TYR A 317 10.04 -22.66 28.18
C TYR A 317 10.32 -21.19 28.03
N VAL A 318 10.49 -20.76 26.79
CA VAL A 318 10.72 -19.36 26.48
C VAL A 318 9.54 -18.77 25.72
N ASN A 319 9.47 -17.44 25.66
CA ASN A 319 8.34 -16.76 25.04
C ASN A 319 8.49 -16.44 23.54
N ASP A 320 9.20 -17.33 22.83
CA ASP A 320 9.33 -17.25 21.37
C ASP A 320 9.72 -18.62 20.84
N GLY A 321 9.06 -19.07 19.76
CA GLY A 321 9.29 -20.42 19.25
C GLY A 321 9.12 -20.60 17.74
N VAL A 322 8.80 -21.83 17.34
CA VAL A 322 8.79 -22.24 15.94
C VAL A 322 7.72 -21.56 15.09
N TYR A 323 6.70 -20.99 15.73
CA TYR A 323 5.69 -20.20 15.03
C TYR A 323 6.15 -18.77 14.85
N GLY A 324 6.96 -18.27 15.78
CA GLY A 324 7.55 -16.95 15.69
C GLY A 324 8.94 -16.97 15.06
N SER A 325 9.90 -16.33 15.73
CA SER A 325 11.24 -16.13 15.20
C SER A 325 11.99 -17.41 14.84
N PHE A 326 11.68 -18.50 15.51
CA PHE A 326 12.37 -19.77 15.30
C PHE A 326 11.72 -20.63 14.20
N ASN A 327 10.85 -20.04 13.39
CA ASN A 327 10.32 -20.74 12.22
C ASN A 327 11.44 -21.15 11.27
N CYS A 328 12.59 -20.48 11.39
CA CYS A 328 13.83 -20.84 10.70
C CYS A 328 14.24 -22.30 10.91
N ILE A 329 13.94 -22.86 12.07
CA ILE A 329 14.24 -24.26 12.35
C ILE A 329 13.58 -25.20 11.35
N LEU A 330 12.31 -24.94 11.00
CA LEU A 330 11.56 -25.78 10.05
C LEU A 330 11.76 -25.35 8.59
N TYR A 331 11.63 -24.06 8.33
CA TYR A 331 11.67 -23.51 6.97
C TYR A 331 13.07 -23.32 6.37
N ASP A 332 14.10 -23.29 7.21
CA ASP A 332 15.44 -22.91 6.75
C ASP A 332 16.57 -23.83 7.24
N HIS A 333 16.22 -25.04 7.70
CA HIS A 333 17.19 -26.03 8.18
C HIS A 333 18.05 -25.54 9.35
N ALA A 334 17.58 -24.54 10.09
CA ALA A 334 18.41 -23.83 11.05
C ALA A 334 18.64 -24.61 12.35
N VAL A 335 19.87 -24.53 12.86
CA VAL A 335 20.22 -25.05 14.19
C VAL A 335 20.70 -23.88 15.03
N VAL A 336 20.22 -23.81 16.27
CA VAL A 336 20.51 -22.66 17.14
C VAL A 336 21.19 -23.09 18.44
N ARG A 337 21.81 -22.13 19.10
CA ARG A 337 22.57 -22.37 20.32
C ARG A 337 22.11 -21.39 21.40
N PRO A 338 21.42 -21.87 22.43
CA PRO A 338 21.02 -21.01 23.53
C PRO A 338 22.22 -20.62 24.40
N LEU A 339 22.32 -19.33 24.70
CA LEU A 339 23.43 -18.79 25.49
C LEU A 339 22.86 -17.98 26.63
N PRO A 340 23.18 -18.35 27.87
CA PRO A 340 22.76 -17.55 29.03
C PRO A 340 23.28 -16.12 28.93
N GLN A 341 22.44 -15.12 29.19
CA GLN A 341 22.87 -13.73 29.12
C GLN A 341 23.67 -13.30 30.35
N ARG A 342 23.50 -14.02 31.46
CA ARG A 342 24.26 -13.73 32.69
C ARG A 342 25.71 -14.19 32.53
N GLU A 343 26.62 -13.46 33.18
CA GLU A 343 28.04 -13.82 33.24
C GLU A 343 28.21 -15.24 33.80
N PRO A 344 28.93 -16.09 33.07
CA PRO A 344 29.10 -17.49 33.48
C PRO A 344 30.09 -17.63 34.63
N ILE A 345 29.65 -18.22 35.73
CA ILE A 345 30.52 -18.48 36.87
C ILE A 345 31.42 -19.67 36.55
N PRO A 346 32.71 -19.59 36.89
CA PRO A 346 33.64 -20.68 36.60
C PRO A 346 33.26 -22.00 37.28
N ASN A 347 33.46 -23.10 36.56
CA ASN A 347 33.26 -24.46 37.08
C ASN A 347 31.83 -24.81 37.51
N GLU A 348 30.83 -24.02 37.11
CA GLU A 348 29.43 -24.34 37.38
C GLU A 348 29.01 -25.50 36.48
N LYS A 349 28.30 -26.48 37.06
CA LYS A 349 27.94 -27.69 36.32
C LYS A 349 26.88 -27.41 35.26
N LEU A 350 27.00 -28.11 34.14
CA LEU A 350 26.05 -28.00 33.03
C LEU A 350 25.24 -29.29 32.90
N TYR A 351 23.91 -29.16 32.86
CA TYR A 351 23.01 -30.30 32.69
C TYR A 351 22.42 -30.34 31.27
N PRO A 352 22.09 -31.54 30.78
CA PRO A 352 21.42 -31.67 29.48
C PRO A 352 20.01 -31.10 29.55
N SER A 353 19.67 -30.18 28.64
CA SER A 353 18.46 -29.37 28.74
C SER A 353 17.75 -29.17 27.40
N SER A 354 16.42 -29.13 27.45
CA SER A 354 15.62 -28.81 26.28
C SER A 354 15.05 -27.41 26.44
N VAL A 355 14.84 -26.71 25.33
CA VAL A 355 14.16 -25.41 25.32
C VAL A 355 12.94 -25.47 24.38
N TRP A 356 11.84 -24.85 24.80
CA TRP A 356 10.56 -24.93 24.09
C TRP A 356 9.95 -23.54 23.90
N GLY A 357 9.16 -23.39 22.83
CA GLY A 357 8.41 -22.17 22.61
C GLY A 357 7.17 -22.11 23.47
N PRO A 358 6.46 -20.98 23.45
CA PRO A 358 5.34 -20.72 24.36
C PRO A 358 3.99 -21.33 23.94
N THR A 359 3.91 -21.95 22.76
CA THR A 359 2.64 -22.50 22.29
C THR A 359 2.31 -23.82 22.97
N CYS A 360 1.06 -24.22 22.75
CA CYS A 360 0.55 -25.55 23.06
C CYS A 360 1.36 -26.68 22.42
N ASP A 361 1.71 -26.47 21.16
CA ASP A 361 2.20 -27.52 20.28
C ASP A 361 3.43 -28.20 20.85
N GLY A 362 3.46 -29.53 20.82
CA GLY A 362 4.61 -30.29 21.25
C GLY A 362 5.73 -30.29 20.23
N LEU A 363 5.41 -29.90 19.00
CA LEU A 363 6.40 -29.69 17.93
C LEU A 363 7.20 -28.39 18.16
N ASP A 364 6.66 -27.49 18.98
CA ASP A 364 7.31 -26.21 19.27
C ASP A 364 8.48 -26.38 20.25
N GLN A 365 9.57 -26.93 19.72
CA GLN A 365 10.80 -27.15 20.46
C GLN A 365 11.92 -26.47 19.69
N ILE A 366 12.80 -25.78 20.41
CA ILE A 366 13.93 -25.08 19.80
C ILE A 366 15.22 -25.91 19.91
N VAL A 367 15.44 -26.53 21.08
CA VAL A 367 16.63 -27.33 21.33
C VAL A 367 16.24 -28.64 22.04
N GLU A 368 16.92 -29.73 21.70
CA GLU A 368 16.62 -31.06 22.28
C GLU A 368 17.40 -31.34 23.56
N ARG A 369 18.72 -31.41 23.49
CA ARG A 369 19.54 -31.53 24.70
C ARG A 369 20.89 -30.81 24.56
N TYR A 370 20.88 -29.52 24.89
CA TYR A 370 22.06 -28.68 24.87
C TYR A 370 22.48 -28.41 26.31
N TYR A 371 23.77 -28.55 26.59
CA TYR A 371 24.26 -28.45 27.96
C TYR A 371 24.28 -26.99 28.43
N LEU A 372 23.35 -26.66 29.32
CA LEU A 372 23.22 -25.33 29.90
C LEU A 372 23.34 -25.40 31.43
N PRO A 373 23.75 -24.31 32.07
CA PRO A 373 23.71 -24.25 33.54
C PRO A 373 22.27 -24.14 34.01
N GLU A 374 21.99 -24.53 35.26
CA GLU A 374 20.66 -24.36 35.84
C GLU A 374 20.22 -22.90 35.69
N MET A 375 19.06 -22.69 35.09
CA MET A 375 18.49 -21.37 34.90
C MET A 375 17.29 -21.20 35.82
N GLN A 376 16.77 -19.98 35.87
CA GLN A 376 15.59 -19.66 36.66
C GLN A 376 14.60 -18.89 35.81
N VAL A 377 13.34 -18.86 36.23
CA VAL A 377 12.30 -18.10 35.54
C VAL A 377 12.56 -16.61 35.77
N GLY A 378 12.58 -15.84 34.69
CA GLY A 378 12.86 -14.41 34.75
C GLY A 378 14.20 -14.09 34.11
N GLU A 379 15.04 -15.11 33.99
CA GLU A 379 16.33 -14.99 33.31
C GLU A 379 16.18 -15.10 31.80
N TRP A 380 17.25 -14.78 31.08
CA TRP A 380 17.20 -14.66 29.63
C TRP A 380 18.21 -15.60 28.96
N LEU A 381 17.80 -16.13 27.81
CA LEU A 381 18.66 -16.88 26.92
C LEU A 381 18.81 -16.08 25.63
N LEU A 382 19.99 -16.18 25.04
CA LEU A 382 20.34 -15.41 23.86
C LEU A 382 20.70 -16.34 22.72
N PHE A 383 20.23 -15.99 21.52
CA PHE A 383 20.54 -16.74 20.32
C PHE A 383 21.20 -15.79 19.33
N GLU A 384 22.47 -16.04 19.05
CA GLU A 384 23.22 -15.24 18.08
C GLU A 384 22.92 -15.72 16.67
N ASP A 385 23.33 -14.95 15.68
CA ASP A 385 23.12 -15.31 14.28
C ASP A 385 21.65 -15.59 13.96
N MET A 386 20.76 -14.61 14.23
CA MET A 386 19.31 -14.80 14.11
C MET A 386 18.61 -13.73 13.26
N GLY A 387 19.31 -13.20 12.25
CA GLY A 387 18.78 -12.16 11.37
C GLY A 387 18.30 -12.63 10.00
N ALA A 388 18.65 -13.86 9.61
CA ALA A 388 18.27 -14.42 8.31
C ALA A 388 17.06 -15.35 8.40
N TYR A 389 16.01 -15.02 7.65
CA TYR A 389 14.76 -15.81 7.61
C TYR A 389 14.15 -16.03 9.00
N THR A 390 14.25 -15.01 9.85
CA THR A 390 13.69 -15.06 11.20
C THR A 390 12.53 -14.10 11.38
N VAL A 391 12.70 -12.82 11.07
CA VAL A 391 11.61 -11.82 11.22
C VAL A 391 10.65 -11.75 10.03
N VAL A 392 10.80 -12.67 9.08
CA VAL A 392 10.00 -12.67 7.85
C VAL A 392 8.98 -13.82 7.76
N GLY A 393 9.24 -14.93 8.45
CA GLY A 393 8.37 -16.09 8.41
C GLY A 393 7.51 -16.31 9.65
N THR A 394 7.43 -15.30 10.50
CA THR A 394 6.72 -15.41 11.78
C THR A 394 5.22 -15.34 11.54
N SER A 395 4.46 -15.87 12.49
CA SER A 395 3.00 -15.78 12.48
C SER A 395 2.50 -15.41 13.86
N SER A 396 1.19 -15.18 13.96
CA SER A 396 0.56 -14.82 15.22
C SER A 396 -0.19 -16.02 15.81
N PHE A 397 0.44 -17.20 15.76
CA PHE A 397 -0.18 -18.43 16.26
C PHE A 397 -0.24 -18.42 17.78
N ASN A 398 -1.33 -18.95 18.33
CA ASN A 398 -1.60 -18.93 19.77
C ASN A 398 -1.84 -17.51 20.32
N GLY A 399 -1.83 -16.51 19.44
CA GLY A 399 -1.93 -15.12 19.86
C GLY A 399 -0.63 -14.46 20.31
N PHE A 400 0.49 -15.18 20.23
CA PHE A 400 1.79 -14.63 20.66
C PHE A 400 2.36 -13.64 19.65
N GLN A 401 3.01 -12.60 20.17
CA GLN A 401 3.54 -11.49 19.38
C GLN A 401 4.99 -11.72 18.96
N SER A 402 5.36 -11.21 17.79
CA SER A 402 6.73 -11.26 17.32
C SER A 402 7.60 -10.24 18.08
N PRO A 403 8.84 -10.61 18.42
CA PRO A 403 9.73 -9.72 19.17
C PRO A 403 9.95 -8.36 18.50
N THR A 404 10.02 -7.30 19.31
CA THR A 404 10.29 -5.95 18.85
C THR A 404 11.78 -5.85 18.53
N ILE A 405 12.11 -5.09 17.49
CA ILE A 405 13.49 -4.90 17.10
C ILE A 405 14.03 -3.56 17.61
N TYR A 406 15.14 -3.62 18.34
CA TYR A 406 15.90 -2.46 18.76
C TYR A 406 17.22 -2.46 18.00
N TYR A 407 17.81 -1.28 17.80
CA TYR A 407 19.05 -1.16 17.01
C TYR A 407 20.18 -0.53 17.82
N VAL A 408 21.40 -1.01 17.59
CA VAL A 408 22.60 -0.49 18.24
C VAL A 408 22.99 0.87 17.66
N ARG B 14 -19.59 -9.30 3.08
CA ARG B 14 -18.59 -10.36 2.75
C ARG B 14 -19.22 -11.75 2.62
N PHE B 15 -20.55 -11.81 2.76
CA PHE B 15 -21.29 -13.06 2.58
C PHE B 15 -21.48 -13.35 1.10
N LEU B 16 -21.87 -14.58 0.79
CA LEU B 16 -21.91 -15.09 -0.59
C LEU B 16 -23.19 -15.88 -0.87
N GLU B 17 -23.64 -15.81 -2.12
CA GLU B 17 -24.83 -16.51 -2.58
C GLU B 17 -24.53 -18.01 -2.77
N GLY B 18 -25.56 -18.84 -2.74
CA GLY B 18 -25.44 -20.24 -3.08
C GLY B 18 -25.90 -21.20 -1.98
N PHE B 19 -26.43 -22.35 -2.39
CA PHE B 19 -26.87 -23.39 -1.46
C PHE B 19 -25.67 -23.93 -0.68
N ASN B 20 -24.85 -24.74 -1.35
CA ASN B 20 -23.72 -25.42 -0.70
C ASN B 20 -22.38 -24.73 -1.00
N THR B 21 -21.28 -25.33 -0.56
CA THR B 21 -19.95 -24.75 -0.69
C THR B 21 -19.46 -24.73 -2.14
N ARG B 22 -19.58 -25.87 -2.82
CA ARG B 22 -19.10 -26.03 -4.19
C ARG B 22 -19.86 -25.16 -5.20
N ASP B 23 -21.10 -24.82 -4.89
CA ASP B 23 -21.90 -23.90 -5.70
C ASP B 23 -21.42 -22.46 -5.55
N ALA B 24 -21.15 -22.06 -4.31
CA ALA B 24 -20.75 -20.68 -3.99
C ALA B 24 -19.39 -20.30 -4.58
N LEU B 25 -18.50 -21.28 -4.74
CA LEU B 25 -17.18 -21.06 -5.34
C LEU B 25 -17.34 -20.63 -6.80
N CYS B 26 -18.09 -21.43 -7.56
CA CYS B 26 -18.28 -21.20 -9.00
C CYS B 26 -18.93 -19.84 -9.31
N LYS B 27 -19.79 -19.38 -8.41
CA LYS B 27 -20.45 -18.08 -8.55
C LYS B 27 -19.45 -16.93 -8.53
N LYS B 28 -18.57 -16.91 -7.53
CA LYS B 28 -17.63 -15.80 -7.35
C LYS B 28 -16.59 -15.67 -8.46
N ILE B 29 -16.24 -16.78 -9.11
CA ILE B 29 -15.19 -16.79 -10.13
C ILE B 29 -15.63 -16.03 -11.40
N SER B 30 -15.10 -14.82 -11.57
CA SER B 30 -15.38 -13.99 -12.74
C SER B 30 -14.36 -12.86 -12.91
N GLY B 37 -6.01 -12.34 -9.72
CA GLY B 37 -6.79 -13.51 -9.31
C GLY B 37 -6.28 -14.06 -7.99
N ASP B 38 -6.55 -13.31 -6.91
CA ASP B 38 -6.09 -13.66 -5.58
C ASP B 38 -6.78 -14.94 -5.06
N PRO B 39 -6.09 -15.69 -4.21
CA PRO B 39 -6.68 -16.89 -3.60
C PRO B 39 -7.68 -16.51 -2.51
N PHE B 40 -8.66 -17.38 -2.26
CA PHE B 40 -9.68 -17.10 -1.25
C PHE B 40 -10.25 -18.37 -0.62
N PHE B 41 -10.65 -18.24 0.65
CA PHE B 41 -11.37 -19.29 1.36
C PHE B 41 -12.88 -19.10 1.18
N VAL B 42 -13.60 -20.22 1.24
CA VAL B 42 -15.06 -20.23 1.36
C VAL B 42 -15.41 -21.07 2.58
N ALA B 43 -15.99 -20.44 3.61
CA ALA B 43 -16.24 -21.09 4.89
C ALA B 43 -17.73 -21.36 5.09
N ASP B 44 -18.10 -22.64 5.09
CA ASP B 44 -19.46 -23.07 5.37
C ASP B 44 -19.72 -23.12 6.87
N LEU B 45 -20.25 -22.02 7.40
CA LEU B 45 -20.56 -21.91 8.83
C LEU B 45 -21.60 -22.92 9.29
N GLY B 46 -22.41 -23.42 8.37
CA GLY B 46 -23.41 -24.44 8.68
C GLY B 46 -22.81 -25.83 8.87
N ASP B 47 -21.61 -26.03 8.35
CA ASP B 47 -20.85 -27.24 8.64
C ASP B 47 -20.52 -27.30 10.13
N ILE B 48 -20.20 -26.14 10.70
CA ILE B 48 -19.88 -26.01 12.12
C ILE B 48 -21.10 -26.37 12.98
N VAL B 49 -22.28 -25.98 12.52
CA VAL B 49 -23.54 -26.30 13.21
C VAL B 49 -23.77 -27.81 13.21
N ARG B 50 -23.56 -28.46 12.07
CA ARG B 50 -23.74 -29.90 11.98
C ARG B 50 -22.70 -30.70 12.80
N LYS B 51 -21.54 -30.10 13.04
CA LYS B 51 -20.51 -30.71 13.88
C LYS B 51 -20.94 -30.66 15.35
N HIS B 52 -21.57 -29.55 15.74
CA HIS B 52 -22.06 -29.38 17.10
C HIS B 52 -23.22 -30.31 17.41
N GLU B 53 -24.13 -30.48 16.44
CA GLU B 53 -25.28 -31.37 16.59
C GLU B 53 -24.81 -32.80 16.78
N THR B 54 -23.81 -33.19 16.01
CA THR B 54 -23.19 -34.51 16.10
C THR B 54 -22.50 -34.68 17.46
N TRP B 55 -21.99 -33.59 18.01
CA TRP B 55 -21.30 -33.61 19.30
C TRP B 55 -22.27 -33.79 20.48
N LYS B 56 -23.35 -33.02 20.49
CA LYS B 56 -24.37 -33.15 21.54
C LYS B 56 -24.98 -34.55 21.58
N LYS B 57 -25.04 -35.19 20.42
CA LYS B 57 -25.61 -36.53 20.29
C LYS B 57 -24.62 -37.62 20.72
N CYS B 58 -23.35 -37.48 20.35
CA CYS B 58 -22.34 -38.50 20.62
C CYS B 58 -21.64 -38.35 21.97
N LEU B 59 -21.59 -37.12 22.48
CA LEU B 59 -20.96 -36.82 23.77
C LEU B 59 -21.85 -35.84 24.54
N PRO B 60 -23.03 -36.29 24.96
CA PRO B 60 -24.02 -35.39 25.58
C PRO B 60 -23.60 -34.86 26.95
N ARG B 61 -22.70 -35.55 27.65
CA ARG B 61 -22.21 -35.13 28.97
C ARG B 61 -21.02 -34.17 28.93
N VAL B 62 -20.48 -33.90 27.75
CA VAL B 62 -19.25 -33.14 27.61
C VAL B 62 -19.53 -31.79 26.98
N THR B 63 -19.18 -30.72 27.71
CA THR B 63 -19.29 -29.36 27.21
C THR B 63 -18.03 -29.00 26.41
N PRO B 64 -18.18 -28.70 25.13
CA PRO B 64 -17.02 -28.31 24.31
C PRO B 64 -16.56 -26.89 24.59
N PHE B 65 -15.29 -26.73 24.93
CA PHE B 65 -14.62 -25.44 24.97
C PHE B 65 -13.68 -25.42 23.77
N TYR B 66 -14.07 -24.68 22.75
CA TYR B 66 -13.35 -24.65 21.48
C TYR B 66 -11.94 -24.07 21.62
N ALA B 67 -10.96 -24.78 21.07
CA ALA B 67 -9.57 -24.33 21.10
C ALA B 67 -9.35 -23.32 19.98
N VAL B 68 -9.33 -22.05 20.37
CA VAL B 68 -9.34 -20.93 19.42
C VAL B 68 -8.07 -20.85 18.58
N LYS B 69 -6.96 -21.38 19.11
CA LYS B 69 -5.70 -21.46 18.36
C LYS B 69 -5.82 -22.15 16.99
N CYS B 70 -6.82 -23.00 16.83
CA CYS B 70 -7.04 -23.76 15.61
C CYS B 70 -7.56 -22.91 14.45
N ASN B 71 -8.50 -22.03 14.75
CA ASN B 71 -9.11 -21.14 13.77
C ASN B 71 -9.82 -20.07 14.58
N ASP B 72 -9.19 -18.91 14.66
CA ASP B 72 -9.67 -17.80 15.50
C ASP B 72 -10.44 -16.77 14.69
N ASP B 73 -10.98 -17.19 13.56
CA ASP B 73 -11.71 -16.32 12.68
C ASP B 73 -12.95 -15.80 13.41
N TRP B 74 -13.28 -14.54 13.14
CA TRP B 74 -14.35 -13.83 13.83
C TRP B 74 -15.70 -14.52 13.71
N ARG B 75 -16.06 -14.86 12.48
CA ARG B 75 -17.34 -15.52 12.20
C ARG B 75 -17.40 -16.92 12.79
N VAL B 76 -16.24 -17.58 12.87
CA VAL B 76 -16.18 -18.94 13.43
C VAL B 76 -16.45 -18.88 14.91
N LEU B 77 -15.81 -17.92 15.59
CA LEU B 77 -15.98 -17.74 17.02
C LEU B 77 -17.41 -17.35 17.39
N GLY B 78 -18.03 -16.49 16.58
CA GLY B 78 -19.39 -16.03 16.83
C GLY B 78 -20.41 -17.13 16.63
N THR B 79 -20.20 -17.95 15.60
CA THR B 79 -21.04 -19.10 15.36
C THR B 79 -21.01 -20.08 16.54
N LEU B 80 -19.82 -20.28 17.11
CA LEU B 80 -19.64 -21.26 18.17
C LEU B 80 -20.22 -20.77 19.50
N ALA B 81 -20.03 -19.49 19.79
CA ALA B 81 -20.57 -18.87 21.00
C ALA B 81 -22.10 -18.93 21.02
N ALA B 82 -22.71 -18.78 19.84
CA ALA B 82 -24.16 -18.78 19.72
C ALA B 82 -24.73 -20.19 19.80
N LEU B 83 -23.89 -21.18 19.52
CA LEU B 83 -24.27 -22.57 19.71
C LEU B 83 -24.13 -22.99 21.17
N GLY B 84 -23.42 -22.18 21.96
CA GLY B 84 -23.30 -22.39 23.40
C GLY B 84 -22.01 -23.04 23.86
N THR B 85 -20.98 -23.04 23.01
CA THR B 85 -19.69 -23.61 23.40
C THR B 85 -18.95 -22.64 24.30
N GLY B 86 -18.04 -23.19 25.11
CA GLY B 86 -17.01 -22.41 25.76
C GLY B 86 -15.82 -22.21 24.84
N PHE B 87 -14.71 -21.77 25.41
CA PHE B 87 -13.51 -21.42 24.65
C PHE B 87 -12.25 -21.69 25.44
N ASP B 88 -11.37 -22.50 24.87
CA ASP B 88 -10.03 -22.74 25.40
C ASP B 88 -9.07 -21.71 24.78
N CYS B 89 -8.45 -20.88 25.63
CA CYS B 89 -7.52 -19.85 25.20
C CYS B 89 -6.13 -20.11 25.75
N ALA B 90 -5.11 -19.84 24.95
CA ALA B 90 -3.73 -20.13 25.33
C ALA B 90 -2.89 -18.88 25.59
N SER B 91 -3.46 -17.70 25.33
CA SER B 91 -2.73 -16.45 25.51
C SER B 91 -3.63 -15.26 25.82
N ASN B 92 -3.01 -14.16 26.20
CA ASN B 92 -3.71 -12.89 26.39
C ASN B 92 -4.47 -12.42 25.15
N THR B 93 -3.87 -12.59 23.97
CA THR B 93 -4.48 -12.12 22.72
C THR B 93 -5.76 -12.86 22.37
N GLU B 94 -5.78 -14.16 22.68
CA GLU B 94 -6.94 -15.00 22.39
C GLU B 94 -8.09 -14.76 23.38
N ILE B 95 -7.74 -14.46 24.62
CA ILE B 95 -8.72 -14.12 25.65
C ILE B 95 -9.41 -12.80 25.32
N GLN B 96 -8.63 -11.80 24.90
CA GLN B 96 -9.18 -10.50 24.51
C GLN B 96 -10.11 -10.64 23.31
N ARG B 97 -9.81 -11.58 22.44
CA ARG B 97 -10.58 -11.77 21.22
C ARG B 97 -11.96 -12.39 21.48
N VAL B 98 -12.06 -13.32 22.42
CA VAL B 98 -13.36 -13.95 22.73
C VAL B 98 -14.20 -13.08 23.67
N ARG B 99 -13.54 -12.41 24.61
CA ARG B 99 -14.20 -11.45 25.49
C ARG B 99 -14.72 -10.26 24.69
N GLY B 100 -14.06 -9.98 23.57
CA GLY B 100 -14.43 -8.86 22.72
C GLY B 100 -15.72 -9.08 21.95
N ILE B 101 -16.09 -10.36 21.74
CA ILE B 101 -17.35 -10.69 21.05
C ILE B 101 -18.49 -11.09 22.00
N GLY B 102 -18.42 -10.66 23.25
CA GLY B 102 -19.50 -10.84 24.20
C GLY B 102 -19.59 -12.22 24.87
N VAL B 103 -18.44 -12.85 25.09
CA VAL B 103 -18.37 -14.14 25.80
C VAL B 103 -17.92 -13.87 27.24
N PRO B 104 -18.68 -14.35 28.23
CA PRO B 104 -18.32 -14.13 29.64
C PRO B 104 -17.11 -14.97 30.11
N PRO B 105 -16.47 -14.55 31.21
CA PRO B 105 -15.24 -15.21 31.69
C PRO B 105 -15.39 -16.65 32.18
N GLU B 106 -16.62 -17.04 32.52
CA GLU B 106 -16.92 -18.39 32.98
C GLU B 106 -16.80 -19.38 31.82
N LYS B 107 -17.19 -18.95 30.63
CA LYS B 107 -17.12 -19.78 29.43
C LYS B 107 -15.73 -19.78 28.78
N ILE B 108 -14.71 -19.34 29.52
CA ILE B 108 -13.33 -19.38 29.05
C ILE B 108 -12.50 -20.21 30.00
N ILE B 109 -11.72 -21.14 29.43
CA ILE B 109 -10.67 -21.82 30.17
C ILE B 109 -9.35 -21.37 29.53
N TYR B 110 -8.35 -21.13 30.38
CA TYR B 110 -7.03 -20.70 29.96
C TYR B 110 -6.13 -21.94 30.03
N ALA B 111 -6.18 -22.75 28.97
CA ALA B 111 -5.54 -24.08 28.98
C ALA B 111 -4.12 -24.09 28.43
N ASN B 112 -3.30 -23.16 28.92
CA ASN B 112 -1.87 -23.16 28.68
C ASN B 112 -1.24 -23.49 30.03
N PRO B 113 -0.57 -24.62 30.16
CA PRO B 113 0.04 -24.99 31.45
C PRO B 113 1.32 -24.24 31.81
N CYS B 114 1.94 -23.56 30.84
CA CYS B 114 3.18 -22.82 31.07
C CYS B 114 3.03 -21.39 30.59
N LYS B 115 2.61 -20.53 31.51
CA LYS B 115 2.17 -19.18 31.18
C LYS B 115 3.16 -18.13 31.67
N GLN B 116 3.48 -17.17 30.80
CA GLN B 116 4.23 -15.99 31.18
C GLN B 116 3.51 -15.27 32.31
N ILE B 117 4.26 -14.80 33.31
CA ILE B 117 3.68 -14.11 34.47
C ILE B 117 2.72 -13.02 34.06
N SER B 118 3.17 -12.18 33.12
CA SER B 118 2.37 -11.05 32.63
C SER B 118 1.05 -11.49 31.98
N HIS B 119 1.04 -12.64 31.33
CA HIS B 119 -0.19 -13.18 30.74
C HIS B 119 -1.18 -13.70 31.82
N ILE B 120 -0.67 -14.29 32.90
CA ILE B 120 -1.50 -14.69 34.03
C ILE B 120 -2.17 -13.48 34.68
N ARG B 121 -1.39 -12.42 34.87
CA ARG B 121 -1.88 -11.14 35.40
C ARG B 121 -3.04 -10.61 34.56
N TYR B 122 -2.95 -10.79 33.24
CA TYR B 122 -3.98 -10.32 32.31
C TYR B 122 -5.28 -11.14 32.39
N ALA B 123 -5.15 -12.45 32.58
CA ALA B 123 -6.29 -13.34 32.72
C ALA B 123 -7.06 -13.02 34.00
N ARG B 124 -6.32 -12.80 35.07
CA ARG B 124 -6.88 -12.42 36.37
C ARG B 124 -7.76 -11.19 36.25
N ASP B 125 -7.21 -10.13 35.68
CA ASP B 125 -7.91 -8.84 35.57
C ASP B 125 -9.08 -8.90 34.60
N SER B 126 -9.16 -9.97 33.82
CA SER B 126 -10.24 -10.14 32.83
C SER B 126 -11.37 -11.06 33.29
N GLY B 127 -11.31 -11.55 34.52
CA GLY B 127 -12.32 -12.45 35.07
C GLY B 127 -12.07 -13.94 34.85
N VAL B 128 -11.03 -14.31 34.09
CA VAL B 128 -10.77 -15.72 33.75
C VAL B 128 -10.00 -16.41 34.86
N ASP B 129 -10.66 -17.33 35.57
CA ASP B 129 -10.09 -17.97 36.76
C ASP B 129 -9.61 -19.41 36.55
N VAL B 130 -10.26 -20.15 35.65
CA VAL B 130 -9.85 -21.53 35.38
C VAL B 130 -8.61 -21.54 34.48
N MET B 131 -7.50 -22.07 35.01
CA MET B 131 -6.28 -22.29 34.24
C MET B 131 -5.72 -23.69 34.50
N THR B 132 -4.79 -24.13 33.66
CA THR B 132 -4.16 -25.44 33.81
C THR B 132 -2.71 -25.33 34.26
N PHE B 133 -2.17 -26.45 34.72
CA PHE B 133 -0.78 -26.55 35.16
C PHE B 133 -0.35 -28.03 35.20
N ASP B 134 0.94 -28.28 35.07
CA ASP B 134 1.46 -29.66 35.13
C ASP B 134 2.67 -29.83 36.05
N CYS B 135 3.04 -28.79 36.78
CA CYS B 135 4.19 -28.86 37.68
C CYS B 135 4.08 -27.85 38.80
N VAL B 136 4.96 -27.98 39.78
CA VAL B 136 4.96 -27.13 40.97
C VAL B 136 5.42 -25.71 40.67
N ASP B 137 6.40 -25.53 39.79
CA ASP B 137 6.90 -24.18 39.46
C ASP B 137 5.77 -23.28 38.98
N GLU B 138 4.84 -23.85 38.22
CA GLU B 138 3.69 -23.09 37.71
C GLU B 138 2.79 -22.59 38.82
N LEU B 139 2.66 -23.37 39.88
CA LEU B 139 1.87 -22.99 41.05
C LEU B 139 2.51 -21.88 41.86
N GLU B 140 3.84 -21.88 41.96
CA GLU B 140 4.59 -20.80 42.62
C GLU B 140 4.28 -19.45 41.94
N LYS B 141 4.16 -19.49 40.61
CA LYS B 141 3.78 -18.32 39.82
C LYS B 141 2.36 -17.86 40.14
N VAL B 142 1.45 -18.82 40.14
CA VAL B 142 0.02 -18.58 40.35
C VAL B 142 -0.27 -18.07 41.78
N ALA B 143 0.52 -18.49 42.76
CA ALA B 143 0.34 -18.07 44.15
C ALA B 143 0.66 -16.58 44.31
N LYS B 144 1.75 -16.13 43.67
CA LYS B 144 2.16 -14.72 43.73
C LYS B 144 1.27 -13.79 42.90
N THR B 145 0.62 -14.33 41.87
CA THR B 145 -0.02 -13.50 40.85
C THR B 145 -1.53 -13.68 40.75
N HIS B 146 -1.99 -14.92 40.83
CA HIS B 146 -3.42 -15.20 40.75
C HIS B 146 -3.80 -16.26 41.77
N PRO B 147 -3.68 -15.91 43.06
CA PRO B 147 -3.85 -16.90 44.14
C PRO B 147 -5.24 -17.52 44.27
N LYS B 148 -6.28 -16.90 43.69
CA LYS B 148 -7.65 -17.43 43.76
C LYS B 148 -8.09 -18.08 42.42
N ALA B 149 -7.12 -18.50 41.62
CA ALA B 149 -7.42 -19.20 40.37
C ALA B 149 -7.89 -20.62 40.67
N LYS B 150 -8.86 -21.10 39.90
CA LYS B 150 -9.28 -22.51 39.97
C LYS B 150 -8.37 -23.30 39.02
N MET B 151 -7.47 -24.10 39.58
CA MET B 151 -6.40 -24.73 38.82
C MET B 151 -6.73 -26.18 38.45
N VAL B 152 -6.37 -26.57 37.22
CA VAL B 152 -6.67 -27.89 36.69
C VAL B 152 -5.35 -28.58 36.36
N LEU B 153 -5.07 -29.68 37.06
CA LEU B 153 -3.84 -30.43 36.85
C LEU B 153 -3.90 -31.24 35.56
N ARG B 154 -3.17 -30.77 34.54
CA ARG B 154 -3.00 -31.51 33.31
C ARG B 154 -2.06 -32.69 33.54
N ILE B 155 -2.49 -33.89 33.14
CA ILE B 155 -1.69 -35.11 33.32
C ILE B 155 -1.21 -35.65 31.97
N SER B 156 -0.12 -36.42 32.02
CA SER B 156 0.51 -36.91 30.80
C SER B 156 -0.32 -38.00 30.17
N THR B 157 -0.35 -38.01 28.84
CA THR B 157 -0.97 -39.10 28.09
C THR B 157 0.08 -40.02 27.50
N VAL B 168 6.06 -35.53 25.91
CA VAL B 168 7.16 -35.01 26.73
C VAL B 168 7.10 -33.49 26.92
N LYS B 169 6.30 -32.78 26.11
CA LYS B 169 6.16 -31.33 26.23
C LYS B 169 5.33 -30.94 27.48
N PHE B 170 4.08 -31.39 27.51
CA PHE B 170 3.20 -31.14 28.65
C PHE B 170 2.67 -32.43 29.24
N GLY B 171 2.14 -32.32 30.45
CA GLY B 171 1.53 -33.42 31.16
C GLY B 171 2.37 -33.93 32.31
N ALA B 172 1.84 -33.78 33.53
CA ALA B 172 2.45 -34.35 34.71
C ALA B 172 2.27 -35.87 34.71
N LYS B 173 3.34 -36.61 34.91
CA LYS B 173 3.25 -38.05 35.06
C LYS B 173 2.40 -38.37 36.31
N VAL B 174 1.64 -39.46 36.25
CA VAL B 174 0.76 -39.84 37.36
C VAL B 174 1.51 -40.12 38.67
N GLU B 175 2.75 -40.60 38.55
CA GLU B 175 3.58 -40.90 39.73
C GLU B 175 4.04 -39.62 40.45
N ASP B 176 4.13 -38.51 39.71
CA ASP B 176 4.49 -37.22 40.31
C ASP B 176 3.30 -36.46 40.88
N CYS B 177 2.08 -36.88 40.56
CA CYS B 177 0.88 -36.11 40.91
C CYS B 177 0.58 -35.99 42.40
N ARG B 178 1.02 -36.98 43.18
CA ARG B 178 0.83 -36.91 44.63
C ARG B 178 1.68 -35.78 45.21
N PHE B 179 2.98 -35.83 44.88
CA PHE B 179 3.94 -34.82 45.29
C PHE B 179 3.51 -33.42 44.84
N ILE B 180 2.90 -33.32 43.66
CA ILE B 180 2.49 -32.05 43.09
C ILE B 180 1.31 -31.45 43.87
N LEU B 181 0.33 -32.29 44.21
CA LEU B 181 -0.85 -31.85 44.96
C LEU B 181 -0.56 -31.59 46.43
N GLU B 182 0.54 -32.14 46.93
CA GLU B 182 0.98 -31.88 48.29
C GLU B 182 1.56 -30.48 48.34
N GLN B 183 2.43 -30.18 47.36
CA GLN B 183 3.01 -28.86 47.22
C GLN B 183 1.94 -27.82 46.94
N ALA B 184 0.87 -28.22 46.24
CA ALA B 184 -0.26 -27.35 45.95
C ALA B 184 -1.07 -27.01 47.20
N LYS B 185 -1.12 -27.96 48.14
CA LYS B 185 -1.74 -27.71 49.44
C LYS B 185 -0.97 -26.64 50.20
N LYS B 186 0.35 -26.78 50.21
CA LYS B 186 1.24 -25.84 50.89
C LYS B 186 1.18 -24.44 50.29
N LEU B 187 0.92 -24.35 48.97
CA LEU B 187 0.81 -23.06 48.30
C LEU B 187 -0.61 -22.50 48.34
N ASN B 188 -1.51 -23.24 48.99
CA ASN B 188 -2.91 -22.84 49.14
C ASN B 188 -3.65 -22.60 47.81
N ILE B 189 -3.31 -23.43 46.83
CA ILE B 189 -3.92 -23.40 45.50
C ILE B 189 -5.28 -24.09 45.54
N ASP B 190 -6.28 -23.47 44.91
CA ASP B 190 -7.59 -24.08 44.74
C ASP B 190 -7.60 -25.03 43.54
N VAL B 191 -7.02 -26.23 43.69
CA VAL B 191 -7.06 -27.26 42.63
C VAL B 191 -8.48 -27.83 42.53
N THR B 192 -9.09 -27.73 41.36
CA THR B 192 -10.50 -28.10 41.19
C THR B 192 -10.77 -29.12 40.09
N GLY B 193 -9.73 -29.71 39.51
CA GLY B 193 -9.94 -30.65 38.43
C GLY B 193 -8.70 -31.24 37.82
N VAL B 194 -8.93 -32.06 36.80
CA VAL B 194 -7.87 -32.74 36.06
C VAL B 194 -8.15 -32.63 34.57
N SER B 195 -7.11 -32.38 33.79
CA SER B 195 -7.20 -32.40 32.33
C SER B 195 -6.16 -33.30 31.69
N PHE B 196 -6.43 -33.73 30.46
CA PHE B 196 -5.41 -34.38 29.63
C PHE B 196 -5.64 -34.05 28.16
N HIS B 197 -4.67 -34.41 27.34
CA HIS B 197 -4.74 -34.21 25.90
C HIS B 197 -4.09 -35.38 25.16
N VAL B 198 -4.91 -36.12 24.42
CA VAL B 198 -4.45 -37.28 23.67
C VAL B 198 -3.77 -36.84 22.38
N GLY B 199 -4.40 -35.92 21.67
CA GLY B 199 -3.85 -35.40 20.43
C GLY B 199 -4.44 -36.09 19.22
N SER B 200 -4.21 -35.51 18.04
CA SER B 200 -4.84 -35.97 16.81
C SER B 200 -4.18 -37.21 16.21
N GLY B 201 -3.01 -37.59 16.72
CA GLY B 201 -2.25 -38.71 16.18
C GLY B 201 -2.58 -40.04 16.82
N SER B 202 -3.86 -40.26 17.12
CA SER B 202 -4.32 -41.49 17.77
C SER B 202 -4.89 -42.46 16.74
N THR B 203 -4.33 -43.67 16.70
CA THR B 203 -4.85 -44.76 15.85
C THR B 203 -5.75 -45.71 16.66
N ASP B 204 -5.67 -45.62 17.98
CA ASP B 204 -6.46 -46.45 18.87
C ASP B 204 -7.15 -45.61 19.96
N ALA B 205 -8.47 -45.72 20.04
CA ALA B 205 -9.25 -44.95 21.02
C ALA B 205 -8.95 -45.32 22.49
N SER B 206 -8.16 -46.37 22.71
CA SER B 206 -7.85 -46.83 24.07
C SER B 206 -7.01 -45.86 24.90
N THR B 207 -6.31 -44.94 24.24
CA THR B 207 -5.58 -43.88 24.95
C THR B 207 -6.54 -43.04 25.80
N PHE B 208 -7.71 -42.75 25.25
CA PHE B 208 -8.74 -41.99 25.96
C PHE B 208 -9.24 -42.71 27.22
N ALA B 209 -9.41 -44.03 27.14
CA ALA B 209 -9.92 -44.81 28.28
C ALA B 209 -8.89 -44.92 29.40
N GLN B 210 -7.61 -44.98 29.03
CA GLN B 210 -6.54 -45.00 30.01
C GLN B 210 -6.34 -43.62 30.66
N ALA B 211 -6.51 -42.57 29.87
CA ALA B 211 -6.39 -41.20 30.38
C ALA B 211 -7.50 -40.90 31.39
N ILE B 212 -8.71 -41.35 31.10
CA ILE B 212 -9.87 -41.12 31.98
C ILE B 212 -9.75 -41.90 33.30
N SER B 213 -9.16 -43.09 33.24
CA SER B 213 -8.90 -43.87 34.44
C SER B 213 -7.83 -43.20 35.29
N ASP B 214 -6.76 -42.79 34.63
CA ASP B 214 -5.70 -42.03 35.28
C ASP B 214 -6.24 -40.73 35.88
N SER B 215 -7.21 -40.10 35.20
CA SER B 215 -7.81 -38.85 35.66
C SER B 215 -8.59 -39.09 36.92
N ARG B 216 -9.27 -40.24 36.99
CA ARG B 216 -10.00 -40.63 38.19
C ARG B 216 -9.06 -40.85 39.36
N PHE B 217 -7.90 -41.46 39.09
CA PHE B 217 -6.91 -41.74 40.13
C PHE B 217 -6.43 -40.43 40.76
N VAL B 218 -6.21 -39.42 39.93
CA VAL B 218 -5.71 -38.13 40.39
C VAL B 218 -6.86 -37.35 41.05
N PHE B 219 -8.06 -37.49 40.53
CA PHE B 219 -9.28 -36.92 41.11
C PHE B 219 -9.45 -37.36 42.57
N ASP B 220 -9.21 -38.64 42.82
CA ASP B 220 -9.36 -39.22 44.15
C ASP B 220 -8.26 -38.72 45.08
N MET B 221 -7.06 -38.53 44.54
CA MET B 221 -5.94 -37.97 45.32
C MET B 221 -6.24 -36.55 45.77
N GLY B 222 -6.83 -35.76 44.89
CA GLY B 222 -7.20 -34.39 45.21
C GLY B 222 -8.24 -34.31 46.30
N THR B 223 -9.29 -35.12 46.18
CA THR B 223 -10.37 -35.19 47.18
C THR B 223 -9.85 -35.68 48.53
N GLU B 224 -8.93 -36.64 48.48
CA GLU B 224 -8.25 -37.17 49.66
C GLU B 224 -7.45 -36.10 50.39
N LEU B 225 -6.76 -35.24 49.63
CA LEU B 225 -5.91 -34.19 50.20
C LEU B 225 -6.68 -32.92 50.58
N GLY B 226 -8.00 -32.90 50.36
CA GLY B 226 -8.85 -31.80 50.79
C GLY B 226 -9.37 -30.88 49.69
N PHE B 227 -8.84 -31.03 48.47
CA PHE B 227 -9.25 -30.20 47.34
C PHE B 227 -10.70 -30.46 46.89
N ASN B 228 -11.29 -29.47 46.24
CA ASN B 228 -12.64 -29.58 45.68
C ASN B 228 -12.58 -29.97 44.21
N MET B 229 -12.35 -31.25 43.93
CA MET B 229 -12.24 -31.75 42.57
C MET B 229 -13.62 -31.90 41.94
N HIS B 230 -13.91 -31.10 40.92
CA HIS B 230 -15.21 -31.13 40.27
C HIS B 230 -15.19 -30.93 38.75
N ILE B 231 -14.01 -30.83 38.15
CA ILE B 231 -13.90 -30.60 36.70
C ILE B 231 -13.01 -31.67 36.07
N LEU B 232 -13.52 -32.33 35.04
CA LEU B 232 -12.71 -33.23 34.20
C LEU B 232 -12.67 -32.68 32.79
N ASP B 233 -11.47 -32.49 32.27
CA ASP B 233 -11.25 -31.85 30.98
C ASP B 233 -10.53 -32.84 30.05
N ILE B 234 -11.23 -33.37 29.04
CA ILE B 234 -10.71 -34.49 28.23
C ILE B 234 -9.95 -34.09 26.96
N GLY B 235 -9.70 -32.79 26.80
CA GLY B 235 -8.81 -32.30 25.77
C GLY B 235 -9.38 -32.34 24.37
N GLY B 236 -8.49 -32.34 23.38
CA GLY B 236 -8.88 -32.41 21.98
C GLY B 236 -8.31 -33.63 21.27
N GLY B 237 -8.25 -33.55 19.95
CA GLY B 237 -7.71 -34.61 19.12
C GLY B 237 -8.77 -35.34 18.30
N PHE B 238 -10.03 -34.95 18.48
CA PHE B 238 -11.15 -35.55 17.75
C PHE B 238 -11.07 -35.15 16.29
N PRO B 239 -11.23 -36.11 15.39
CA PRO B 239 -11.12 -35.85 13.95
C PRO B 239 -12.23 -34.93 13.44
N GLY B 240 -11.91 -34.06 12.49
CA GLY B 240 -12.89 -33.18 11.88
C GLY B 240 -13.08 -33.41 10.39
N THR B 241 -12.56 -34.51 9.86
CA THR B 241 -12.66 -34.83 8.43
C THR B 241 -13.29 -36.19 8.16
N ARG B 242 -13.69 -36.40 6.91
CA ARG B 242 -14.29 -37.65 6.47
C ARG B 242 -13.23 -38.74 6.35
N ASP B 243 -12.07 -38.35 5.81
CA ASP B 243 -10.98 -39.30 5.50
C ASP B 243 -10.09 -39.65 6.71
N ALA B 244 -10.58 -39.38 7.93
CA ALA B 244 -9.93 -39.83 9.14
C ALA B 244 -10.22 -41.32 9.37
N PRO B 245 -9.19 -42.10 9.68
CA PRO B 245 -9.36 -43.56 9.85
C PRO B 245 -10.08 -43.92 11.14
N LEU B 246 -9.60 -43.42 12.27
CA LEU B 246 -10.29 -43.57 13.55
C LEU B 246 -11.47 -42.59 13.60
N LYS B 247 -12.68 -43.12 13.56
CA LYS B 247 -13.89 -42.33 13.43
C LYS B 247 -14.26 -41.66 14.75
N PHE B 248 -14.95 -40.52 14.66
CA PHE B 248 -15.43 -39.80 15.84
C PHE B 248 -16.37 -40.67 16.67
N GLU B 249 -17.30 -41.34 16.01
CA GLU B 249 -18.34 -42.12 16.67
C GLU B 249 -17.76 -43.26 17.49
N GLU B 250 -16.67 -43.83 17.01
CA GLU B 250 -15.97 -44.88 17.75
C GLU B 250 -15.22 -44.30 18.97
N ILE B 251 -14.60 -43.13 18.81
CA ILE B 251 -13.90 -42.46 19.92
C ILE B 251 -14.89 -42.11 21.03
N ALA B 252 -15.97 -41.43 20.66
CA ALA B 252 -17.00 -41.03 21.60
C ALA B 252 -17.59 -42.23 22.33
N GLY B 253 -17.70 -43.35 21.62
CA GLY B 253 -18.19 -44.59 22.20
C GLY B 253 -17.29 -45.04 23.34
N VAL B 254 -15.98 -45.06 23.12
CA VAL B 254 -15.01 -45.48 24.13
C VAL B 254 -14.93 -44.51 25.32
N ILE B 255 -15.13 -43.22 25.03
CA ILE B 255 -15.08 -42.18 26.05
C ILE B 255 -16.26 -42.32 27.00
N ASN B 256 -17.46 -42.46 26.44
CA ASN B 256 -18.68 -42.59 27.23
C ASN B 256 -18.70 -43.84 28.11
N ASN B 257 -18.19 -44.96 27.58
CA ASN B 257 -18.04 -46.17 28.39
C ASN B 257 -17.09 -45.93 29.57
N ALA B 258 -15.99 -45.24 29.31
CA ALA B 258 -15.01 -44.92 30.33
C ALA B 258 -15.57 -43.92 31.37
N LEU B 259 -16.38 -42.98 30.91
CA LEU B 259 -16.97 -41.95 31.78
C LEU B 259 -17.99 -42.56 32.72
N GLU B 260 -18.87 -43.38 32.16
CA GLU B 260 -19.86 -44.11 32.96
C GLU B 260 -19.20 -44.99 34.02
N LYS B 261 -18.03 -45.51 33.70
CA LYS B 261 -17.27 -46.37 34.59
C LYS B 261 -16.62 -45.57 35.73
N HIS B 262 -15.89 -44.53 35.36
CA HIS B 262 -15.00 -43.84 36.30
C HIS B 262 -15.58 -42.53 36.83
N PHE B 263 -16.34 -41.82 36.00
CA PHE B 263 -16.98 -40.56 36.41
C PHE B 263 -18.49 -40.62 36.24
N PRO B 264 -19.18 -41.39 37.07
CA PRO B 264 -20.64 -41.53 36.93
C PRO B 264 -21.35 -40.19 37.14
N PRO B 265 -22.49 -39.98 36.48
CA PRO B 265 -23.21 -38.70 36.58
C PRO B 265 -23.43 -38.25 38.02
N ASP B 266 -23.26 -36.96 38.25
CA ASP B 266 -23.22 -36.36 39.58
C ASP B 266 -23.35 -34.87 39.35
N LEU B 267 -24.23 -34.20 40.08
CA LEU B 267 -24.52 -32.78 39.83
C LEU B 267 -23.33 -31.86 40.08
N LYS B 268 -22.42 -32.27 40.95
CA LYS B 268 -21.23 -31.49 41.27
C LYS B 268 -20.14 -31.57 40.21
N LEU B 269 -20.24 -32.57 39.33
CA LEU B 269 -19.21 -32.82 38.34
C LEU B 269 -19.60 -32.25 36.98
N THR B 270 -18.68 -31.52 36.37
CA THR B 270 -18.83 -31.09 34.99
C THR B 270 -17.69 -31.65 34.16
N ILE B 271 -18.05 -32.21 33.01
CA ILE B 271 -17.11 -32.78 32.08
C ILE B 271 -16.99 -31.83 30.90
N VAL B 272 -15.76 -31.65 30.46
CA VAL B 272 -15.41 -30.59 29.54
C VAL B 272 -14.39 -31.16 28.54
N ALA B 273 -14.38 -30.63 27.33
CA ALA B 273 -13.38 -31.00 26.32
C ALA B 273 -12.86 -29.76 25.62
N GLU B 274 -11.81 -29.92 24.81
CA GLU B 274 -11.14 -28.81 24.14
C GLU B 274 -10.97 -29.09 22.65
N PRO B 275 -12.04 -29.43 21.93
CA PRO B 275 -11.92 -29.72 20.50
C PRO B 275 -11.57 -28.47 19.70
N GLY B 276 -10.68 -28.62 18.72
CA GLY B 276 -10.35 -27.56 17.81
C GLY B 276 -10.72 -27.95 16.41
N ARG B 277 -9.95 -28.87 15.85
CA ARG B 277 -10.12 -29.28 14.46
C ARG B 277 -11.46 -29.98 14.22
N TYR B 278 -12.02 -30.57 15.26
CA TYR B 278 -13.33 -31.20 15.15
C TYR B 278 -14.34 -30.25 14.48
N TYR B 279 -14.42 -29.04 14.98
CA TYR B 279 -15.46 -28.10 14.56
C TYR B 279 -15.25 -27.50 13.16
N VAL B 280 -14.01 -27.20 12.79
CA VAL B 280 -13.71 -26.31 11.66
C VAL B 280 -12.95 -26.93 10.49
N ALA B 281 -12.49 -28.17 10.63
CA ALA B 281 -11.63 -28.77 9.62
C ALA B 281 -12.31 -28.85 8.24
N SER B 282 -13.51 -29.42 8.20
CA SER B 282 -14.25 -29.55 6.94
C SER B 282 -15.08 -28.33 6.57
N ALA B 283 -15.04 -27.28 7.38
CA ALA B 283 -15.84 -26.07 7.12
C ALA B 283 -15.22 -25.14 6.08
N PHE B 284 -13.91 -25.18 5.89
CA PHE B 284 -13.22 -24.26 4.99
C PHE B 284 -12.76 -24.97 3.73
N THR B 285 -12.92 -24.31 2.59
CA THR B 285 -12.39 -24.80 1.32
C THR B 285 -11.53 -23.71 0.73
N LEU B 286 -10.29 -24.03 0.36
CA LEU B 286 -9.38 -23.05 -0.22
C LEU B 286 -9.43 -23.10 -1.74
N ALA B 287 -9.52 -21.93 -2.35
CA ALA B 287 -9.50 -21.79 -3.80
C ALA B 287 -8.22 -21.07 -4.18
N VAL B 288 -7.39 -21.73 -4.98
CA VAL B 288 -6.08 -21.20 -5.37
C VAL B 288 -5.99 -21.08 -6.90
N ASN B 289 -5.27 -20.07 -7.39
CA ASN B 289 -5.11 -19.85 -8.84
C ASN B 289 -3.78 -20.42 -9.36
N VAL B 290 -3.84 -21.09 -10.51
CA VAL B 290 -2.63 -21.50 -11.21
C VAL B 290 -2.01 -20.29 -11.90
N ILE B 291 -0.89 -19.83 -11.35
CA ILE B 291 -0.20 -18.64 -11.84
C ILE B 291 0.94 -18.96 -12.81
N ALA B 292 1.27 -20.24 -12.94
CA ALA B 292 2.32 -20.68 -13.87
C ALA B 292 2.30 -22.19 -14.09
N LYS B 293 2.85 -22.63 -15.21
CA LYS B 293 2.99 -24.05 -15.50
C LYS B 293 4.28 -24.34 -16.23
N ALA B 294 4.73 -25.58 -16.13
CA ALA B 294 5.94 -26.06 -16.80
C ALA B 294 5.77 -27.54 -17.13
N VAL B 295 6.06 -27.90 -18.37
CA VAL B 295 5.85 -29.26 -18.87
C VAL B 295 7.17 -29.99 -19.04
N THR B 296 7.13 -31.32 -18.86
CA THR B 296 8.28 -32.19 -19.06
C THR B 296 7.85 -33.36 -19.97
N PRO B 297 8.30 -33.36 -21.23
CA PRO B 297 7.94 -34.45 -22.16
C PRO B 297 8.86 -35.66 -22.01
N ALA B 311 8.57 -39.26 -19.42
CA ALA B 311 7.14 -39.28 -19.13
C ALA B 311 6.58 -37.86 -19.01
N GLN B 312 5.34 -37.66 -19.47
CA GLN B 312 4.70 -36.34 -19.48
C GLN B 312 4.15 -35.95 -18.11
N SER B 313 4.77 -34.96 -17.48
CA SER B 313 4.41 -34.46 -16.17
C SER B 313 4.18 -32.95 -16.22
N PHE B 314 3.43 -32.42 -15.26
CA PHE B 314 3.22 -30.99 -15.17
C PHE B 314 3.62 -30.49 -13.78
N MET B 315 4.06 -29.24 -13.73
CA MET B 315 4.37 -28.55 -12.50
C MET B 315 3.50 -27.32 -12.46
N TYR B 316 2.66 -27.23 -11.45
CA TYR B 316 1.77 -26.09 -11.29
C TYR B 316 2.24 -25.24 -10.13
N TYR B 317 2.24 -23.93 -10.35
CA TYR B 317 2.57 -22.97 -9.32
C TYR B 317 1.30 -22.21 -9.03
N VAL B 318 0.90 -22.21 -7.76
CA VAL B 318 -0.31 -21.52 -7.33
C VAL B 318 0.06 -20.40 -6.37
N ASN B 319 -0.88 -19.49 -6.15
CA ASN B 319 -0.61 -18.27 -5.39
C ASN B 319 -0.83 -18.40 -3.87
N ASP B 320 -0.75 -19.64 -3.37
CA ASP B 320 -0.69 -19.93 -1.95
C ASP B 320 0.23 -21.13 -1.72
N GLY B 321 0.96 -21.13 -0.61
CA GLY B 321 1.92 -22.19 -0.32
C GLY B 321 2.22 -22.41 1.14
N VAL B 322 3.37 -23.03 1.40
CA VAL B 322 3.76 -23.47 2.75
C VAL B 322 4.05 -22.33 3.73
N TYR B 323 4.26 -21.13 3.23
CA TYR B 323 4.41 -19.96 4.10
C TYR B 323 3.06 -19.34 4.42
N GLY B 324 2.07 -19.61 3.58
CA GLY B 324 0.70 -19.21 3.83
C GLY B 324 -0.18 -20.34 4.36
N SER B 325 -1.29 -20.59 3.68
CA SER B 325 -2.32 -21.52 4.17
C SER B 325 -1.86 -22.97 4.33
N PHE B 326 -0.82 -23.36 3.59
CA PHE B 326 -0.34 -24.75 3.63
C PHE B 326 0.83 -24.92 4.60
N ASN B 327 0.95 -24.02 5.57
CA ASN B 327 1.87 -24.18 6.66
C ASN B 327 1.46 -25.38 7.49
N CYS B 328 0.18 -25.73 7.43
CA CYS B 328 -0.35 -26.96 8.04
C CYS B 328 0.41 -28.22 7.63
N ILE B 329 1.04 -28.22 6.47
CA ILE B 329 1.83 -29.37 6.00
C ILE B 329 3.07 -29.59 6.88
N LEU B 330 3.76 -28.51 7.22
CA LEU B 330 4.96 -28.57 8.05
C LEU B 330 4.66 -28.66 9.55
N TYR B 331 3.72 -27.83 10.01
CA TYR B 331 3.37 -27.75 11.43
C TYR B 331 2.37 -28.82 11.89
N ASP B 332 1.42 -29.17 11.03
CA ASP B 332 0.29 -30.02 11.45
C ASP B 332 0.25 -31.41 10.79
N HIS B 333 1.33 -31.82 10.13
CA HIS B 333 1.38 -33.12 9.45
C HIS B 333 0.22 -33.28 8.44
N ALA B 334 -0.17 -32.21 7.75
CA ALA B 334 -1.33 -32.25 6.87
C ALA B 334 -0.97 -32.78 5.49
N VAL B 335 -1.85 -33.61 4.93
CA VAL B 335 -1.74 -34.08 3.55
C VAL B 335 -2.98 -33.60 2.81
N VAL B 336 -2.78 -32.90 1.70
CA VAL B 336 -3.87 -32.25 0.96
C VAL B 336 -4.06 -32.81 -0.44
N ARG B 337 -5.28 -32.77 -0.92
CA ARG B 337 -5.66 -33.24 -2.24
C ARG B 337 -6.09 -32.06 -3.10
N PRO B 338 -5.43 -31.85 -4.24
CA PRO B 338 -5.87 -30.81 -5.18
C PRO B 338 -7.03 -31.31 -6.03
N LEU B 339 -8.01 -30.44 -6.27
CA LEU B 339 -9.25 -30.80 -6.96
C LEU B 339 -9.62 -29.69 -7.93
N PRO B 340 -9.59 -29.96 -9.23
CA PRO B 340 -9.97 -28.94 -10.23
C PRO B 340 -11.42 -28.46 -9.99
N GLN B 341 -11.62 -27.15 -10.00
CA GLN B 341 -12.96 -26.60 -9.83
C GLN B 341 -13.77 -26.71 -11.12
N ARG B 342 -13.08 -26.65 -12.26
CA ARG B 342 -13.70 -26.84 -13.57
C ARG B 342 -14.32 -28.23 -13.70
N GLU B 343 -15.42 -28.31 -14.46
CA GLU B 343 -16.13 -29.57 -14.67
C GLU B 343 -15.21 -30.64 -15.28
N PRO B 344 -15.20 -31.84 -14.71
CA PRO B 344 -14.41 -32.95 -15.27
C PRO B 344 -15.07 -33.55 -16.50
N ILE B 345 -14.45 -33.36 -17.67
CA ILE B 345 -14.94 -33.90 -18.92
C ILE B 345 -14.68 -35.41 -18.96
N PRO B 346 -15.64 -36.21 -19.43
CA PRO B 346 -15.50 -37.68 -19.45
C PRO B 346 -14.28 -38.18 -20.25
N ASN B 347 -13.61 -39.19 -19.71
CA ASN B 347 -12.46 -39.84 -20.36
C ASN B 347 -11.29 -38.90 -20.71
N GLU B 348 -11.11 -37.84 -19.92
CA GLU B 348 -9.99 -36.90 -20.12
C GLU B 348 -8.73 -37.44 -19.46
N LYS B 349 -7.58 -37.13 -20.06
CA LYS B 349 -6.30 -37.71 -19.63
C LYS B 349 -5.82 -37.09 -18.32
N LEU B 350 -5.23 -37.93 -17.46
CA LEU B 350 -4.62 -37.50 -16.19
C LEU B 350 -3.10 -37.70 -16.25
N TYR B 351 -2.35 -36.72 -15.75
CA TYR B 351 -0.90 -36.77 -15.71
C TYR B 351 -0.37 -36.59 -14.28
N PRO B 352 0.79 -37.15 -13.96
CA PRO B 352 1.39 -36.97 -12.64
C PRO B 352 1.84 -35.52 -12.49
N SER B 353 1.43 -34.89 -11.40
CA SER B 353 1.60 -33.45 -11.25
C SER B 353 2.08 -33.06 -9.86
N SER B 354 2.95 -32.06 -9.81
CA SER B 354 3.32 -31.42 -8.56
C SER B 354 2.64 -30.06 -8.48
N VAL B 355 2.35 -29.63 -7.26
CA VAL B 355 1.81 -28.30 -7.01
C VAL B 355 2.78 -27.60 -6.06
N TRP B 356 3.21 -26.40 -6.44
CA TRP B 356 4.18 -25.61 -5.68
C TRP B 356 3.57 -24.28 -5.31
N GLY B 357 4.04 -23.67 -4.22
CA GLY B 357 3.59 -22.35 -3.83
C GLY B 357 4.25 -21.24 -4.63
N PRO B 358 3.84 -19.99 -4.37
CA PRO B 358 4.27 -18.85 -5.17
C PRO B 358 5.65 -18.33 -4.75
N THR B 359 5.97 -18.79 -3.57
CA THR B 359 7.18 -18.42 -2.99
C THR B 359 8.30 -18.91 -3.86
N CYS B 360 9.38 -18.31 -3.49
CA CYS B 360 10.70 -18.42 -4.08
C CYS B 360 11.65 -19.39 -3.33
N ASP B 361 11.11 -20.47 -2.65
CA ASP B 361 11.84 -21.53 -1.86
C ASP B 361 11.58 -22.98 -2.40
N GLY B 362 12.57 -23.88 -2.53
CA GLY B 362 12.44 -25.25 -3.11
C GLY B 362 11.70 -26.20 -2.16
N LEU B 363 11.43 -25.63 -1.01
CA LEU B 363 10.73 -26.33 0.04
C LEU B 363 9.23 -26.02 -0.04
N ASP B 364 8.85 -25.02 -0.81
CA ASP B 364 7.47 -24.59 -0.93
C ASP B 364 6.73 -25.44 -1.96
N GLN B 365 6.42 -26.66 -1.56
CA GLN B 365 5.75 -27.66 -2.39
C GLN B 365 4.52 -28.12 -1.63
N ILE B 366 3.36 -28.05 -2.27
CA ILE B 366 2.10 -28.47 -1.64
C ILE B 366 1.81 -29.94 -1.90
N VAL B 367 1.99 -30.37 -3.14
CA VAL B 367 1.81 -31.79 -3.50
C VAL B 367 2.97 -32.23 -4.38
N GLU B 368 3.59 -33.35 -4.02
CA GLU B 368 4.71 -33.86 -4.80
C GLU B 368 4.22 -34.57 -6.06
N ARG B 369 3.25 -35.46 -5.91
CA ARG B 369 2.77 -36.26 -7.03
C ARG B 369 1.29 -36.63 -6.88
N TYR B 370 0.47 -36.05 -7.75
CA TYR B 370 -0.97 -36.31 -7.77
C TYR B 370 -1.47 -36.26 -9.20
N TYR B 371 -2.43 -37.12 -9.52
CA TYR B 371 -2.91 -37.21 -10.89
C TYR B 371 -4.05 -36.22 -11.17
N LEU B 372 -3.70 -35.17 -11.91
CA LEU B 372 -4.63 -34.12 -12.32
C LEU B 372 -4.67 -33.97 -13.83
N PRO B 373 -5.80 -33.51 -14.38
CA PRO B 373 -5.89 -33.21 -15.81
C PRO B 373 -5.02 -32.01 -16.15
N GLU B 374 -4.67 -31.86 -17.43
CA GLU B 374 -3.86 -30.72 -17.84
C GLU B 374 -4.64 -29.46 -17.50
N MET B 375 -4.00 -28.56 -16.77
CA MET B 375 -4.60 -27.30 -16.36
C MET B 375 -3.95 -26.19 -17.14
N GLN B 376 -4.48 -24.99 -17.01
CA GLN B 376 -3.96 -23.82 -17.70
C GLN B 376 -3.81 -22.66 -16.72
N VAL B 377 -2.95 -21.72 -17.07
CA VAL B 377 -2.76 -20.53 -16.28
C VAL B 377 -4.08 -19.76 -16.24
N GLY B 378 -4.50 -19.35 -15.05
CA GLY B 378 -5.75 -18.65 -14.86
C GLY B 378 -6.86 -19.48 -14.23
N GLU B 379 -6.76 -20.81 -14.37
CA GLU B 379 -7.76 -21.73 -13.82
C GLU B 379 -7.55 -21.92 -12.32
N TRP B 380 -8.47 -22.62 -11.67
CA TRP B 380 -8.47 -22.74 -10.21
C TRP B 380 -8.34 -24.18 -9.72
N LEU B 381 -7.64 -24.33 -8.60
CA LEU B 381 -7.52 -25.60 -7.89
C LEU B 381 -8.16 -25.44 -6.50
N LEU B 382 -8.87 -26.47 -6.07
CA LEU B 382 -9.59 -26.42 -4.80
C LEU B 382 -9.00 -27.43 -3.83
N PHE B 383 -8.92 -27.01 -2.57
CA PHE B 383 -8.44 -27.89 -1.50
C PHE B 383 -9.50 -27.92 -0.41
N GLU B 384 -10.12 -29.07 -0.21
CA GLU B 384 -11.15 -29.23 0.81
C GLU B 384 -10.49 -29.53 2.14
N ASP B 385 -11.27 -29.38 3.21
CA ASP B 385 -10.83 -29.68 4.57
C ASP B 385 -9.65 -28.82 5.02
N MET B 386 -9.76 -27.51 4.80
CA MET B 386 -8.67 -26.58 5.03
C MET B 386 -8.98 -25.53 6.09
N GLY B 387 -9.75 -25.89 7.12
CA GLY B 387 -10.14 -24.95 8.17
C GLY B 387 -9.34 -25.03 9.45
N ALA B 388 -8.56 -26.10 9.62
CA ALA B 388 -7.85 -26.36 10.87
C ALA B 388 -6.35 -26.07 10.75
N TYR B 389 -5.86 -25.15 11.59
CA TYR B 389 -4.45 -24.77 11.61
C TYR B 389 -3.94 -24.37 10.24
N THR B 390 -4.73 -23.58 9.53
CA THR B 390 -4.34 -23.02 8.25
C THR B 390 -4.26 -21.50 8.35
N VAL B 391 -5.40 -20.83 8.54
CA VAL B 391 -5.42 -19.36 8.62
C VAL B 391 -4.69 -18.75 9.82
N VAL B 392 -4.24 -19.60 10.76
CA VAL B 392 -3.60 -19.13 12.01
C VAL B 392 -2.07 -19.19 11.98
N GLY B 393 -1.51 -20.12 11.20
CA GLY B 393 -0.06 -20.24 11.11
C GLY B 393 0.57 -19.51 9.93
N THR B 394 -0.15 -18.55 9.34
CA THR B 394 0.31 -17.87 8.11
C THR B 394 1.28 -16.75 8.41
N SER B 395 2.21 -16.57 7.48
CA SER B 395 3.13 -15.44 7.47
C SER B 395 2.98 -14.73 6.12
N SER B 396 3.68 -13.61 5.96
CA SER B 396 3.68 -12.88 4.69
C SER B 396 5.08 -12.94 4.07
N PHE B 397 5.64 -14.14 4.03
CA PHE B 397 6.96 -14.40 3.47
C PHE B 397 6.93 -14.09 1.97
N ASN B 398 7.95 -13.37 1.50
CA ASN B 398 8.06 -12.92 0.10
C ASN B 398 7.06 -11.81 -0.25
N GLY B 399 6.39 -11.26 0.76
CA GLY B 399 5.38 -10.23 0.55
C GLY B 399 4.06 -10.72 -0.04
N PHE B 400 3.83 -12.03 -0.06
CA PHE B 400 2.58 -12.59 -0.53
C PHE B 400 1.54 -12.54 0.58
N GLN B 401 0.34 -12.07 0.26
CA GLN B 401 -0.72 -11.89 1.24
C GLN B 401 -1.52 -13.18 1.43
N SER B 402 -2.02 -13.38 2.64
CA SER B 402 -2.89 -14.51 2.93
C SER B 402 -4.25 -14.28 2.25
N PRO B 403 -4.95 -15.35 1.89
CA PRO B 403 -6.25 -15.25 1.23
C PRO B 403 -7.35 -14.64 2.09
N THR B 404 -8.30 -13.97 1.44
CA THR B 404 -9.49 -13.43 2.11
C THR B 404 -10.48 -14.54 2.36
N ILE B 405 -11.23 -14.42 3.45
CA ILE B 405 -12.27 -15.39 3.76
C ILE B 405 -13.66 -14.82 3.43
N TYR B 406 -14.45 -15.62 2.73
CA TYR B 406 -15.84 -15.32 2.42
C TYR B 406 -16.71 -16.38 3.08
N TYR B 407 -17.95 -16.03 3.42
CA TYR B 407 -18.79 -16.90 4.24
C TYR B 407 -20.08 -17.32 3.56
N VAL B 408 -20.35 -18.63 3.54
CA VAL B 408 -21.66 -19.16 3.17
C VAL B 408 -22.41 -19.60 4.43
N VAL B 409 -23.69 -19.21 4.52
CA VAL B 409 -24.54 -19.59 5.66
C VAL B 409 -25.63 -20.55 5.19
N SER B 410 -25.29 -21.85 5.16
CA SER B 410 -26.25 -22.91 4.82
C SER B 410 -27.63 -22.63 5.41
N GLY C 37 17.57 20.67 -18.20
CA GLY C 37 17.38 21.57 -17.02
C GLY C 37 15.99 21.47 -16.39
N ASP C 38 15.65 20.29 -15.89
CA ASP C 38 14.36 20.05 -15.23
C ASP C 38 14.29 20.74 -13.87
N PRO C 39 13.08 21.05 -13.41
CA PRO C 39 12.91 21.68 -12.09
C PRO C 39 13.13 20.70 -10.96
N PHE C 40 13.61 21.18 -9.81
CA PHE C 40 13.82 20.30 -8.67
C PHE C 40 13.68 20.99 -7.29
N PHE C 41 13.32 20.19 -6.30
CA PHE C 41 13.26 20.62 -4.91
C PHE C 41 14.54 20.22 -4.19
N VAL C 42 14.98 21.06 -3.26
CA VAL C 42 15.99 20.70 -2.28
C VAL C 42 15.33 20.82 -0.91
N ALA C 43 15.13 19.69 -0.24
CA ALA C 43 14.46 19.61 1.04
C ALA C 43 15.46 19.44 2.17
N ASP C 44 15.52 20.41 3.08
CA ASP C 44 16.37 20.36 4.25
C ASP C 44 15.62 19.71 5.42
N LEU C 45 15.93 18.44 5.68
CA LEU C 45 15.30 17.70 6.76
C LEU C 45 15.73 18.19 8.13
N GLY C 46 16.93 18.77 8.21
CA GLY C 46 17.42 19.38 9.43
C GLY C 46 16.63 20.61 9.84
N ASP C 47 15.96 21.24 8.89
CA ASP C 47 15.06 22.36 9.17
C ASP C 47 13.82 21.87 9.93
N ILE C 48 13.34 20.68 9.60
CA ILE C 48 12.20 20.09 10.29
C ILE C 48 12.55 19.77 11.75
N VAL C 49 13.79 19.35 12.00
CA VAL C 49 14.28 19.08 13.35
C VAL C 49 14.29 20.35 14.21
N ARG C 50 14.78 21.46 13.64
CA ARG C 50 14.83 22.73 14.36
C ARG C 50 13.43 23.25 14.67
N LYS C 51 12.49 23.03 13.75
CA LYS C 51 11.10 23.41 13.96
C LYS C 51 10.50 22.64 15.14
N HIS C 52 10.88 21.36 15.27
CA HIS C 52 10.40 20.53 16.36
C HIS C 52 11.00 20.96 17.70
N GLU C 53 12.27 21.38 17.69
CA GLU C 53 12.95 21.85 18.90
C GLU C 53 12.25 23.10 19.41
N THR C 54 11.97 24.01 18.49
CA THR C 54 11.28 25.26 18.81
C THR C 54 9.86 24.99 19.31
N TRP C 55 9.21 23.95 18.79
CA TRP C 55 7.86 23.60 19.21
C TRP C 55 7.88 23.14 20.67
N LYS C 56 8.74 22.19 21.00
CA LYS C 56 8.86 21.65 22.36
C LYS C 56 9.18 22.73 23.41
N LYS C 57 9.88 23.79 22.98
CA LYS C 57 10.26 24.89 23.86
C LYS C 57 9.10 25.87 24.08
N CYS C 58 8.44 26.27 22.99
CA CYS C 58 7.38 27.29 23.07
C CYS C 58 6.03 26.73 23.53
N LEU C 59 5.80 25.45 23.27
CA LEU C 59 4.54 24.78 23.63
C LEU C 59 4.82 23.41 24.25
N PRO C 60 5.47 23.38 25.42
CA PRO C 60 5.86 22.10 26.05
C PRO C 60 4.67 21.19 26.39
N ARG C 61 3.50 21.77 26.63
CA ARG C 61 2.34 20.98 27.02
C ARG C 61 1.58 20.39 25.85
N VAL C 62 1.91 20.80 24.63
CA VAL C 62 1.13 20.43 23.46
C VAL C 62 1.85 19.40 22.61
N THR C 63 1.23 18.24 22.42
CA THR C 63 1.78 17.19 21.57
C THR C 63 1.36 17.45 20.12
N PRO C 64 2.32 17.62 19.21
CA PRO C 64 1.99 17.86 17.79
C PRO C 64 1.61 16.58 17.03
N PHE C 65 0.50 16.64 16.32
CA PHE C 65 0.10 15.58 15.40
C PHE C 65 0.16 16.21 14.02
N TYR C 66 1.26 15.94 13.32
CA TYR C 66 1.52 16.52 12.00
C TYR C 66 0.40 16.26 10.99
N ALA C 67 -0.09 17.33 10.34
CA ALA C 67 -1.12 17.20 9.32
C ALA C 67 -0.50 16.70 8.00
N VAL C 68 -0.63 15.40 7.75
CA VAL C 68 -0.01 14.74 6.59
C VAL C 68 -0.40 15.38 5.26
N LYS C 69 -1.62 15.90 5.18
CA LYS C 69 -2.14 16.54 3.97
C LYS C 69 -1.23 17.65 3.42
N CYS C 70 -0.54 18.34 4.33
CA CYS C 70 0.31 19.48 3.99
C CYS C 70 1.53 19.09 3.14
N ASN C 71 2.20 18.02 3.53
CA ASN C 71 3.38 17.52 2.83
C ASN C 71 3.57 16.07 3.27
N ASP C 72 3.37 15.14 2.36
CA ASP C 72 3.40 13.72 2.70
C ASP C 72 4.59 13.01 2.09
N ASP C 73 5.65 13.77 1.79
CA ASP C 73 6.90 13.20 1.34
C ASP C 73 7.39 12.22 2.41
N TRP C 74 7.86 11.05 1.99
CA TRP C 74 8.10 9.96 2.93
C TRP C 74 9.29 10.20 3.86
N ARG C 75 10.28 10.94 3.40
CA ARG C 75 11.37 11.36 4.28
C ARG C 75 10.94 12.44 5.27
N VAL C 76 9.97 13.26 4.88
CA VAL C 76 9.36 14.23 5.79
C VAL C 76 8.66 13.50 6.93
N LEU C 77 7.86 12.50 6.57
CA LEU C 77 7.10 11.72 7.53
C LEU C 77 8.01 10.87 8.43
N GLY C 78 9.08 10.33 7.86
CA GLY C 78 10.00 9.47 8.59
C GLY C 78 10.76 10.25 9.62
N THR C 79 11.14 11.46 9.24
CA THR C 79 11.85 12.39 10.12
C THR C 79 10.97 12.77 11.31
N LEU C 80 9.71 13.12 11.03
CA LEU C 80 8.78 13.53 12.09
C LEU C 80 8.46 12.36 13.01
N ALA C 81 8.31 11.17 12.43
CA ALA C 81 8.04 9.96 13.22
C ALA C 81 9.16 9.69 14.23
N ALA C 82 10.40 9.88 13.80
CA ALA C 82 11.57 9.63 14.63
C ALA C 82 11.71 10.71 15.70
N LEU C 83 11.30 11.94 15.37
CA LEU C 83 11.29 13.04 16.33
C LEU C 83 10.26 12.82 17.44
N GLY C 84 9.25 11.98 17.18
CA GLY C 84 8.28 11.60 18.18
C GLY C 84 6.88 12.18 18.01
N THR C 85 6.59 12.76 16.85
CA THR C 85 5.29 13.40 16.63
C THR C 85 4.20 12.36 16.39
N GLY C 86 2.97 12.80 16.59
CA GLY C 86 1.80 12.11 16.07
C GLY C 86 1.55 12.55 14.64
N PHE C 87 0.40 12.12 14.11
CA PHE C 87 0.02 12.42 12.74
C PHE C 87 -1.49 12.57 12.64
N ASP C 88 -1.92 13.66 12.02
CA ASP C 88 -3.33 13.94 11.75
C ASP C 88 -3.59 13.51 10.32
N CYS C 89 -4.40 12.46 10.15
CA CYS C 89 -4.74 11.93 8.84
C CYS C 89 -6.21 12.24 8.53
N ALA C 90 -6.51 12.49 7.26
CA ALA C 90 -7.87 12.83 6.84
C ALA C 90 -8.44 11.82 5.83
N SER C 91 -7.75 10.71 5.62
CA SER C 91 -8.22 9.69 4.68
C SER C 91 -7.66 8.31 4.96
N ASN C 92 -8.29 7.30 4.38
CA ASN C 92 -7.81 5.93 4.43
C ASN C 92 -6.39 5.81 3.87
N THR C 93 -6.11 6.58 2.82
CA THR C 93 -4.81 6.55 2.17
C THR C 93 -3.72 7.12 3.06
N GLU C 94 -4.02 8.19 3.79
CA GLU C 94 -3.02 8.83 4.67
C GLU C 94 -2.78 7.98 5.91
N ILE C 95 -3.83 7.32 6.41
CA ILE C 95 -3.69 6.38 7.51
C ILE C 95 -2.81 5.20 7.09
N GLN C 96 -3.10 4.64 5.91
CA GLN C 96 -2.31 3.54 5.34
C GLN C 96 -0.82 3.93 5.25
N ARG C 97 -0.57 5.18 4.85
CA ARG C 97 0.78 5.66 4.63
C ARG C 97 1.59 5.75 5.92
N VAL C 98 0.98 6.29 6.98
CA VAL C 98 1.71 6.50 8.24
C VAL C 98 1.83 5.19 9.04
N ARG C 99 0.78 4.37 9.01
CA ARG C 99 0.86 3.02 9.57
C ARG C 99 1.93 2.22 8.85
N GLY C 100 2.10 2.48 7.55
CA GLY C 100 3.04 1.77 6.72
C GLY C 100 4.49 2.00 7.09
N ILE C 101 4.81 3.18 7.63
CA ILE C 101 6.18 3.46 8.05
C ILE C 101 6.44 3.12 9.52
N GLY C 102 5.48 2.47 10.17
CA GLY C 102 5.69 1.89 11.50
C GLY C 102 5.07 2.64 12.68
N VAL C 103 4.36 3.72 12.39
CA VAL C 103 3.72 4.53 13.42
C VAL C 103 2.53 3.76 13.98
N PRO C 104 2.44 3.63 15.31
CA PRO C 104 1.31 2.93 15.91
C PRO C 104 0.00 3.74 15.85
N PRO C 105 -1.14 3.05 15.87
CA PRO C 105 -2.45 3.71 15.71
C PRO C 105 -2.82 4.78 16.74
N GLU C 106 -2.24 4.71 17.94
CA GLU C 106 -2.52 5.68 19.00
C GLU C 106 -1.84 7.04 18.79
N LYS C 107 -0.85 7.08 17.89
CA LYS C 107 -0.20 8.33 17.51
C LYS C 107 -0.83 8.90 16.24
N ILE C 108 -2.02 8.42 15.91
CA ILE C 108 -2.79 8.90 14.77
C ILE C 108 -4.15 9.40 15.25
N ILE C 109 -4.53 10.56 14.74
CA ILE C 109 -5.88 11.08 14.90
C ILE C 109 -6.47 11.23 13.52
N TYR C 110 -7.72 10.84 13.38
CA TYR C 110 -8.43 10.89 12.12
C TYR C 110 -9.31 12.14 12.16
N ALA C 111 -8.71 13.29 11.88
CA ALA C 111 -9.38 14.59 12.08
C ALA C 111 -9.99 15.13 10.80
N ASN C 112 -10.79 14.29 10.17
CA ASN C 112 -11.67 14.66 9.08
C ASN C 112 -13.08 14.58 9.69
N PRO C 113 -13.78 15.71 9.84
CA PRO C 113 -15.11 15.70 10.47
C PRO C 113 -16.20 14.99 9.68
N CYS C 114 -16.07 14.92 8.35
CA CYS C 114 -17.10 14.33 7.48
C CYS C 114 -16.53 13.21 6.62
N LYS C 115 -16.53 12.00 7.18
CA LYS C 115 -15.82 10.85 6.65
C LYS C 115 -16.73 9.88 5.89
N GLN C 116 -16.22 9.37 4.76
CA GLN C 116 -16.87 8.29 4.04
C GLN C 116 -16.97 7.04 4.93
N ILE C 117 -18.11 6.34 4.87
CA ILE C 117 -18.35 5.16 5.72
C ILE C 117 -17.25 4.11 5.60
N SER C 118 -16.84 3.79 4.38
CA SER C 118 -15.78 2.79 4.15
C SER C 118 -14.45 3.22 4.75
N HIS C 119 -14.16 4.52 4.68
CA HIS C 119 -12.96 5.08 5.30
C HIS C 119 -12.96 4.94 6.83
N ILE C 120 -14.13 5.08 7.46
CA ILE C 120 -14.24 4.86 8.91
C ILE C 120 -13.97 3.40 9.23
N ARG C 121 -14.53 2.51 8.40
CA ARG C 121 -14.34 1.06 8.54
C ARG C 121 -12.85 0.71 8.49
N TYR C 122 -12.11 1.34 7.58
CA TYR C 122 -10.68 1.11 7.45
C TYR C 122 -9.89 1.59 8.68
N ALA C 123 -10.30 2.75 9.23
CA ALA C 123 -9.64 3.30 10.40
C ALA C 123 -9.84 2.38 11.60
N ARG C 124 -11.08 1.93 11.80
CA ARG C 124 -11.43 0.95 12.82
C ARG C 124 -10.57 -0.32 12.73
N ASP C 125 -10.39 -0.85 11.52
CA ASP C 125 -9.64 -2.10 11.33
C ASP C 125 -8.13 -1.91 11.43
N SER C 126 -7.67 -0.66 11.38
CA SER C 126 -6.27 -0.32 11.54
C SER C 126 -5.97 0.09 12.98
N GLY C 127 -6.98 0.02 13.85
CA GLY C 127 -6.86 0.40 15.25
C GLY C 127 -6.85 1.90 15.52
N VAL C 128 -7.24 2.73 14.55
CA VAL C 128 -7.34 4.18 14.75
C VAL C 128 -8.70 4.56 15.33
N ASP C 129 -8.72 4.99 16.59
CA ASP C 129 -9.97 5.24 17.32
C ASP C 129 -10.35 6.72 17.49
N VAL C 130 -9.38 7.62 17.60
CA VAL C 130 -9.69 9.05 17.77
C VAL C 130 -10.10 9.66 16.43
N MET C 131 -11.36 10.09 16.34
CA MET C 131 -11.86 10.80 15.17
C MET C 131 -12.61 12.04 15.60
N THR C 132 -12.67 13.04 14.72
CA THR C 132 -13.43 14.25 15.01
C THR C 132 -14.80 14.20 14.37
N PHE C 133 -15.65 15.14 14.78
CA PHE C 133 -17.01 15.29 14.24
C PHE C 133 -17.52 16.71 14.56
N ASP C 134 -18.47 17.21 13.75
CA ASP C 134 -19.06 18.53 13.98
C ASP C 134 -20.58 18.57 13.87
N CYS C 135 -21.22 17.40 13.79
CA CYS C 135 -22.68 17.32 13.73
C CYS C 135 -23.18 15.95 14.14
N VAL C 136 -24.50 15.87 14.33
CA VAL C 136 -25.13 14.64 14.79
C VAL C 136 -25.14 13.56 13.72
N ASP C 137 -25.29 13.96 12.47
CA ASP C 137 -25.30 12.99 11.36
C ASP C 137 -24.02 12.15 11.33
N GLU C 138 -22.90 12.76 11.70
CA GLU C 138 -21.62 12.06 11.72
C GLU C 138 -21.60 11.00 12.82
N LEU C 139 -22.18 11.34 13.96
CA LEU C 139 -22.34 10.40 15.06
C LEU C 139 -23.21 9.21 14.68
N GLU C 140 -24.23 9.44 13.85
CA GLU C 140 -25.12 8.37 13.41
C GLU C 140 -24.36 7.35 12.57
N LYS C 141 -23.45 7.84 11.72
CA LYS C 141 -22.56 6.97 10.94
C LYS C 141 -21.64 6.17 11.86
N VAL C 142 -21.09 6.84 12.87
CA VAL C 142 -20.10 6.26 13.76
C VAL C 142 -20.71 5.21 14.68
N ALA C 143 -21.98 5.38 15.03
CA ALA C 143 -22.69 4.40 15.84
C ALA C 143 -22.84 3.10 15.07
N LYS C 144 -23.12 3.21 13.77
CA LYS C 144 -23.30 2.03 12.92
C LYS C 144 -22.00 1.32 12.52
N THR C 145 -20.89 2.07 12.49
CA THR C 145 -19.64 1.60 11.88
C THR C 145 -18.52 1.41 12.89
N HIS C 146 -18.33 2.38 13.77
CA HIS C 146 -17.26 2.34 14.75
C HIS C 146 -17.73 2.88 16.11
N PRO C 147 -18.65 2.17 16.76
CA PRO C 147 -19.28 2.66 18.00
C PRO C 147 -18.34 2.89 19.20
N LYS C 148 -17.18 2.25 19.25
CA LYS C 148 -16.23 2.44 20.35
C LYS C 148 -15.17 3.52 20.08
N ALA C 149 -15.34 4.27 18.98
CA ALA C 149 -14.43 5.37 18.66
C ALA C 149 -14.45 6.45 19.74
N LYS C 150 -13.31 7.10 19.93
CA LYS C 150 -13.20 8.23 20.83
C LYS C 150 -13.36 9.51 20.00
N MET C 151 -14.52 10.15 20.14
CA MET C 151 -14.91 11.26 19.28
C MET C 151 -14.62 12.63 19.88
N VAL C 152 -14.07 13.52 19.05
CA VAL C 152 -13.65 14.84 19.43
C VAL C 152 -14.54 15.84 18.69
N LEU C 153 -15.28 16.62 19.46
CA LEU C 153 -16.22 17.58 18.89
C LEU C 153 -15.45 18.78 18.37
N ARG C 154 -15.49 18.99 17.07
CA ARG C 154 -14.87 20.15 16.46
C ARG C 154 -15.82 21.33 16.53
N ILE C 155 -15.33 22.48 16.98
CA ILE C 155 -16.15 23.69 17.11
C ILE C 155 -15.69 24.80 16.16
N SER C 156 -16.64 25.61 15.72
CA SER C 156 -16.38 26.72 14.80
C SER C 156 -15.51 27.79 15.46
N THR C 157 -14.67 28.46 14.67
CA THR C 157 -13.74 29.49 15.18
C THR C 157 -14.08 30.90 14.65
N GLY C 171 -16.93 22.71 12.16
CA GLY C 171 -17.08 23.37 13.43
C GLY C 171 -18.55 23.55 13.72
N ALA C 172 -19.02 22.86 14.75
CA ALA C 172 -20.32 23.13 15.32
C ALA C 172 -20.26 24.43 16.08
N LYS C 173 -21.31 25.23 15.97
CA LYS C 173 -21.41 26.45 16.76
C LYS C 173 -21.58 26.06 18.22
N VAL C 174 -21.03 26.85 19.13
CA VAL C 174 -21.15 26.59 20.57
C VAL C 174 -22.60 26.54 21.04
N GLU C 175 -23.48 27.29 20.37
CA GLU C 175 -24.91 27.32 20.71
C GLU C 175 -25.57 25.98 20.40
N ASP C 176 -25.08 25.32 19.34
CA ASP C 176 -25.57 24.02 18.93
C ASP C 176 -24.95 22.84 19.71
N CYS C 177 -23.86 23.07 20.41
CA CYS C 177 -23.08 21.99 21.02
C CYS C 177 -23.81 21.26 22.15
N ARG C 178 -24.72 21.94 22.83
CA ARG C 178 -25.47 21.30 23.91
C ARG C 178 -26.30 20.18 23.30
N PHE C 179 -27.11 20.54 22.32
CA PHE C 179 -27.96 19.59 21.61
C PHE C 179 -27.19 18.44 20.96
N ILE C 180 -25.99 18.74 20.47
CA ILE C 180 -25.18 17.72 19.79
C ILE C 180 -24.69 16.68 20.77
N LEU C 181 -24.27 17.12 21.95
CA LEU C 181 -23.79 16.23 23.00
C LEU C 181 -24.91 15.40 23.62
N GLU C 182 -26.11 15.98 23.70
CA GLU C 182 -27.30 15.27 24.20
C GLU C 182 -27.64 14.10 23.27
N GLN C 183 -27.57 14.35 21.97
CA GLN C 183 -27.84 13.33 20.97
C GLN C 183 -26.73 12.26 20.96
N ALA C 184 -25.50 12.66 21.29
CA ALA C 184 -24.37 11.73 21.40
C ALA C 184 -24.55 10.78 22.57
N LYS C 185 -25.12 11.31 23.66
CA LYS C 185 -25.40 10.53 24.86
C LYS C 185 -26.42 9.43 24.55
N LYS C 186 -27.45 9.78 23.79
CA LYS C 186 -28.48 8.84 23.35
C LYS C 186 -27.89 7.72 22.48
N LEU C 187 -26.85 8.05 21.71
CA LEU C 187 -26.20 7.08 20.83
C LEU C 187 -25.08 6.32 21.55
N ASN C 188 -24.83 6.69 22.80
CA ASN C 188 -23.79 6.07 23.62
C ASN C 188 -22.40 6.24 23.02
N ILE C 189 -22.16 7.38 22.39
CA ILE C 189 -20.87 7.71 21.80
C ILE C 189 -19.92 8.09 22.92
N ASP C 190 -18.69 7.62 22.83
CA ASP C 190 -17.64 8.02 23.76
C ASP C 190 -16.99 9.33 23.30
N VAL C 191 -17.65 10.46 23.61
CA VAL C 191 -17.07 11.78 23.32
C VAL C 191 -15.96 12.02 24.33
N THR C 192 -14.74 12.26 23.85
CA THR C 192 -13.57 12.41 24.72
C THR C 192 -12.84 13.71 24.58
N GLY C 193 -13.36 14.65 23.80
CA GLY C 193 -12.65 15.90 23.64
C GLY C 193 -13.31 16.98 22.82
N VAL C 194 -12.54 18.03 22.61
CA VAL C 194 -12.95 19.16 21.79
C VAL C 194 -11.77 19.57 20.93
N SER C 195 -12.04 19.93 19.69
CA SER C 195 -11.01 20.49 18.81
C SER C 195 -11.49 21.75 18.12
N PHE C 196 -10.54 22.50 17.59
CA PHE C 196 -10.84 23.62 16.71
C PHE C 196 -9.69 23.85 15.75
N HIS C 197 -9.99 24.62 14.70
CA HIS C 197 -9.00 25.02 13.71
C HIS C 197 -9.18 26.48 13.36
N VAL C 198 -8.22 27.30 13.78
CA VAL C 198 -8.24 28.73 13.51
C VAL C 198 -7.91 29.03 12.04
N GLY C 199 -6.98 28.26 11.47
CA GLY C 199 -6.53 28.49 10.11
C GLY C 199 -5.29 29.36 10.13
N SER C 200 -4.69 29.58 8.96
CA SER C 200 -3.41 30.28 8.87
C SER C 200 -3.52 31.81 8.72
N GLY C 201 -4.71 32.32 8.43
CA GLY C 201 -4.88 33.73 8.12
C GLY C 201 -5.13 34.63 9.32
N SER C 202 -4.39 34.41 10.41
CA SER C 202 -4.60 35.13 11.66
C SER C 202 -3.74 36.39 11.73
N THR C 203 -4.37 37.54 11.94
CA THR C 203 -3.65 38.80 12.15
C THR C 203 -3.37 39.00 13.64
N ASP C 204 -4.32 38.56 14.47
CA ASP C 204 -4.19 38.61 15.92
C ASP C 204 -4.18 37.19 16.49
N ALA C 205 -3.35 36.96 17.50
CA ALA C 205 -3.32 35.69 18.22
C ALA C 205 -4.54 35.51 19.14
N SER C 206 -5.35 36.56 19.25
CA SER C 206 -6.59 36.53 20.02
C SER C 206 -7.60 35.48 19.53
N THR C 207 -7.46 35.04 18.28
CA THR C 207 -8.32 33.99 17.74
C THR C 207 -8.13 32.69 18.50
N PHE C 208 -6.87 32.38 18.83
CA PHE C 208 -6.54 31.18 19.60
C PHE C 208 -7.06 31.25 21.01
N ALA C 209 -6.90 32.40 21.67
CA ALA C 209 -7.37 32.58 23.04
C ALA C 209 -8.89 32.44 23.13
N GLN C 210 -9.60 32.99 22.14
CA GLN C 210 -11.06 32.91 22.12
C GLN C 210 -11.52 31.47 21.94
N ALA C 211 -10.84 30.75 21.04
CA ALA C 211 -11.20 29.35 20.75
C ALA C 211 -10.94 28.44 21.94
N ILE C 212 -9.89 28.73 22.72
CA ILE C 212 -9.61 27.93 23.92
C ILE C 212 -10.66 28.16 25.01
N SER C 213 -11.11 29.41 25.14
CA SER C 213 -12.17 29.75 26.10
C SER C 213 -13.47 29.04 25.76
N ASP C 214 -13.84 29.10 24.49
CA ASP C 214 -15.00 28.40 23.97
C ASP C 214 -14.88 26.87 24.14
N SER C 215 -13.67 26.36 23.98
CA SER C 215 -13.41 24.93 24.13
C SER C 215 -13.70 24.49 25.55
N ARG C 216 -13.28 25.30 26.53
CA ARG C 216 -13.57 25.02 27.94
C ARG C 216 -15.07 24.95 28.21
N PHE C 217 -15.83 25.82 27.55
CA PHE C 217 -17.29 25.86 27.73
C PHE C 217 -17.96 24.57 27.24
N VAL C 218 -17.48 24.06 26.11
CA VAL C 218 -18.00 22.81 25.56
C VAL C 218 -17.45 21.63 26.38
N PHE C 219 -16.22 21.76 26.89
CA PHE C 219 -15.60 20.73 27.72
C PHE C 219 -16.44 20.46 28.97
N ASP C 220 -16.85 21.55 29.64
CA ASP C 220 -17.63 21.47 30.88
C ASP C 220 -19.02 20.91 30.61
N MET C 221 -19.54 21.19 29.41
CA MET C 221 -20.82 20.65 28.99
C MET C 221 -20.74 19.13 28.85
N GLY C 222 -19.62 18.65 28.30
CA GLY C 222 -19.40 17.23 28.13
C GLY C 222 -19.34 16.51 29.47
N THR C 223 -18.57 17.09 30.41
CA THR C 223 -18.41 16.51 31.74
C THR C 223 -19.76 16.44 32.46
N GLU C 224 -20.49 17.54 32.43
CA GLU C 224 -21.82 17.62 33.02
C GLU C 224 -22.76 16.51 32.54
N LEU C 225 -22.70 16.20 31.25
CA LEU C 225 -23.58 15.20 30.64
C LEU C 225 -23.11 13.75 30.85
N GLY C 226 -21.91 13.57 31.42
CA GLY C 226 -21.42 12.26 31.79
C GLY C 226 -20.35 11.68 30.88
N PHE C 227 -19.83 12.48 29.97
CA PHE C 227 -18.73 12.07 29.09
C PHE C 227 -17.39 12.15 29.81
N ASN C 228 -16.46 11.29 29.40
CA ASN C 228 -15.08 11.32 29.87
C ASN C 228 -14.28 12.23 28.95
N MET C 229 -14.29 13.52 29.25
CA MET C 229 -13.59 14.49 28.43
C MET C 229 -12.12 14.52 28.83
N HIS C 230 -11.24 14.22 27.88
CA HIS C 230 -9.81 14.18 28.18
C HIS C 230 -8.85 14.73 27.11
N ILE C 231 -9.36 15.23 25.99
CA ILE C 231 -8.51 15.76 24.92
C ILE C 231 -8.92 17.16 24.50
N LEU C 232 -7.97 18.08 24.49
CA LEU C 232 -8.13 19.36 23.81
C LEU C 232 -7.20 19.38 22.62
N ASP C 233 -7.76 19.65 21.45
CA ASP C 233 -7.01 19.68 20.21
C ASP C 233 -7.10 21.09 19.60
N ILE C 234 -5.99 21.82 19.57
CA ILE C 234 -6.02 23.25 19.17
C ILE C 234 -5.68 23.52 17.70
N GLY C 235 -5.65 22.46 16.89
CA GLY C 235 -5.60 22.58 15.45
C GLY C 235 -4.27 23.06 14.91
N GLY C 236 -4.31 23.61 13.71
CA GLY C 236 -3.14 24.17 13.05
C GLY C 236 -3.30 25.65 12.75
N GLY C 237 -2.48 26.14 11.81
CA GLY C 237 -2.50 27.53 11.40
C GLY C 237 -1.23 28.26 11.75
N PHE C 238 -0.34 27.59 12.47
CA PHE C 238 0.91 28.21 12.93
C PHE C 238 1.80 28.49 11.74
N PRO C 239 2.49 29.64 11.76
CA PRO C 239 3.34 30.04 10.64
C PRO C 239 4.59 29.16 10.54
N GLY C 240 4.99 28.81 9.33
CA GLY C 240 6.19 28.02 9.11
C GLY C 240 7.27 28.76 8.35
N THR C 241 7.12 30.08 8.22
CA THR C 241 8.07 30.92 7.48
C THR C 241 8.55 32.11 8.30
N ARG C 242 9.60 32.77 7.80
CA ARG C 242 10.14 34.00 8.39
C ARG C 242 9.37 35.23 7.91
N ASP C 243 8.63 35.08 6.83
CA ASP C 243 7.84 36.18 6.26
C ASP C 243 6.66 36.59 7.12
N ALA C 244 6.06 35.62 7.81
CA ALA C 244 4.79 35.84 8.52
C ALA C 244 4.84 37.06 9.44
N PRO C 245 3.79 37.87 9.44
CA PRO C 245 3.71 39.02 10.35
C PRO C 245 3.51 38.60 11.80
N LEU C 246 2.55 37.70 12.04
CA LEU C 246 2.27 37.16 13.37
C LEU C 246 3.16 35.96 13.62
N LYS C 247 4.11 36.10 14.54
CA LYS C 247 5.15 35.10 14.75
C LYS C 247 4.66 33.92 15.58
N PHE C 248 5.35 32.79 15.42
CA PHE C 248 5.05 31.59 16.18
C PHE C 248 5.28 31.81 17.68
N GLU C 249 6.28 32.61 18.02
CA GLU C 249 6.67 32.82 19.42
C GLU C 249 5.58 33.54 20.19
N GLU C 250 5.01 34.60 19.61
CA GLU C 250 3.93 35.34 20.26
C GLU C 250 2.58 34.59 20.23
N ILE C 251 2.35 33.78 19.20
CA ILE C 251 1.17 32.92 19.17
C ILE C 251 1.22 31.94 20.35
N ALA C 252 2.37 31.31 20.53
CA ALA C 252 2.57 30.34 21.62
C ALA C 252 2.38 30.97 23.00
N GLY C 253 2.79 32.24 23.15
CA GLY C 253 2.65 32.95 24.40
C GLY C 253 1.20 33.16 24.78
N VAL C 254 0.38 33.55 23.80
CA VAL C 254 -1.06 33.72 24.03
C VAL C 254 -1.76 32.38 24.23
N ILE C 255 -1.27 31.33 23.58
CA ILE C 255 -1.83 29.98 23.76
C ILE C 255 -1.55 29.48 25.17
N ASN C 256 -0.33 29.64 25.64
CA ASN C 256 0.05 29.21 26.98
C ASN C 256 -0.73 29.93 28.08
N ASN C 257 -0.94 31.25 27.92
CA ASN C 257 -1.70 32.03 28.90
C ASN C 257 -3.15 31.57 28.97
N ALA C 258 -3.77 31.35 27.81
CA ALA C 258 -5.14 30.85 27.77
C ALA C 258 -5.23 29.41 28.29
N LEU C 259 -4.16 28.65 28.17
CA LEU C 259 -4.11 27.25 28.62
C LEU C 259 -4.05 27.21 30.15
N GLU C 260 -3.16 28.00 30.74
CA GLU C 260 -3.05 28.16 32.19
C GLU C 260 -4.42 28.59 32.77
N LYS C 261 -5.03 29.58 32.13
CA LYS C 261 -6.30 30.13 32.58
C LYS C 261 -7.45 29.12 32.53
N HIS C 262 -7.63 28.48 31.38
CA HIS C 262 -8.81 27.66 31.11
C HIS C 262 -8.57 26.16 31.24
N PHE C 263 -7.37 25.69 30.88
CA PHE C 263 -7.03 24.26 30.95
C PHE C 263 -5.76 24.02 31.77
N PRO C 264 -5.78 24.34 33.07
CA PRO C 264 -4.59 24.15 33.89
C PRO C 264 -4.20 22.67 34.00
N PRO C 265 -2.93 22.39 34.28
CA PRO C 265 -2.41 21.01 34.30
C PRO C 265 -3.26 19.98 35.05
N ASP C 266 -3.42 18.82 34.42
CA ASP C 266 -4.33 17.79 34.89
C ASP C 266 -3.88 16.46 34.27
N LEU C 267 -3.71 15.43 35.09
CA LEU C 267 -3.20 14.14 34.62
C LEU C 267 -4.13 13.43 33.63
N LYS C 268 -5.43 13.72 33.71
CA LYS C 268 -6.40 13.18 32.77
C LYS C 268 -6.45 13.95 31.44
N LEU C 269 -5.87 15.15 31.40
CA LEU C 269 -5.94 16.02 30.24
C LEU C 269 -4.69 15.93 29.36
N THR C 270 -4.90 15.70 28.06
CA THR C 270 -3.85 15.75 27.05
C THR C 270 -4.17 16.89 26.07
N ILE C 271 -3.21 17.80 25.89
CA ILE C 271 -3.34 18.87 24.91
C ILE C 271 -2.59 18.46 23.65
N VAL C 272 -3.22 18.71 22.52
CA VAL C 272 -2.78 18.17 21.24
C VAL C 272 -2.98 19.26 20.18
N ALA C 273 -2.18 19.24 19.12
CA ALA C 273 -2.32 20.18 18.01
C ALA C 273 -2.15 19.47 16.68
N GLU C 274 -2.51 20.14 15.61
CA GLU C 274 -2.44 19.61 14.26
C GLU C 274 -1.65 20.51 13.32
N PRO C 275 -0.38 20.80 13.61
CA PRO C 275 0.42 21.68 12.74
C PRO C 275 0.76 21.01 11.41
N GLY C 276 0.70 21.78 10.33
CA GLY C 276 1.09 21.30 9.01
C GLY C 276 2.24 22.13 8.47
N ARG C 277 1.94 23.33 7.99
CA ARG C 277 2.92 24.20 7.36
C ARG C 277 4.04 24.59 8.32
N TYR C 278 3.73 24.62 9.62
CA TYR C 278 4.74 24.96 10.63
C TYR C 278 6.00 24.13 10.44
N TYR C 279 5.83 22.84 10.27
CA TYR C 279 6.97 21.90 10.19
C TYR C 279 7.72 21.92 8.87
N VAL C 280 7.04 22.22 7.77
CA VAL C 280 7.60 21.97 6.43
C VAL C 280 7.71 23.15 5.46
N ALA C 281 7.04 24.26 5.75
CA ALA C 281 6.99 25.39 4.80
C ALA C 281 8.39 25.85 4.39
N SER C 282 9.26 26.11 5.36
CA SER C 282 10.60 26.64 5.06
C SER C 282 11.63 25.58 4.66
N ALA C 283 11.31 24.30 4.85
CA ALA C 283 12.26 23.22 4.58
C ALA C 283 12.52 22.95 3.09
N PHE C 284 11.61 23.39 2.21
CA PHE C 284 11.76 23.13 0.77
C PHE C 284 12.09 24.40 0.00
N THR C 285 13.06 24.29 -0.91
CA THR C 285 13.36 25.33 -1.88
C THR C 285 13.18 24.75 -3.28
N LEU C 286 12.44 25.46 -4.13
CA LEU C 286 12.19 25.03 -5.49
C LEU C 286 13.12 25.76 -6.45
N ALA C 287 13.77 24.99 -7.32
CA ALA C 287 14.61 25.53 -8.37
C ALA C 287 13.89 25.28 -9.70
N VAL C 288 13.77 26.34 -10.50
CA VAL C 288 13.02 26.29 -11.75
C VAL C 288 13.90 26.89 -12.86
N ASN C 289 13.85 26.33 -14.07
CA ASN C 289 14.64 26.84 -15.19
C ASN C 289 13.84 27.81 -16.04
N VAL C 290 14.46 28.91 -16.43
CA VAL C 290 13.87 29.83 -17.39
C VAL C 290 13.96 29.19 -18.77
N ILE C 291 12.82 28.73 -19.28
CA ILE C 291 12.79 28.03 -20.56
C ILE C 291 12.55 28.94 -21.75
N ALA C 292 12.02 30.14 -21.47
CA ALA C 292 11.73 31.12 -22.51
C ALA C 292 11.65 32.53 -21.96
N LYS C 293 11.70 33.50 -22.87
CA LYS C 293 11.84 34.90 -22.51
C LYS C 293 11.31 35.78 -23.64
N ALA C 294 10.58 36.84 -23.29
CA ALA C 294 10.01 37.77 -24.26
C ALA C 294 10.24 39.18 -23.78
N VAL C 295 10.74 40.04 -24.67
CA VAL C 295 11.04 41.43 -24.35
C VAL C 295 9.89 42.33 -24.77
N THR C 296 9.66 43.39 -24.00
CA THR C 296 8.59 44.34 -24.27
C THR C 296 9.01 45.74 -23.81
N GLN C 312 10.25 49.24 -20.10
CA GLN C 312 11.22 48.16 -20.28
C GLN C 312 10.86 46.97 -19.38
N SER C 313 10.11 46.02 -19.93
CA SER C 313 9.65 44.85 -19.18
C SER C 313 10.22 43.55 -19.74
N PHE C 314 10.06 42.48 -18.95
CA PHE C 314 10.38 41.13 -19.40
C PHE C 314 9.29 40.15 -18.98
N MET C 315 9.14 39.09 -19.75
CA MET C 315 8.26 37.97 -19.43
C MET C 315 9.08 36.71 -19.44
N TYR C 316 9.19 36.05 -18.30
CA TYR C 316 9.95 34.82 -18.19
C TYR C 316 8.99 33.63 -18.03
N TYR C 317 9.20 32.58 -18.81
CA TYR C 317 8.47 31.34 -18.63
C TYR C 317 9.40 30.36 -17.97
N VAL C 318 8.89 29.66 -16.96
CA VAL C 318 9.67 28.64 -16.28
C VAL C 318 8.96 27.29 -16.38
N ASN C 319 9.67 26.22 -16.03
CA ASN C 319 9.17 24.85 -16.20
C ASN C 319 8.47 24.24 -14.97
N ASP C 320 7.86 25.10 -14.17
CA ASP C 320 6.89 24.69 -13.15
C ASP C 320 5.88 25.83 -12.98
N GLY C 321 4.64 25.49 -12.65
CA GLY C 321 3.58 26.49 -12.55
C GLY C 321 2.40 26.13 -11.65
N VAL C 322 1.26 26.76 -11.91
CA VAL C 322 0.08 26.65 -11.06
C VAL C 322 -0.56 25.26 -11.10
N TYR C 323 -0.35 24.51 -12.17
CA TYR C 323 -0.77 23.12 -12.24
C TYR C 323 0.18 22.18 -11.50
N GLY C 324 1.43 22.60 -11.33
CA GLY C 324 2.38 21.87 -10.52
C GLY C 324 2.55 22.41 -9.11
N SER C 325 3.77 22.81 -8.78
CA SER C 325 4.15 23.19 -7.41
C SER C 325 3.50 24.47 -6.93
N PHE C 326 3.31 25.41 -7.84
CA PHE C 326 2.68 26.69 -7.52
C PHE C 326 1.14 26.62 -7.48
N ASN C 327 0.57 25.42 -7.35
CA ASN C 327 -0.87 25.29 -7.14
C ASN C 327 -1.28 25.96 -5.84
N CYS C 328 -0.33 26.05 -4.88
CA CYS C 328 -0.51 26.80 -3.65
C CYS C 328 -1.01 28.23 -3.83
N ILE C 329 -0.70 28.85 -4.97
CA ILE C 329 -1.20 30.20 -5.25
C ILE C 329 -2.73 30.22 -5.30
N LEU C 330 -3.32 29.21 -5.93
CA LEU C 330 -4.76 29.12 -6.08
C LEU C 330 -5.45 28.50 -4.86
N TYR C 331 -4.91 27.40 -4.37
CA TYR C 331 -5.56 26.62 -3.31
C TYR C 331 -5.21 27.07 -1.90
N ASP C 332 -4.09 27.75 -1.75
CA ASP C 332 -3.56 28.09 -0.43
C ASP C 332 -3.22 29.57 -0.23
N HIS C 333 -3.72 30.44 -1.11
CA HIS C 333 -3.53 31.89 -0.97
C HIS C 333 -2.06 32.29 -0.87
N ALA C 334 -1.18 31.50 -1.50
CA ALA C 334 0.25 31.70 -1.35
C ALA C 334 0.72 32.80 -2.29
N VAL C 335 1.62 33.63 -1.79
CA VAL C 335 2.33 34.61 -2.63
C VAL C 335 3.81 34.29 -2.52
N VAL C 336 4.47 34.25 -3.68
CA VAL C 336 5.86 33.80 -3.77
C VAL C 336 6.72 34.89 -4.37
N ARG C 337 8.03 34.78 -4.16
CA ARG C 337 8.99 35.77 -4.64
C ARG C 337 10.15 35.05 -5.34
N PRO C 338 10.39 35.36 -6.60
CA PRO C 338 11.45 34.71 -7.37
C PRO C 338 12.83 35.24 -6.98
N LEU C 339 13.82 34.35 -6.94
CA LEU C 339 15.17 34.69 -6.49
C LEU C 339 16.19 34.10 -7.45
N PRO C 340 16.88 34.94 -8.23
CA PRO C 340 17.95 34.44 -9.09
C PRO C 340 18.95 33.60 -8.30
N GLN C 341 19.34 32.45 -8.85
CA GLN C 341 20.34 31.60 -8.20
C GLN C 341 21.74 32.17 -8.48
N ARG C 342 21.87 32.91 -9.57
CA ARG C 342 23.12 33.53 -9.95
C ARG C 342 23.46 34.68 -9.00
N GLU C 343 24.75 34.86 -8.74
CA GLU C 343 25.23 35.91 -7.85
C GLU C 343 24.82 37.29 -8.38
N PRO C 344 24.24 38.12 -7.53
CA PRO C 344 23.81 39.46 -7.94
C PRO C 344 25.00 40.40 -8.07
N ILE C 345 25.18 40.97 -9.25
CA ILE C 345 26.28 41.92 -9.51
C ILE C 345 25.90 43.34 -9.07
N PRO C 346 26.85 44.11 -8.55
CA PRO C 346 26.56 45.47 -8.06
C PRO C 346 26.04 46.43 -9.12
N ASN C 347 25.07 47.25 -8.74
CA ASN C 347 24.56 48.33 -9.59
C ASN C 347 23.71 47.90 -10.79
N GLU C 348 23.42 46.60 -10.91
CA GLU C 348 22.68 46.11 -12.07
C GLU C 348 21.26 46.66 -12.11
N LYS C 349 20.76 46.89 -13.32
CA LYS C 349 19.42 47.42 -13.51
C LYS C 349 18.39 46.31 -13.24
N LEU C 350 17.38 46.65 -12.45
CA LEU C 350 16.26 45.75 -12.16
C LEU C 350 15.06 46.22 -12.98
N TYR C 351 14.48 45.30 -13.76
CA TYR C 351 13.32 45.61 -14.59
C TYR C 351 12.06 44.96 -14.02
N PRO C 352 10.92 45.58 -14.26
CA PRO C 352 9.64 44.95 -13.91
C PRO C 352 9.39 43.72 -14.80
N SER C 353 9.03 42.60 -14.16
CA SER C 353 9.01 41.30 -14.84
C SER C 353 7.85 40.43 -14.35
N SER C 354 7.23 39.71 -15.28
CA SER C 354 6.28 38.67 -14.92
C SER C 354 6.93 37.29 -15.11
N VAL C 355 6.51 36.32 -14.30
CA VAL C 355 6.99 34.94 -14.40
C VAL C 355 5.78 34.02 -14.61
N TRP C 356 5.82 33.24 -15.69
CA TRP C 356 4.73 32.35 -16.07
C TRP C 356 5.14 30.88 -16.04
N GLY C 357 4.17 30.00 -15.82
CA GLY C 357 4.40 28.57 -15.86
C GLY C 357 4.44 28.03 -17.27
N PRO C 358 4.80 26.75 -17.43
CA PRO C 358 5.03 26.17 -18.75
C PRO C 358 3.77 25.87 -19.59
N THR C 359 2.59 25.88 -18.99
CA THR C 359 1.38 25.46 -19.70
C THR C 359 0.86 26.51 -20.69
N CYS C 360 -0.07 26.06 -21.52
CA CYS C 360 -0.65 26.88 -22.56
C CYS C 360 -1.81 27.75 -22.03
N ASP C 361 -2.00 27.77 -20.71
CA ASP C 361 -3.08 28.49 -20.05
C ASP C 361 -2.66 29.92 -19.72
N GLY C 362 -3.51 30.90 -20.00
CA GLY C 362 -3.27 32.28 -19.62
C GLY C 362 -3.30 32.51 -18.11
N LEU C 363 -4.06 31.67 -17.41
CA LEU C 363 -4.14 31.69 -15.95
C LEU C 363 -2.88 31.18 -15.24
N ASP C 364 -1.99 30.53 -15.97
CA ASP C 364 -0.76 29.96 -15.40
C ASP C 364 0.33 31.03 -15.25
N GLN C 365 0.16 31.89 -14.24
CA GLN C 365 1.09 32.98 -13.93
C GLN C 365 1.49 32.88 -12.45
N ILE C 366 2.80 32.91 -12.20
CA ILE C 366 3.35 32.78 -10.85
C ILE C 366 3.55 34.15 -10.18
N VAL C 367 4.08 35.09 -10.96
CA VAL C 367 4.37 36.45 -10.49
C VAL C 367 3.82 37.47 -11.49
N GLU C 368 3.06 38.45 -11.00
CA GLU C 368 2.45 39.43 -11.90
C GLU C 368 3.45 40.50 -12.30
N ARG C 369 4.21 41.01 -11.33
CA ARG C 369 5.08 42.15 -11.56
C ARG C 369 6.07 42.32 -10.40
N TYR C 370 7.26 41.78 -10.58
CA TYR C 370 8.32 41.76 -9.56
C TYR C 370 9.64 42.19 -10.20
N TYR C 371 10.44 42.95 -9.46
CA TYR C 371 11.70 43.45 -10.01
C TYR C 371 12.82 42.42 -9.92
N LEU C 372 13.29 42.00 -11.10
CA LEU C 372 14.42 41.08 -11.21
C LEU C 372 15.45 41.65 -12.19
N PRO C 373 16.68 41.15 -12.15
CA PRO C 373 17.67 41.49 -13.19
C PRO C 373 17.28 40.86 -14.53
N GLU C 374 17.99 41.21 -15.61
CA GLU C 374 17.76 40.58 -16.89
C GLU C 374 18.26 39.13 -16.81
N MET C 375 17.32 38.20 -16.99
CA MET C 375 17.62 36.77 -16.99
C MET C 375 17.83 36.30 -18.42
N GLN C 376 18.52 35.18 -18.54
CA GLN C 376 18.70 34.50 -19.81
C GLN C 376 18.05 33.12 -19.73
N VAL C 377 17.61 32.60 -20.88
CA VAL C 377 17.17 31.22 -20.99
C VAL C 377 18.31 30.32 -20.54
N GLY C 378 18.01 29.36 -19.67
CA GLY C 378 18.98 28.40 -19.17
C GLY C 378 19.39 28.68 -17.74
N GLU C 379 19.12 29.89 -17.26
CA GLU C 379 19.40 30.29 -15.88
C GLU C 379 18.24 29.92 -14.97
N TRP C 380 18.52 29.85 -13.67
CA TRP C 380 17.56 29.36 -12.68
C TRP C 380 16.97 30.47 -11.82
N LEU C 381 15.68 30.31 -11.51
CA LEU C 381 15.01 31.09 -10.49
C LEU C 381 14.70 30.18 -9.31
N LEU C 382 14.83 30.71 -8.11
CA LEU C 382 14.64 29.94 -6.88
C LEU C 382 13.44 30.48 -6.14
N PHE C 383 12.74 29.60 -5.45
CA PHE C 383 11.58 29.97 -4.67
C PHE C 383 11.70 29.29 -3.32
N GLU C 384 11.95 30.09 -2.29
CA GLU C 384 12.08 29.58 -0.93
C GLU C 384 10.72 29.37 -0.31
N ASP C 385 10.71 28.65 0.81
CA ASP C 385 9.51 28.44 1.60
C ASP C 385 8.38 27.79 0.78
N MET C 386 8.75 26.75 0.04
CA MET C 386 7.84 26.04 -0.86
C MET C 386 7.54 24.61 -0.40
N GLY C 387 7.45 24.43 0.93
CA GLY C 387 7.25 23.12 1.52
C GLY C 387 5.82 22.77 1.85
N ALA C 388 4.98 23.77 2.11
CA ALA C 388 3.60 23.56 2.51
C ALA C 388 2.63 23.65 1.31
N TYR C 389 1.81 22.62 1.16
CA TYR C 389 0.74 22.59 0.16
C TYR C 389 1.23 22.86 -1.25
N THR C 390 2.38 22.26 -1.59
CA THR C 390 2.99 22.43 -2.90
C THR C 390 2.97 21.10 -3.65
N VAL C 391 3.85 20.18 -3.26
CA VAL C 391 3.92 18.87 -3.91
C VAL C 391 2.60 18.08 -3.85
N VAL C 392 1.85 18.25 -2.76
CA VAL C 392 0.60 17.51 -2.54
C VAL C 392 -0.58 17.89 -3.46
N GLY C 393 -0.57 19.11 -4.03
CA GLY C 393 -1.63 19.54 -4.92
C GLY C 393 -1.29 19.54 -6.41
N THR C 394 -0.20 18.86 -6.78
CA THR C 394 0.27 18.88 -8.18
C THR C 394 -0.54 17.97 -9.08
N SER C 395 -0.64 18.36 -10.34
CA SER C 395 -1.24 17.56 -11.39
C SER C 395 -0.25 17.44 -12.54
N SER C 396 -0.49 16.48 -13.45
CA SER C 396 0.36 16.30 -14.62
C SER C 396 -0.25 16.97 -15.87
N PHE C 397 -0.87 18.14 -15.67
CA PHE C 397 -1.51 18.88 -16.76
C PHE C 397 -0.50 19.31 -17.84
N ASN C 398 -0.95 19.27 -19.10
CA ASN C 398 -0.08 19.43 -20.28
C ASN C 398 1.02 18.35 -20.37
N GLY C 399 0.93 17.32 -19.55
CA GLY C 399 1.97 16.31 -19.45
C GLY C 399 3.22 16.69 -18.67
N PHE C 400 3.29 17.94 -18.19
CA PHE C 400 4.48 18.42 -17.48
C PHE C 400 4.66 17.68 -16.16
N GLN C 401 5.88 17.25 -15.90
CA GLN C 401 6.20 16.38 -14.76
C GLN C 401 6.53 17.19 -13.51
N SER C 402 6.04 16.74 -12.36
CA SER C 402 6.35 17.36 -11.08
C SER C 402 7.81 17.12 -10.69
N PRO C 403 8.47 18.16 -10.16
CA PRO C 403 9.91 18.12 -9.88
C PRO C 403 10.36 17.03 -8.91
N THR C 404 11.59 16.56 -9.11
CA THR C 404 12.20 15.54 -8.26
C THR C 404 12.75 16.18 -7.00
N ILE C 405 12.65 15.47 -5.88
CA ILE C 405 13.08 16.00 -4.58
C ILE C 405 14.42 15.42 -4.15
N TYR C 406 15.42 16.28 -4.04
CA TYR C 406 16.72 15.94 -3.45
C TYR C 406 16.74 16.36 -1.99
N TYR C 407 17.42 15.59 -1.15
CA TYR C 407 17.43 15.81 0.29
C TYR C 407 18.81 16.18 0.79
N VAL C 408 18.85 17.00 1.84
CA VAL C 408 20.06 17.32 2.58
C VAL C 408 19.74 17.37 4.08
N VAL C 409 20.78 17.35 4.91
CA VAL C 409 20.61 17.50 6.36
C VAL C 409 21.70 18.42 6.94
N GLY D 37 -18.51 2.79 -2.04
CA GLY D 37 -19.22 3.91 -2.73
C GLY D 37 -18.28 4.94 -3.33
N ASP D 38 -17.26 4.47 -4.04
CA ASP D 38 -16.26 5.35 -4.68
C ASP D 38 -16.85 6.07 -5.90
N PRO D 39 -16.29 7.22 -6.24
CA PRO D 39 -16.77 8.00 -7.40
C PRO D 39 -16.27 7.40 -8.72
N PHE D 40 -17.05 7.55 -9.80
CA PHE D 40 -16.62 7.03 -11.09
C PHE D 40 -17.15 7.84 -12.27
N PHE D 41 -16.42 7.78 -13.38
CA PHE D 41 -16.82 8.39 -14.63
C PHE D 41 -17.43 7.34 -15.52
N VAL D 42 -18.43 7.73 -16.30
CA VAL D 42 -18.92 6.90 -17.41
C VAL D 42 -18.67 7.71 -18.68
N ALA D 43 -17.78 7.19 -19.52
CA ALA D 43 -17.36 7.88 -20.74
C ALA D 43 -18.00 7.27 -21.98
N ASP D 44 -18.92 8.02 -22.59
CA ASP D 44 -19.55 7.62 -23.83
C ASP D 44 -18.66 8.00 -25.01
N LEU D 45 -17.87 7.03 -25.48
CA LEU D 45 -16.98 7.25 -26.61
C LEU D 45 -17.76 7.48 -27.90
N GLY D 46 -18.98 6.95 -27.95
CA GLY D 46 -19.88 7.21 -29.05
C GLY D 46 -20.18 8.69 -29.20
N ASP D 47 -20.23 9.42 -28.09
CA ASP D 47 -20.43 10.88 -28.11
C ASP D 47 -19.31 11.61 -28.85
N ILE D 48 -18.08 11.10 -28.73
CA ILE D 48 -16.94 11.67 -29.45
C ILE D 48 -17.11 11.50 -30.96
N VAL D 49 -17.59 10.32 -31.37
CA VAL D 49 -17.85 10.02 -32.77
C VAL D 49 -18.86 11.01 -33.35
N ARG D 50 -19.95 11.25 -32.64
CA ARG D 50 -20.99 12.17 -33.13
C ARG D 50 -20.45 13.58 -33.27
N LYS D 51 -19.58 13.99 -32.35
CA LYS D 51 -18.95 15.30 -32.37
C LYS D 51 -18.09 15.46 -33.62
N HIS D 52 -17.37 14.41 -33.97
CA HIS D 52 -16.52 14.40 -35.16
C HIS D 52 -17.35 14.51 -36.45
N GLU D 53 -18.48 13.78 -36.50
CA GLU D 53 -19.36 13.82 -37.65
C GLU D 53 -19.96 15.21 -37.80
N THR D 54 -20.28 15.83 -36.68
CA THR D 54 -20.79 17.21 -36.67
C THR D 54 -19.72 18.19 -37.13
N TRP D 55 -18.46 17.90 -36.79
CA TRP D 55 -17.34 18.77 -37.17
C TRP D 55 -17.14 18.73 -38.68
N LYS D 56 -16.96 17.54 -39.23
CA LYS D 56 -16.83 17.32 -40.67
C LYS D 56 -17.92 18.00 -41.51
N LYS D 57 -19.16 17.96 -41.01
CA LYS D 57 -20.30 18.58 -41.68
C LYS D 57 -20.18 20.10 -41.67
N CYS D 58 -19.94 20.67 -40.49
CA CYS D 58 -19.99 22.13 -40.28
C CYS D 58 -18.74 22.89 -40.71
N LEU D 59 -17.60 22.22 -40.64
CA LEU D 59 -16.29 22.79 -40.98
C LEU D 59 -15.51 21.79 -41.84
N PRO D 60 -16.01 21.50 -43.04
CA PRO D 60 -15.38 20.50 -43.91
C PRO D 60 -13.97 20.86 -44.38
N ARG D 61 -13.66 22.15 -44.47
CA ARG D 61 -12.32 22.60 -44.89
C ARG D 61 -11.24 22.55 -43.78
N VAL D 62 -11.63 22.28 -42.54
CA VAL D 62 -10.73 22.42 -41.39
C VAL D 62 -10.37 21.06 -40.79
N THR D 63 -9.09 20.71 -40.82
CA THR D 63 -8.62 19.46 -40.21
C THR D 63 -8.41 19.68 -38.70
N PRO D 64 -9.14 18.97 -37.85
CA PRO D 64 -8.97 19.12 -36.41
C PRO D 64 -7.70 18.44 -35.89
N PHE D 65 -6.95 19.17 -35.07
CA PHE D 65 -5.84 18.61 -34.32
C PHE D 65 -6.24 18.73 -32.86
N TYR D 66 -6.66 17.60 -32.29
CA TYR D 66 -7.17 17.55 -30.94
C TYR D 66 -6.13 17.98 -29.91
N ALA D 67 -6.52 18.92 -29.05
CA ALA D 67 -5.66 19.40 -27.98
C ALA D 67 -5.67 18.38 -26.85
N VAL D 68 -4.62 17.57 -26.79
CA VAL D 68 -4.60 16.46 -25.84
C VAL D 68 -4.60 16.91 -24.38
N LYS D 69 -4.12 18.13 -24.11
CA LYS D 69 -4.16 18.68 -22.74
C LYS D 69 -5.55 18.67 -22.09
N CYS D 70 -6.60 18.72 -22.92
CA CYS D 70 -7.98 18.77 -22.44
C CYS D 70 -8.40 17.47 -21.74
N ASN D 71 -7.99 16.35 -22.33
CA ASN D 71 -8.35 15.01 -21.84
C ASN D 71 -7.46 14.04 -22.62
N ASP D 72 -6.50 13.43 -21.92
CA ASP D 72 -5.52 12.57 -22.57
C ASP D 72 -5.78 11.08 -22.28
N ASP D 73 -6.98 10.77 -21.79
CA ASP D 73 -7.39 9.39 -21.56
C ASP D 73 -7.11 8.55 -22.81
N TRP D 74 -6.55 7.37 -22.62
CA TRP D 74 -6.11 6.53 -23.74
C TRP D 74 -7.20 6.16 -24.73
N ARG D 75 -8.38 5.83 -24.22
CA ARG D 75 -9.51 5.48 -25.07
C ARG D 75 -10.04 6.68 -25.85
N VAL D 76 -9.92 7.87 -25.26
CA VAL D 76 -10.30 9.10 -25.96
C VAL D 76 -9.34 9.32 -27.13
N LEU D 77 -8.05 9.14 -26.88
CA LEU D 77 -7.02 9.35 -27.89
C LEU D 77 -7.09 8.32 -29.01
N GLY D 78 -7.30 7.06 -28.65
CA GLY D 78 -7.42 5.99 -29.62
C GLY D 78 -8.64 6.19 -30.50
N THR D 79 -9.71 6.69 -29.91
CA THR D 79 -10.94 6.95 -30.63
C THR D 79 -10.73 8.03 -31.67
N LEU D 80 -10.15 9.14 -31.24
CA LEU D 80 -9.90 10.27 -32.12
C LEU D 80 -8.93 9.90 -33.23
N ALA D 81 -7.90 9.13 -32.90
CA ALA D 81 -6.91 8.72 -33.89
C ALA D 81 -7.56 7.87 -34.99
N ALA D 82 -8.43 6.95 -34.57
CA ALA D 82 -9.12 6.05 -35.51
C ALA D 82 -10.08 6.83 -36.39
N LEU D 83 -10.62 7.94 -35.88
CA LEU D 83 -11.52 8.80 -36.65
C LEU D 83 -10.79 9.66 -37.68
N GLY D 84 -9.46 9.73 -37.60
CA GLY D 84 -8.64 10.41 -38.59
C GLY D 84 -8.22 11.82 -38.19
N THR D 85 -8.22 12.07 -36.88
CA THR D 85 -7.97 13.38 -36.34
C THR D 85 -6.45 13.57 -36.12
N GLY D 86 -5.98 14.82 -36.26
CA GLY D 86 -4.65 15.20 -35.80
C GLY D 86 -4.57 15.38 -34.29
N PHE D 87 -3.41 15.80 -33.80
CA PHE D 87 -3.19 16.01 -32.36
C PHE D 87 -2.28 17.21 -32.10
N ASP D 88 -2.78 18.15 -31.30
CA ASP D 88 -2.04 19.29 -30.80
C ASP D 88 -1.42 18.93 -29.45
N CYS D 89 -0.11 18.74 -29.43
CA CYS D 89 0.65 18.42 -28.22
C CYS D 89 1.40 19.66 -27.71
N ALA D 90 1.53 19.78 -26.38
CA ALA D 90 2.18 20.95 -25.78
C ALA D 90 3.44 20.60 -25.00
N SER D 91 3.80 19.31 -24.98
CA SER D 91 4.98 18.86 -24.25
C SER D 91 5.56 17.58 -24.82
N ASN D 92 6.75 17.23 -24.33
CA ASN D 92 7.38 15.97 -24.72
C ASN D 92 6.55 14.74 -24.34
N THR D 93 5.92 14.76 -23.17
CA THR D 93 5.18 13.59 -22.71
C THR D 93 3.90 13.39 -23.51
N GLU D 94 3.28 14.48 -23.95
CA GLU D 94 2.08 14.39 -24.80
C GLU D 94 2.43 13.88 -26.19
N ILE D 95 3.60 14.28 -26.70
CA ILE D 95 4.07 13.79 -27.99
C ILE D 95 4.35 12.30 -27.88
N GLN D 96 5.01 11.89 -26.78
CA GLN D 96 5.35 10.51 -26.49
C GLN D 96 4.08 9.66 -26.41
N ARG D 97 3.04 10.23 -25.80
CA ARG D 97 1.76 9.55 -25.62
C ARG D 97 1.08 9.22 -26.96
N VAL D 98 1.01 10.20 -27.86
CA VAL D 98 0.28 10.00 -29.13
C VAL D 98 1.11 9.21 -30.16
N ARG D 99 2.43 9.42 -30.17
CA ARG D 99 3.32 8.62 -31.00
C ARG D 99 3.29 7.15 -30.61
N GLY D 100 3.09 6.87 -29.32
CA GLY D 100 3.10 5.52 -28.78
C GLY D 100 1.85 4.71 -29.10
N ILE D 101 0.79 5.38 -29.53
CA ILE D 101 -0.40 4.69 -30.02
C ILE D 101 -0.44 4.65 -31.56
N GLY D 102 0.69 4.95 -32.19
CA GLY D 102 0.86 4.78 -33.63
C GLY D 102 0.62 5.99 -34.52
N VAL D 103 0.27 7.14 -33.93
CA VAL D 103 0.04 8.36 -34.70
C VAL D 103 1.35 8.85 -35.30
N PRO D 104 1.40 9.05 -36.62
CA PRO D 104 2.63 9.52 -37.27
C PRO D 104 2.89 11.02 -37.03
N PRO D 105 4.15 11.45 -37.06
CA PRO D 105 4.54 12.82 -36.67
C PRO D 105 3.84 13.96 -37.42
N GLU D 106 3.46 13.74 -38.66
CA GLU D 106 2.80 14.77 -39.48
C GLU D 106 1.34 15.02 -39.06
N LYS D 107 0.78 14.12 -38.25
CA LYS D 107 -0.52 14.33 -37.63
C LYS D 107 -0.39 14.97 -36.23
N ILE D 108 0.79 15.52 -35.94
CA ILE D 108 1.05 16.17 -34.66
C ILE D 108 1.58 17.59 -34.90
N ILE D 109 0.98 18.54 -34.22
CA ILE D 109 1.46 19.91 -34.18
C ILE D 109 1.87 20.23 -32.74
N TYR D 110 3.07 20.75 -32.58
CA TYR D 110 3.60 21.12 -31.27
C TYR D 110 3.24 22.60 -31.06
N ALA D 111 2.01 22.85 -30.61
CA ALA D 111 1.47 24.21 -30.56
C ALA D 111 1.60 24.84 -29.18
N ASN D 112 2.81 24.73 -28.63
CA ASN D 112 3.21 25.43 -27.41
C ASN D 112 4.18 26.53 -27.87
N PRO D 113 3.82 27.80 -27.71
CA PRO D 113 4.68 28.90 -28.20
C PRO D 113 6.01 29.07 -27.47
N CYS D 114 6.10 28.64 -26.21
CA CYS D 114 7.31 28.80 -25.42
C CYS D 114 7.78 27.47 -24.82
N LYS D 115 8.76 26.87 -25.49
CA LYS D 115 9.11 25.46 -25.32
C LYS D 115 10.49 25.28 -24.72
N GLN D 116 10.57 24.46 -23.68
CA GLN D 116 11.86 24.04 -23.12
C GLN D 116 12.73 23.46 -24.23
N ILE D 117 14.00 23.83 -24.24
CA ILE D 117 14.92 23.46 -25.31
C ILE D 117 15.01 21.94 -25.47
N SER D 118 15.01 21.22 -24.36
CA SER D 118 15.10 19.76 -24.40
C SER D 118 13.82 19.14 -24.98
N HIS D 119 12.68 19.78 -24.75
CA HIS D 119 11.43 19.33 -25.36
C HIS D 119 11.42 19.55 -26.87
N ILE D 120 12.00 20.65 -27.35
CA ILE D 120 12.14 20.89 -28.79
C ILE D 120 13.02 19.79 -29.39
N ARG D 121 14.06 19.42 -28.65
CA ARG D 121 15.01 18.39 -29.06
C ARG D 121 14.27 17.05 -29.19
N TYR D 122 13.40 16.75 -28.22
CA TYR D 122 12.59 15.55 -28.26
C TYR D 122 11.62 15.51 -29.45
N ALA D 123 11.04 16.67 -29.79
CA ALA D 123 10.10 16.77 -30.90
C ALA D 123 10.80 16.48 -32.24
N ARG D 124 11.96 17.11 -32.43
CA ARG D 124 12.82 16.91 -33.60
C ARG D 124 13.22 15.44 -33.81
N ASP D 125 13.60 14.76 -32.72
CA ASP D 125 14.00 13.35 -32.79
C ASP D 125 12.82 12.40 -32.99
N SER D 126 11.61 12.90 -32.71
CA SER D 126 10.38 12.15 -32.91
C SER D 126 9.76 12.42 -34.29
N GLY D 127 10.40 13.28 -35.09
CA GLY D 127 9.88 13.66 -36.39
C GLY D 127 8.79 14.73 -36.38
N VAL D 128 8.48 15.33 -35.23
CA VAL D 128 7.50 16.41 -35.16
C VAL D 128 8.13 17.73 -35.60
N ASP D 129 7.69 18.25 -36.75
CA ASP D 129 8.30 19.43 -37.36
C ASP D 129 7.48 20.72 -37.25
N VAL D 130 6.16 20.64 -37.19
CA VAL D 130 5.35 21.86 -37.07
C VAL D 130 5.28 22.34 -35.61
N MET D 131 5.74 23.56 -35.38
CA MET D 131 5.62 24.20 -34.06
C MET D 131 5.19 25.64 -34.16
N THR D 132 4.63 26.16 -33.07
CA THR D 132 4.23 27.56 -33.03
C THR D 132 5.28 28.41 -32.34
N PHE D 133 5.12 29.73 -32.51
CA PHE D 133 5.94 30.73 -31.84
C PHE D 133 5.23 32.10 -31.91
N ASP D 134 5.56 33.00 -30.99
CA ASP D 134 4.96 34.33 -30.96
C ASP D 134 5.94 35.48 -30.71
N CYS D 135 7.24 35.17 -30.65
CA CYS D 135 8.27 36.19 -30.50
C CYS D 135 9.58 35.73 -31.12
N VAL D 136 10.50 36.66 -31.28
CA VAL D 136 11.79 36.40 -31.89
C VAL D 136 12.69 35.48 -31.04
N ASP D 137 12.64 35.60 -29.71
CA ASP D 137 13.50 34.81 -28.84
C ASP D 137 13.26 33.31 -29.01
N GLU D 138 12.02 32.93 -29.27
CA GLU D 138 11.67 31.53 -29.51
C GLU D 138 12.35 31.02 -30.77
N LEU D 139 12.37 31.85 -31.81
CA LEU D 139 13.05 31.52 -33.05
C LEU D 139 14.56 31.31 -32.89
N GLU D 140 15.17 32.02 -31.93
CA GLU D 140 16.60 31.85 -31.65
C GLU D 140 16.88 30.45 -31.10
N LYS D 141 15.99 29.97 -30.22
CA LYS D 141 16.04 28.58 -29.75
C LYS D 141 15.88 27.58 -30.90
N VAL D 142 14.91 27.83 -31.77
CA VAL D 142 14.60 26.93 -32.87
C VAL D 142 15.73 26.85 -33.88
N ALA D 143 16.39 27.98 -34.13
CA ALA D 143 17.51 28.03 -35.06
C ALA D 143 18.67 27.14 -34.58
N LYS D 144 18.94 27.15 -33.27
CA LYS D 144 20.01 26.33 -32.69
C LYS D 144 19.67 24.85 -32.52
N THR D 145 18.38 24.52 -32.35
CA THR D 145 17.96 23.20 -31.90
C THR D 145 17.20 22.42 -32.98
N HIS D 146 16.30 23.09 -33.69
CA HIS D 146 15.47 22.45 -34.70
C HIS D 146 15.32 23.34 -35.95
N PRO D 147 16.43 23.61 -36.65
CA PRO D 147 16.48 24.63 -37.71
C PRO D 147 15.58 24.42 -38.94
N LYS D 148 15.16 23.18 -39.22
CA LYS D 148 14.33 22.89 -40.38
C LYS D 148 12.84 22.74 -40.02
N ALA D 149 12.49 23.12 -38.80
CA ALA D 149 11.10 23.02 -38.36
C ALA D 149 10.22 23.99 -39.14
N LYS D 150 8.97 23.61 -39.34
CA LYS D 150 7.98 24.46 -39.98
C LYS D 150 7.27 25.27 -38.90
N MET D 151 7.49 26.57 -38.89
CA MET D 151 7.06 27.44 -37.79
C MET D 151 5.81 28.23 -38.11
N VAL D 152 4.87 28.20 -37.18
CA VAL D 152 3.58 28.84 -37.33
C VAL D 152 3.53 30.00 -36.36
N LEU D 153 3.34 31.21 -36.89
CA LEU D 153 3.30 32.42 -36.06
C LEU D 153 1.93 32.56 -35.41
N ARG D 154 1.91 32.52 -34.09
CA ARG D 154 0.70 32.69 -33.33
C ARG D 154 0.46 34.18 -33.04
N ILE D 155 -0.68 34.71 -33.47
CA ILE D 155 -1.02 36.12 -33.27
C ILE D 155 -2.08 36.29 -32.20
N SER D 156 -2.06 37.44 -31.54
CA SER D 156 -2.99 37.76 -30.47
C SER D 156 -4.35 38.12 -31.04
N THR D 157 -5.42 37.80 -30.32
CA THR D 157 -6.78 38.04 -30.79
C THR D 157 -7.35 39.34 -30.19
N LYS D 169 -0.72 35.68 -22.08
CA LYS D 169 0.71 35.41 -22.16
C LYS D 169 1.18 34.91 -23.53
N PHE D 170 0.26 34.89 -24.51
CA PHE D 170 0.58 34.42 -25.86
C PHE D 170 -0.04 35.30 -26.94
N GLY D 171 0.58 35.30 -28.11
CA GLY D 171 0.09 36.00 -29.28
C GLY D 171 0.90 37.26 -29.56
N ALA D 172 1.61 37.25 -30.68
CA ALA D 172 2.28 38.44 -31.18
C ALA D 172 1.22 39.41 -31.72
N LYS D 173 1.31 40.67 -31.32
CA LYS D 173 0.41 41.70 -31.85
C LYS D 173 0.70 41.90 -33.34
N VAL D 174 -0.33 42.23 -34.12
CA VAL D 174 -0.16 42.43 -35.57
C VAL D 174 0.87 43.50 -35.92
N GLU D 175 1.02 44.52 -35.08
CA GLU D 175 1.98 45.61 -35.31
C GLU D 175 3.42 45.12 -35.23
N ASP D 176 3.66 44.14 -34.36
CA ASP D 176 4.98 43.55 -34.18
C ASP D 176 5.34 42.49 -35.22
N CYS D 177 4.35 42.02 -35.98
CA CYS D 177 4.53 40.87 -36.86
C CYS D 177 5.51 41.10 -38.00
N ARG D 178 5.52 42.30 -38.57
CA ARG D 178 6.47 42.63 -39.62
C ARG D 178 7.90 42.40 -39.13
N PHE D 179 8.23 43.03 -38.01
CA PHE D 179 9.55 42.90 -37.40
C PHE D 179 9.90 41.43 -37.07
N ILE D 180 8.93 40.68 -36.56
CA ILE D 180 9.17 39.30 -36.16
C ILE D 180 9.54 38.45 -37.37
N LEU D 181 8.83 38.65 -38.48
CA LEU D 181 9.08 37.92 -39.71
C LEU D 181 10.40 38.31 -40.37
N GLU D 182 10.79 39.58 -40.25
CA GLU D 182 12.07 40.07 -40.78
C GLU D 182 13.22 39.38 -40.04
N GLN D 183 13.09 39.25 -38.73
CA GLN D 183 14.08 38.54 -37.91
C GLN D 183 14.10 37.06 -38.25
N ALA D 184 12.93 36.48 -38.52
CA ALA D 184 12.82 35.07 -38.89
C ALA D 184 13.54 34.81 -40.21
N LYS D 185 13.50 35.79 -41.10
CA LYS D 185 14.18 35.71 -42.40
C LYS D 185 15.69 35.69 -42.22
N LYS D 186 16.20 36.49 -41.28
CA LYS D 186 17.64 36.54 -40.99
C LYS D 186 18.15 35.25 -40.37
N LEU D 187 17.27 34.55 -39.65
CA LEU D 187 17.62 33.27 -39.02
C LEU D 187 17.35 32.07 -39.95
N ASN D 188 16.86 32.34 -41.15
CA ASN D 188 16.53 31.29 -42.11
C ASN D 188 15.48 30.31 -41.57
N ILE D 189 14.51 30.84 -40.84
CA ILE D 189 13.41 30.04 -40.32
C ILE D 189 12.37 29.80 -41.41
N ASP D 190 11.91 28.56 -41.50
CA ASP D 190 10.90 28.17 -42.46
C ASP D 190 9.52 28.47 -41.86
N VAL D 191 9.12 29.74 -41.92
CA VAL D 191 7.79 30.13 -41.44
C VAL D 191 6.77 29.63 -42.47
N THR D 192 5.82 28.81 -42.02
CA THR D 192 4.85 28.18 -42.91
C THR D 192 3.41 28.53 -42.58
N GLY D 193 3.16 29.44 -41.64
CA GLY D 193 1.78 29.74 -41.33
C GLY D 193 1.52 30.73 -40.22
N VAL D 194 0.24 30.84 -39.89
CA VAL D 194 -0.26 31.73 -38.86
C VAL D 194 -1.32 31.01 -38.05
N SER D 195 -1.26 31.13 -36.74
CA SER D 195 -2.30 30.61 -35.87
C SER D 195 -2.87 31.68 -34.93
N PHE D 196 -4.03 31.39 -34.35
CA PHE D 196 -4.58 32.20 -33.27
C PHE D 196 -5.46 31.34 -32.37
N HIS D 197 -5.79 31.87 -31.21
CA HIS D 197 -6.62 31.18 -30.25
C HIS D 197 -7.56 32.17 -29.56
N VAL D 198 -8.82 32.14 -29.98
CA VAL D 198 -9.86 33.01 -29.43
C VAL D 198 -10.17 32.69 -27.97
N GLY D 199 -10.18 31.39 -27.64
CA GLY D 199 -10.53 30.96 -26.30
C GLY D 199 -12.01 30.65 -26.18
N SER D 200 -12.39 30.15 -25.01
CA SER D 200 -13.75 29.68 -24.76
C SER D 200 -14.72 30.78 -24.32
N GLY D 201 -14.21 31.91 -23.85
CA GLY D 201 -15.04 32.97 -23.29
C GLY D 201 -15.54 33.97 -24.31
N SER D 202 -16.22 33.46 -25.35
CA SER D 202 -16.68 34.28 -26.46
C SER D 202 -18.20 34.40 -26.44
N THR D 203 -18.68 35.63 -26.35
CA THR D 203 -20.13 35.89 -26.43
C THR D 203 -20.54 36.06 -27.90
N ASP D 204 -19.64 36.62 -28.69
CA ASP D 204 -19.86 36.78 -30.13
C ASP D 204 -18.87 35.93 -30.95
N ALA D 205 -19.36 35.38 -32.05
CA ALA D 205 -18.54 34.64 -33.00
C ALA D 205 -17.78 35.58 -33.92
N SER D 206 -18.00 36.89 -33.75
CA SER D 206 -17.28 37.90 -34.50
C SER D 206 -15.79 37.91 -34.16
N THR D 207 -15.42 37.42 -32.99
CA THR D 207 -14.01 37.28 -32.62
C THR D 207 -13.27 36.38 -33.63
N PHE D 208 -13.92 35.31 -34.06
CA PHE D 208 -13.34 34.41 -35.06
C PHE D 208 -13.14 35.10 -36.41
N ALA D 209 -14.11 35.92 -36.83
CA ALA D 209 -14.03 36.62 -38.10
C ALA D 209 -12.95 37.71 -38.12
N GLN D 210 -12.70 38.33 -36.98
CA GLN D 210 -11.67 39.37 -36.90
C GLN D 210 -10.28 38.74 -36.88
N ALA D 211 -10.16 37.59 -36.22
CA ALA D 211 -8.87 36.88 -36.13
C ALA D 211 -8.44 36.36 -37.49
N ILE D 212 -9.38 35.81 -38.24
CA ILE D 212 -9.11 35.29 -39.58
C ILE D 212 -8.73 36.42 -40.54
N SER D 213 -9.40 37.56 -40.41
CA SER D 213 -9.07 38.73 -41.22
C SER D 213 -7.65 39.19 -40.93
N ASP D 214 -7.30 39.23 -39.66
CA ASP D 214 -5.95 39.60 -39.23
C ASP D 214 -4.93 38.54 -39.64
N SER D 215 -5.35 37.28 -39.67
CA SER D 215 -4.46 36.20 -40.08
C SER D 215 -4.09 36.36 -41.55
N ARG D 216 -5.01 36.91 -42.35
CA ARG D 216 -4.72 37.18 -43.77
C ARG D 216 -3.72 38.31 -43.93
N PHE D 217 -3.79 39.30 -43.05
CA PHE D 217 -2.82 40.40 -43.10
C PHE D 217 -1.41 39.90 -42.84
N VAL D 218 -1.27 38.99 -41.89
CA VAL D 218 0.05 38.45 -41.53
C VAL D 218 0.50 37.39 -42.55
N PHE D 219 -0.46 36.65 -43.10
CA PHE D 219 -0.17 35.66 -44.15
C PHE D 219 0.49 36.31 -45.37
N ASP D 220 -0.08 37.43 -45.81
CA ASP D 220 0.44 38.19 -46.96
C ASP D 220 1.81 38.77 -46.68
N MET D 221 2.02 39.24 -45.45
CA MET D 221 3.34 39.72 -45.05
C MET D 221 4.38 38.60 -45.19
N GLY D 222 4.00 37.39 -44.78
CA GLY D 222 4.87 36.24 -44.91
C GLY D 222 5.21 35.96 -46.37
N THR D 223 4.21 36.04 -47.24
CA THR D 223 4.41 35.81 -48.66
C THR D 223 5.32 36.89 -49.26
N GLU D 224 5.05 38.14 -48.90
CA GLU D 224 5.81 39.29 -49.41
C GLU D 224 7.30 39.19 -49.08
N LEU D 225 7.61 38.62 -47.92
CA LEU D 225 8.99 38.51 -47.46
C LEU D 225 9.70 37.26 -47.98
N GLY D 226 9.01 36.42 -48.74
CA GLY D 226 9.61 35.25 -49.38
C GLY D 226 9.35 33.94 -48.68
N PHE D 227 8.46 33.94 -47.68
CA PHE D 227 8.10 32.71 -46.98
C PHE D 227 7.04 31.90 -47.73
N ASN D 228 7.09 30.58 -47.50
CA ASN D 228 6.13 29.62 -48.03
C ASN D 228 4.99 29.46 -47.05
N MET D 229 4.06 30.40 -47.07
CA MET D 229 2.92 30.38 -46.14
C MET D 229 1.91 29.36 -46.62
N HIS D 230 1.68 28.31 -45.83
CA HIS D 230 0.72 27.29 -46.22
C HIS D 230 -0.22 26.74 -45.13
N ILE D 231 -0.17 27.29 -43.92
CA ILE D 231 -1.05 26.79 -42.85
C ILE D 231 -1.76 27.93 -42.15
N LEU D 232 -3.07 27.80 -42.04
CA LEU D 232 -3.86 28.66 -41.15
C LEU D 232 -4.41 27.78 -40.06
N ASP D 233 -4.09 28.13 -38.81
CA ASP D 233 -4.46 27.38 -37.64
C ASP D 233 -5.38 28.28 -36.81
N ILE D 234 -6.65 27.89 -36.64
CA ILE D 234 -7.66 28.77 -36.06
C ILE D 234 -7.96 28.47 -34.59
N GLY D 235 -7.23 27.54 -34.00
CA GLY D 235 -7.21 27.36 -32.57
C GLY D 235 -8.41 26.64 -32.03
N GLY D 236 -8.79 27.01 -30.80
CA GLY D 236 -9.85 26.33 -30.11
C GLY D 236 -10.85 27.29 -29.50
N GLY D 237 -11.62 26.78 -28.54
CA GLY D 237 -12.62 27.56 -27.84
C GLY D 237 -14.04 27.21 -28.26
N PHE D 238 -14.17 26.22 -29.13
CA PHE D 238 -15.48 25.78 -29.61
C PHE D 238 -16.19 25.07 -28.47
N PRO D 239 -17.49 25.31 -28.33
CA PRO D 239 -18.26 24.71 -27.22
C PRO D 239 -18.40 23.21 -27.40
N GLY D 240 -18.39 22.46 -26.29
CA GLY D 240 -18.59 21.02 -26.33
C GLY D 240 -19.81 20.57 -25.54
N THR D 241 -20.67 21.53 -25.19
CA THR D 241 -21.84 21.26 -24.35
C THR D 241 -23.12 21.75 -25.00
N ARG D 242 -24.24 21.36 -24.41
CA ARG D 242 -25.56 21.76 -24.88
C ARG D 242 -25.93 23.14 -24.36
N ASP D 243 -25.53 23.43 -23.13
CA ASP D 243 -25.95 24.67 -22.45
C ASP D 243 -25.06 25.90 -22.73
N ALA D 244 -24.25 25.84 -23.78
CA ALA D 244 -23.45 27.00 -24.19
C ALA D 244 -24.34 27.97 -24.99
N PRO D 245 -24.25 29.27 -24.68
CA PRO D 245 -25.10 30.27 -25.34
C PRO D 245 -24.74 30.43 -26.82
N LEU D 246 -23.44 30.58 -27.09
CA LEU D 246 -22.95 30.62 -28.45
C LEU D 246 -22.75 29.19 -28.93
N LYS D 247 -23.55 28.78 -29.92
CA LYS D 247 -23.57 27.40 -30.38
C LYS D 247 -22.51 27.12 -31.46
N PHE D 248 -22.09 25.87 -31.55
CA PHE D 248 -21.08 25.47 -32.51
C PHE D 248 -21.51 25.78 -33.95
N GLU D 249 -22.78 25.57 -34.25
CA GLU D 249 -23.30 25.76 -35.60
C GLU D 249 -23.17 27.20 -36.10
N GLU D 250 -23.44 28.20 -35.23
CA GLU D 250 -23.34 29.59 -35.70
C GLU D 250 -21.91 30.12 -35.72
N ILE D 251 -21.06 29.62 -34.82
CA ILE D 251 -19.62 29.90 -34.88
C ILE D 251 -19.04 29.38 -36.19
N ALA D 252 -19.41 28.15 -36.55
CA ALA D 252 -18.95 27.51 -37.78
C ALA D 252 -19.40 28.30 -39.00
N GLY D 253 -20.62 28.80 -38.98
CA GLY D 253 -21.15 29.64 -40.04
C GLY D 253 -20.28 30.85 -40.27
N VAL D 254 -19.91 31.53 -39.18
CA VAL D 254 -19.12 32.76 -39.27
C VAL D 254 -17.70 32.47 -39.76
N ILE D 255 -17.13 31.36 -39.30
CA ILE D 255 -15.80 30.94 -39.71
C ILE D 255 -15.79 30.64 -41.21
N ASN D 256 -16.76 29.87 -41.67
CA ASN D 256 -16.84 29.51 -43.09
C ASN D 256 -16.96 30.71 -44.01
N ASN D 257 -17.61 31.77 -43.54
CA ASN D 257 -17.76 32.98 -44.34
C ASN D 257 -16.50 33.81 -44.40
N ALA D 258 -15.82 33.92 -43.25
CA ALA D 258 -14.52 34.58 -43.19
C ALA D 258 -13.46 33.82 -44.00
N LEU D 259 -13.58 32.49 -44.05
CA LEU D 259 -12.64 31.64 -44.78
C LEU D 259 -12.85 31.81 -46.29
N GLU D 260 -14.11 31.88 -46.72
CA GLU D 260 -14.41 32.10 -48.14
C GLU D 260 -13.95 33.50 -48.56
N LYS D 261 -14.08 34.46 -47.66
CA LYS D 261 -13.71 35.84 -47.93
C LYS D 261 -12.20 36.09 -47.98
N HIS D 262 -11.48 35.46 -47.06
CA HIS D 262 -10.06 35.77 -46.84
C HIS D 262 -9.11 34.64 -47.25
N PHE D 263 -9.55 33.39 -47.11
CA PHE D 263 -8.74 32.22 -47.44
C PHE D 263 -9.46 31.28 -48.38
N PRO D 264 -9.75 31.72 -49.61
CA PRO D 264 -10.48 30.86 -50.56
C PRO D 264 -9.67 29.61 -50.95
N PRO D 265 -10.36 28.55 -51.36
CA PRO D 265 -9.72 27.28 -51.74
C PRO D 265 -8.43 27.42 -52.55
N ASP D 266 -7.41 26.69 -52.12
CA ASP D 266 -6.06 26.80 -52.67
C ASP D 266 -5.34 25.50 -52.28
N LEU D 267 -4.81 24.78 -53.26
CA LEU D 267 -4.16 23.48 -53.00
C LEU D 267 -2.89 23.59 -52.14
N LYS D 268 -2.28 24.78 -52.15
CA LYS D 268 -1.16 25.10 -51.24
C LYS D 268 -1.61 25.24 -49.79
N LEU D 269 -2.84 25.72 -49.58
CA LEU D 269 -3.34 26.05 -48.25
C LEU D 269 -4.03 24.89 -47.54
N THR D 270 -3.65 24.68 -46.28
CA THR D 270 -4.35 23.77 -45.39
C THR D 270 -4.87 24.57 -44.20
N ILE D 271 -6.15 24.40 -43.89
CA ILE D 271 -6.76 25.04 -42.73
C ILE D 271 -6.88 23.99 -41.65
N VAL D 272 -6.61 24.40 -40.42
CA VAL D 272 -6.38 23.48 -39.32
C VAL D 272 -6.95 24.13 -38.04
N ALA D 273 -7.41 23.30 -37.10
CA ALA D 273 -7.90 23.80 -35.82
C ALA D 273 -7.35 22.99 -34.65
N GLU D 274 -7.51 23.51 -33.44
CA GLU D 274 -7.06 22.85 -32.23
C GLU D 274 -8.18 22.70 -31.21
N PRO D 275 -9.25 21.98 -31.53
CA PRO D 275 -10.36 21.83 -30.59
C PRO D 275 -10.01 20.89 -29.44
N GLY D 276 -10.42 21.27 -28.22
CA GLY D 276 -10.20 20.45 -27.03
C GLY D 276 -11.53 20.01 -26.48
N ARG D 277 -12.19 20.92 -25.75
CA ARG D 277 -13.44 20.64 -25.07
C ARG D 277 -14.55 20.23 -26.03
N TYR D 278 -14.49 20.70 -27.27
CA TYR D 278 -15.48 20.33 -28.28
C TYR D 278 -15.71 18.81 -28.31
N TYR D 279 -14.63 18.06 -28.36
CA TYR D 279 -14.73 16.60 -28.55
C TYR D 279 -15.11 15.82 -27.30
N VAL D 280 -14.75 16.32 -26.11
CA VAL D 280 -14.80 15.49 -24.91
C VAL D 280 -15.70 15.96 -23.78
N ALA D 281 -16.10 17.24 -23.79
CA ALA D 281 -16.82 17.81 -22.64
C ALA D 281 -18.09 17.04 -22.29
N SER D 282 -18.98 16.84 -23.26
CA SER D 282 -20.24 16.12 -23.00
C SER D 282 -20.10 14.59 -22.91
N ALA D 283 -18.94 14.07 -23.28
CA ALA D 283 -18.73 12.62 -23.31
C ALA D 283 -18.61 11.95 -21.94
N PHE D 284 -18.20 12.70 -20.92
CA PHE D 284 -18.00 12.14 -19.58
C PHE D 284 -19.09 12.59 -18.60
N THR D 285 -19.57 11.66 -17.78
CA THR D 285 -20.46 12.00 -16.68
C THR D 285 -19.83 11.51 -15.39
N LEU D 286 -19.78 12.36 -14.38
CA LEU D 286 -19.21 12.00 -13.09
C LEU D 286 -20.30 11.61 -12.11
N ALA D 287 -20.15 10.43 -11.52
CA ALA D 287 -21.03 9.97 -10.45
C ALA D 287 -20.27 10.10 -9.14
N VAL D 288 -20.87 10.81 -8.19
CA VAL D 288 -20.25 11.07 -6.89
C VAL D 288 -21.21 10.61 -5.80
N ASN D 289 -20.67 10.04 -4.71
CA ASN D 289 -21.46 9.56 -3.59
C ASN D 289 -21.56 10.63 -2.50
N VAL D 290 -22.75 10.74 -1.90
CA VAL D 290 -22.96 11.63 -0.77
C VAL D 290 -22.46 10.94 0.47
N ILE D 291 -21.31 11.37 0.99
CA ILE D 291 -20.69 10.72 2.13
C ILE D 291 -21.09 11.32 3.47
N ALA D 292 -21.66 12.52 3.45
CA ALA D 292 -22.10 13.18 4.68
C ALA D 292 -23.17 14.21 4.40
N LYS D 293 -23.82 14.67 5.47
CA LYS D 293 -24.99 15.53 5.35
C LYS D 293 -25.24 16.26 6.67
N ALA D 294 -25.51 17.55 6.58
CA ALA D 294 -25.76 18.39 7.76
C ALA D 294 -26.94 19.31 7.49
N VAL D 295 -27.90 19.31 8.42
CA VAL D 295 -29.13 20.07 8.27
C VAL D 295 -28.93 21.47 8.84
N THR D 296 -29.68 22.43 8.30
CA THR D 296 -29.60 23.83 8.72
C THR D 296 -31.00 24.49 8.68
N GLN D 312 -35.34 26.21 5.47
CA GLN D 312 -34.70 24.90 5.54
C GLN D 312 -33.63 24.77 4.45
N SER D 313 -32.50 24.15 4.81
CA SER D 313 -31.38 23.96 3.88
C SER D 313 -30.63 22.66 4.15
N PHE D 314 -29.69 22.33 3.28
CA PHE D 314 -28.84 21.15 3.47
C PHE D 314 -27.41 21.39 2.99
N MET D 315 -26.47 20.64 3.57
CA MET D 315 -25.07 20.67 3.18
C MET D 315 -24.65 19.25 2.89
N TYR D 316 -24.47 18.92 1.62
CA TYR D 316 -23.99 17.59 1.21
C TYR D 316 -22.48 17.62 0.95
N TYR D 317 -21.78 16.64 1.51
CA TYR D 317 -20.39 16.41 1.19
C TYR D 317 -20.34 15.19 0.29
N VAL D 318 -19.50 15.25 -0.74
CA VAL D 318 -19.34 14.16 -1.68
C VAL D 318 -17.88 13.77 -1.81
N ASN D 319 -17.61 12.61 -2.41
CA ASN D 319 -16.26 12.05 -2.42
C ASN D 319 -15.38 12.42 -3.63
N ASP D 320 -15.74 13.53 -4.28
CA ASP D 320 -14.85 14.18 -5.26
C ASP D 320 -14.99 15.70 -5.10
N GLY D 321 -13.91 16.44 -5.36
CA GLY D 321 -13.94 17.88 -5.15
C GLY D 321 -12.96 18.69 -5.98
N VAL D 322 -12.69 19.92 -5.52
CA VAL D 322 -11.90 20.89 -6.27
C VAL D 322 -10.43 20.50 -6.43
N TYR D 323 -9.95 19.59 -5.59
CA TYR D 323 -8.60 19.05 -5.71
C TYR D 323 -8.56 17.90 -6.71
N GLY D 324 -9.71 17.28 -6.94
CA GLY D 324 -9.87 16.23 -7.94
C GLY D 324 -10.56 16.74 -9.20
N SER D 325 -11.65 16.08 -9.58
CA SER D 325 -12.31 16.32 -10.88
C SER D 325 -12.91 17.71 -11.04
N PHE D 326 -13.29 18.33 -9.92
CA PHE D 326 -13.85 19.68 -9.95
C PHE D 326 -12.80 20.77 -9.89
N ASN D 327 -11.53 20.43 -10.10
CA ASN D 327 -10.49 21.44 -10.25
C ASN D 327 -10.85 22.40 -11.39
N CYS D 328 -11.63 21.89 -12.35
CA CYS D 328 -12.15 22.71 -13.45
C CYS D 328 -12.88 23.96 -12.97
N ILE D 329 -13.42 23.94 -11.75
CA ILE D 329 -14.09 25.10 -11.19
C ILE D 329 -13.12 26.27 -11.02
N LEU D 330 -11.95 25.97 -10.49
CA LEU D 330 -10.90 26.97 -10.20
C LEU D 330 -10.02 27.31 -11.39
N TYR D 331 -9.71 26.31 -12.23
CA TYR D 331 -8.76 26.47 -13.34
C TYR D 331 -9.43 26.81 -14.67
N ASP D 332 -10.69 26.43 -14.83
CA ASP D 332 -11.40 26.52 -16.11
C ASP D 332 -12.75 27.26 -16.02
N HIS D 333 -12.99 27.99 -14.93
CA HIS D 333 -14.20 28.80 -14.77
C HIS D 333 -15.48 27.96 -14.92
N ALA D 334 -15.42 26.70 -14.51
CA ALA D 334 -16.52 25.77 -14.72
C ALA D 334 -17.64 26.04 -13.72
N VAL D 335 -18.88 26.02 -14.21
CA VAL D 335 -20.05 25.98 -13.35
C VAL D 335 -20.73 24.64 -13.60
N VAL D 336 -20.99 23.90 -12.53
CA VAL D 336 -21.54 22.56 -12.64
C VAL D 336 -22.92 22.50 -12.00
N ARG D 337 -23.71 21.53 -12.47
CA ARG D 337 -25.08 21.32 -12.01
C ARG D 337 -25.24 19.89 -11.49
N PRO D 338 -25.57 19.73 -10.21
CA PRO D 338 -25.79 18.41 -9.64
C PRO D 338 -27.16 17.85 -10.04
N LEU D 339 -27.22 16.54 -10.24
CA LEU D 339 -28.42 15.85 -10.71
C LEU D 339 -28.55 14.53 -9.96
N PRO D 340 -29.58 14.36 -9.14
CA PRO D 340 -29.79 13.07 -8.46
C PRO D 340 -29.89 11.89 -9.43
N GLN D 341 -29.28 10.77 -9.06
CA GLN D 341 -29.31 9.56 -9.87
C GLN D 341 -30.64 8.81 -9.69
N ARG D 342 -31.23 8.95 -8.50
CA ARG D 342 -32.51 8.35 -8.18
C ARG D 342 -33.64 9.01 -8.97
N GLU D 343 -34.69 8.24 -9.24
CA GLU D 343 -35.88 8.73 -9.92
C GLU D 343 -36.59 9.82 -9.10
N PRO D 344 -36.91 10.95 -9.72
CA PRO D 344 -37.65 12.02 -9.03
C PRO D 344 -39.16 11.76 -8.97
N LYS D 349 -40.68 17.97 -3.33
CA LYS D 349 -40.18 19.12 -2.58
C LYS D 349 -38.68 19.31 -2.80
N LEU D 350 -38.26 20.57 -2.96
CA LEU D 350 -36.85 20.93 -3.17
C LEU D 350 -36.39 21.97 -2.15
N TYR D 351 -35.17 21.82 -1.63
CA TYR D 351 -34.58 22.76 -0.68
C TYR D 351 -33.31 23.39 -1.25
N PRO D 352 -32.95 24.59 -0.77
CA PRO D 352 -31.67 25.21 -1.13
C PRO D 352 -30.50 24.46 -0.49
N SER D 353 -29.54 24.04 -1.30
CA SER D 353 -28.49 23.13 -0.85
C SER D 353 -27.10 23.56 -1.31
N SER D 354 -26.09 22.96 -0.69
CA SER D 354 -24.70 23.14 -1.12
C SER D 354 -24.02 21.79 -1.22
N VAL D 355 -23.11 21.67 -2.18
CA VAL D 355 -22.31 20.47 -2.33
C VAL D 355 -20.85 20.85 -2.11
N TRP D 356 -20.14 20.02 -1.34
CA TRP D 356 -18.76 20.27 -0.94
C TRP D 356 -17.94 19.01 -1.21
N GLY D 357 -16.65 19.18 -1.49
CA GLY D 357 -15.77 18.05 -1.69
C GLY D 357 -15.31 17.45 -0.37
N PRO D 358 -14.56 16.35 -0.44
CA PRO D 358 -14.23 15.56 0.74
C PRO D 358 -13.07 16.10 1.58
N THR D 359 -12.42 17.19 1.16
CA THR D 359 -11.28 17.71 1.90
C THR D 359 -11.67 18.57 3.10
N CYS D 360 -10.68 18.72 3.96
CA CYS D 360 -10.68 19.64 5.09
C CYS D 360 -11.03 21.09 4.78
N ASP D 361 -10.72 21.53 3.55
CA ASP D 361 -10.73 22.95 3.19
C ASP D 361 -12.14 23.51 3.03
N GLY D 362 -12.26 24.82 3.21
CA GLY D 362 -13.49 25.56 2.94
C GLY D 362 -13.55 26.14 1.54
N LEU D 363 -12.45 26.04 0.82
CA LEU D 363 -12.41 26.38 -0.61
C LEU D 363 -13.02 25.23 -1.44
N ASP D 364 -13.13 24.04 -0.85
CA ASP D 364 -13.61 22.85 -1.54
C ASP D 364 -15.13 22.83 -1.64
N GLN D 365 -15.67 23.73 -2.47
CA GLN D 365 -17.10 23.88 -2.67
C GLN D 365 -17.41 23.72 -4.15
N ILE D 366 -18.38 22.86 -4.46
CA ILE D 366 -18.73 22.53 -5.84
C ILE D 366 -19.95 23.32 -6.31
N VAL D 367 -20.92 23.48 -5.42
CA VAL D 367 -22.16 24.23 -5.71
C VAL D 367 -22.56 25.05 -4.48
N GLU D 368 -22.91 26.32 -4.66
CA GLU D 368 -23.22 27.19 -3.53
C GLU D 368 -24.69 27.14 -3.10
N ARG D 369 -25.60 27.15 -4.07
CA ARG D 369 -27.04 27.20 -3.77
C ARG D 369 -27.90 26.66 -4.92
N TYR D 370 -28.01 25.34 -5.00
CA TYR D 370 -28.83 24.67 -6.01
C TYR D 370 -29.98 23.93 -5.35
N TYR D 371 -31.15 23.99 -5.95
CA TYR D 371 -32.35 23.34 -5.40
C TYR D 371 -32.40 21.85 -5.74
N LEU D 372 -32.15 21.03 -4.72
CA LEU D 372 -32.23 19.56 -4.82
C LEU D 372 -33.26 19.04 -3.83
N PRO D 373 -33.71 17.79 -4.01
CA PRO D 373 -34.52 17.13 -2.97
C PRO D 373 -33.68 16.82 -1.74
N GLU D 374 -34.30 16.22 -0.72
CA GLU D 374 -33.55 15.74 0.45
C GLU D 374 -32.82 14.46 0.04
N MET D 375 -31.51 14.44 0.23
CA MET D 375 -30.68 13.30 -0.12
C MET D 375 -30.26 12.57 1.14
N GLN D 376 -29.95 11.28 1.00
CA GLN D 376 -29.42 10.48 2.09
C GLN D 376 -27.97 10.10 1.80
N VAL D 377 -27.25 9.74 2.85
CA VAL D 377 -25.89 9.25 2.71
C VAL D 377 -25.91 7.90 2.00
N GLY D 378 -25.11 7.77 0.94
CA GLY D 378 -25.06 6.55 0.14
C GLY D 378 -25.73 6.71 -1.21
N GLU D 379 -26.53 7.77 -1.37
CA GLU D 379 -27.14 8.10 -2.66
C GLU D 379 -26.18 8.92 -3.53
N TRP D 380 -26.38 8.82 -4.85
CA TRP D 380 -25.43 9.36 -5.80
C TRP D 380 -25.93 10.64 -6.44
N LEU D 381 -24.99 11.55 -6.67
CA LEU D 381 -25.24 12.79 -7.42
C LEU D 381 -24.44 12.76 -8.71
N LEU D 382 -25.10 13.05 -9.81
CA LEU D 382 -24.49 13.01 -11.14
C LEU D 382 -24.14 14.40 -11.62
N PHE D 383 -23.06 14.49 -12.38
CA PHE D 383 -22.65 15.76 -12.98
C PHE D 383 -22.32 15.47 -14.43
N GLU D 384 -23.09 16.07 -15.33
CA GLU D 384 -22.88 15.90 -16.75
C GLU D 384 -21.84 16.90 -17.24
N ASP D 385 -21.33 16.63 -18.44
CA ASP D 385 -20.40 17.50 -19.15
C ASP D 385 -19.10 17.70 -18.38
N MET D 386 -18.51 16.58 -17.96
CA MET D 386 -17.34 16.57 -17.08
C MET D 386 -16.13 15.91 -17.74
N GLY D 387 -16.00 16.09 -19.06
CA GLY D 387 -14.91 15.47 -19.81
C GLY D 387 -13.74 16.38 -20.16
N ALA D 388 -13.96 17.68 -20.12
CA ALA D 388 -12.94 18.68 -20.48
C ALA D 388 -12.27 19.27 -19.24
N TYR D 389 -10.95 19.22 -19.21
CA TYR D 389 -10.16 19.79 -18.12
C TYR D 389 -10.63 19.34 -16.73
N THR D 390 -10.86 18.03 -16.60
CA THR D 390 -11.29 17.44 -15.34
C THR D 390 -10.28 16.40 -14.88
N VAL D 391 -10.17 15.30 -15.62
CA VAL D 391 -9.24 14.23 -15.27
C VAL D 391 -7.79 14.74 -15.27
N VAL D 392 -7.47 15.57 -16.25
CA VAL D 392 -6.12 16.08 -16.45
C VAL D 392 -5.58 17.02 -15.36
N GLY D 393 -6.47 17.69 -14.63
CA GLY D 393 -6.06 18.60 -13.56
C GLY D 393 -6.16 18.05 -12.16
N THR D 394 -6.33 16.73 -12.01
CA THR D 394 -6.52 16.12 -10.70
C THR D 394 -5.21 15.97 -9.95
N SER D 395 -5.30 16.13 -8.63
CA SER D 395 -4.20 15.85 -7.71
C SER D 395 -4.67 14.81 -6.71
N SER D 396 -3.73 14.21 -5.99
CA SER D 396 -4.06 13.22 -4.96
C SER D 396 -4.02 13.84 -3.56
N PHE D 397 -4.45 15.10 -3.45
CA PHE D 397 -4.50 15.84 -2.19
C PHE D 397 -5.39 15.12 -1.17
N ASN D 398 -4.98 15.19 0.10
CA ASN D 398 -5.63 14.49 1.22
C ASN D 398 -5.62 12.96 1.10
N GLY D 399 -4.90 12.43 0.11
CA GLY D 399 -4.86 11.00 -0.13
C GLY D 399 -6.04 10.44 -0.93
N PHE D 400 -6.98 11.29 -1.34
CA PHE D 400 -8.13 10.83 -2.11
C PHE D 400 -7.73 10.50 -3.56
N GLN D 401 -8.16 9.32 -4.03
CA GLN D 401 -7.82 8.83 -5.38
C GLN D 401 -8.79 9.34 -6.43
N SER D 402 -8.29 9.50 -7.65
CA SER D 402 -9.11 9.98 -8.76
C SER D 402 -10.03 8.87 -9.29
N PRO D 403 -11.26 9.23 -9.68
CA PRO D 403 -12.28 8.24 -10.04
C PRO D 403 -11.86 7.25 -11.12
N THR D 404 -12.28 6.01 -10.99
CA THR D 404 -12.10 5.02 -12.05
C THR D 404 -13.06 5.36 -13.19
N ILE D 405 -12.62 5.11 -14.43
CA ILE D 405 -13.43 5.42 -15.61
C ILE D 405 -13.96 4.14 -16.25
N TYR D 406 -15.27 4.11 -16.52
CA TYR D 406 -15.91 3.02 -17.26
C TYR D 406 -16.33 3.54 -18.62
N TYR D 407 -16.15 2.72 -19.66
CA TYR D 407 -16.38 3.14 -21.04
C TYR D 407 -17.60 2.48 -21.67
N VAL D 408 -18.38 3.27 -22.41
CA VAL D 408 -19.54 2.79 -23.15
C VAL D 408 -19.18 2.68 -24.62
N VAL D 409 -19.23 1.46 -25.14
CA VAL D 409 -18.97 1.18 -26.56
C VAL D 409 -20.29 1.14 -27.35
N SER D 410 -20.65 2.29 -27.94
CA SER D 410 -21.84 2.39 -28.79
C SER D 410 -21.66 1.50 -30.02
N GLY D 411 -20.60 1.77 -30.78
CA GLY D 411 -20.28 0.97 -31.96
C GLY D 411 -19.15 1.54 -32.80
N LEU D 412 -19.25 1.32 -34.11
CA LEU D 412 -18.32 1.83 -35.12
C LEU D 412 -17.03 1.00 -35.16
N PRO D 413 -17.08 -0.18 -35.80
CA PRO D 413 -15.97 -1.16 -35.79
C PRO D 413 -14.55 -0.65 -36.15
N ASP D 414 -14.41 0.33 -37.03
CA ASP D 414 -13.07 0.85 -37.37
C ASP D 414 -12.37 1.50 -36.16
N HIS D 415 -13.16 2.00 -35.23
CA HIS D 415 -12.64 2.57 -34.00
C HIS D 415 -12.59 1.53 -32.86
N VAL D 416 -13.43 0.50 -32.93
CA VAL D 416 -13.42 -0.61 -31.96
C VAL D 416 -12.13 -1.44 -32.07
N VAL D 417 -11.59 -1.55 -33.28
CA VAL D 417 -10.36 -2.29 -33.52
C VAL D 417 -9.17 -1.60 -32.86
N ARG D 418 -9.13 -0.28 -32.94
CA ARG D 418 -8.06 0.49 -32.28
C ARG D 418 -8.06 0.22 -30.77
N GLU D 419 -9.24 0.12 -30.18
CA GLU D 419 -9.40 -0.12 -28.74
C GLU D 419 -8.51 -1.23 -28.16
N LEU D 420 -8.26 -2.27 -28.95
CA LEU D 420 -7.29 -3.32 -28.60
C LEU D 420 -6.22 -3.47 -29.68
#